data_4ZCF
#
_entry.id   4ZCF
#
_cell.length_a   101.838
_cell.length_b   101.838
_cell.length_c   533.031
_cell.angle_alpha   90.00
_cell.angle_beta   90.00
_cell.angle_gamma   90.00
#
_symmetry.space_group_name_H-M   'P 41 21 2'
#
loop_
_entity.id
_entity.type
_entity.pdbx_description
1 polymer 'Restriction endonuclease EcoP15I, modification subunit'
2 polymer 'Restriction endonuclease EcoP15I, restriction subunit'
3 polymer 'DNA 20-mer ATACAGCAGTAGACTATGAT'
4 polymer 'DNA 20-mer AATCATAGTCTACTGCTGTA'
5 non-polymer 'MANGANESE (II) ION'
6 non-polymer 'ADENOSINE MONOPHOSPHATE'
7 non-polymer 'CALCIUM ION'
8 water water
#
loop_
_entity_poly.entity_id
_entity_poly.type
_entity_poly.pdbx_seq_one_letter_code
_entity_poly.pdbx_strand_id
1 'polypeptide(L)'
;MKKETIFSEVETANSKQLAVLKANFPQCFDKNGAFIQEKLLEIIRASEVELSKESYSLNWLGKSYARLLANLPPKTLLAE
DKTHNQQEENKNSQHLLIKGDNLEVLKHMVNAYAEKVKMIYIDPPYNTGKDGFVYNDDRKFTPEQLSELAGIDLDEAKRI
LEFTTKGSSSHSAWLTFIYPRLYIARELMREDGTIFISIDHNEFSQLKLVCDEIFGEQNHVGDLVWKNATDNNPSNIAVE
HEYIIVYTKNKEQLISEWKSNISDVKNLLVNIGEEFASKYTGNELQEKYTQWFREHRSELWPLDRYKYIDKDGIYTGSQS
VHNPGKEGYRYDIIHPKTKKPCKQPLMGYRFPLDTMDRLLSEEKIIFGDDENKIIELKVYAKDYKQKLSSVIHLDGRVAT
NELKELFPEMTQPFTNAKTIKLVEDLISFACDGEGIVLDFFAGSGTTAHTVFNLNNKNKTSYQFITVQLDEPTKDKSDAM
KHGYNTIFDLTKERLIRASKKNRDQGFKVYQLMPDFRAKDESELTLSNHTFFDDVVLTPEQYDTLLTTWCLYDGSLLTTP
IEDVDLGGYKAHLCDGRLYLIAPNFTSEALKALLQKVDSDKDFAPNKVVFYGSNFESAKQMELNEALKSYANKKSIELDL
VVRN
;
A,B
2 'polypeptide(L)'
;MSKGFTLEKNLPHQKAGVDAVMNVFVSATPHLTDNVAVRLLANPELKLSEQQYYNNIKNVQAFNGIAHSKDNHNAKSNII
DVSMETGTGKTYTYIKTIFDLNKSFGINKFIIIVPTLSIKAGTVNFLKSDALKEHFRDDYKRELRTYVVESQKNAGKNTK
SYMPQAIHDFVEASNFNKKYIHVLVINSGMINSKSLTDTYDTGLLDNQFNTPVDALRAVKPFIIIDEPHRFPTGKKTWEN
IEKFNAQYIIRYGATFSEGYKNLVYRLTAVDAFNDDLVKGIDAYIEDIVGDGNANLKFVKSDGKEATFELNENNNKKSFK
LAKGESLSKTHSAIHDLTLDALNKSTAVLSNGIELKIGSSINPYSYDQTLADNMMRKAVKEHFKLEKELLTQRPRIKPLT
LFFIDDIEGYRDGNDISGSLKTKFEEYVLAEANELLKTEQDAFYKNYLEKTVTNISSVHGGYFSKDNSDKDDKIEQEINE
ILHDKELLLSLDNPRRFIFSKWTLREGWDNPNVFQICKLRSSGSTTSKLQEVGRGLRLPVNEYMCRVKDRNFTLKYYVDF
TEKDFVDSLVKEVNESSFKERVPSKFTQELKEQIMAQYPELSSRALMNELFNDEIIDDNDNFKDSDAYSRLKSKYPAAFP
IGVKPGKIKKATDGKRRTKMRVGKFSELKELWDLINQKAVIEYKINSESEFLSIFKSFMLEETERFTKSGVHTRIDKIYI
HNDMAMSKSIVSDDDDFAKLNTMSYREFLDNLSQTIFVKHGTLHKVFCDIKDTINITEYLNIQTIRKIKSGFSKYLLNNS
FNKFSLGYNLISGSIHPTKFTNADGNPLGEVLSSDLGVLQDNAKAPLDTYLFEEVFYDSELERRNITDREIQSVVVFSKI
PKNSIKIPVAGGYTYSPDFAYVVKTAEGDYLNFIIETKNVDSKDSLRLEEKRKIEHAQALFNQISQSVKVEFRTQFANDD
IYQLIKSALP
;
C
3 'polydeoxyribonucleotide' (DA)(DT)(DA)(DC)(DA)(DG)(DC)(DA)(DG)(DT)(DA)(DG)(DA)(DC)(DT)(DA)(DT)(DG)(DA)(DT) D
4 'polydeoxyribonucleotide' (DA)(DA)(DT)(DC)(DA)(DT)(DA)(DG)(DT)(DC)(DT)(DA)(DC)(DT)(DG)(DC)(DT)(DG)(DT)(DA) E
#
# COMPACT_ATOMS: atom_id res chain seq x y z
N ALA A 13 45.82 16.01 -20.21
CA ALA A 13 44.87 17.07 -20.56
C ALA A 13 43.44 16.54 -20.78
N ASN A 14 43.31 15.31 -21.31
CA ASN A 14 42.03 14.64 -21.58
C ASN A 14 41.32 14.28 -20.27
N SER A 15 42.10 13.81 -19.26
CA SER A 15 41.61 13.43 -17.93
C SER A 15 41.19 14.67 -17.14
N LYS A 16 41.88 15.82 -17.37
CA LYS A 16 41.58 17.10 -16.73
C LYS A 16 40.21 17.59 -17.20
N GLN A 17 39.89 17.40 -18.50
CA GLN A 17 38.61 17.76 -19.09
C GLN A 17 37.50 16.90 -18.47
N LEU A 18 37.69 15.55 -18.41
CA LEU A 18 36.76 14.59 -17.79
C LEU A 18 36.46 14.94 -16.32
N ALA A 19 37.50 15.36 -15.55
CA ALA A 19 37.39 15.78 -14.15
C ALA A 19 36.51 17.04 -13.98
N VAL A 20 36.50 17.94 -14.98
CA VAL A 20 35.68 19.16 -15.00
C VAL A 20 34.19 18.72 -15.18
N LEU A 21 33.93 17.73 -16.06
CA LEU A 21 32.59 17.20 -16.30
C LEU A 21 32.02 16.53 -15.03
N LYS A 22 32.87 15.79 -14.29
CA LYS A 22 32.52 15.10 -13.04
C LYS A 22 32.37 16.10 -11.90
N ALA A 23 33.23 17.14 -11.89
CA ALA A 23 33.21 18.17 -10.85
C ALA A 23 31.99 19.07 -10.94
N ASN A 24 31.53 19.36 -12.17
CA ASN A 24 30.39 20.26 -12.38
C ASN A 24 29.09 19.59 -12.74
N PHE A 25 29.16 18.35 -13.28
CA PHE A 25 27.97 17.59 -13.69
C PHE A 25 28.08 16.16 -13.14
N PRO A 26 28.01 15.99 -11.79
CA PRO A 26 28.18 14.64 -11.21
C PRO A 26 27.07 13.63 -11.50
N GLN A 27 25.83 14.09 -11.63
CA GLN A 27 24.62 13.31 -11.93
C GLN A 27 24.60 12.73 -13.35
N CYS A 28 25.58 13.12 -14.17
CA CYS A 28 25.71 12.70 -15.57
C CYS A 28 26.51 11.43 -15.72
N PHE A 29 26.98 10.88 -14.58
CA PHE A 29 27.77 9.65 -14.47
C PHE A 29 27.01 8.68 -13.54
N ASP A 30 26.86 7.42 -13.95
CA ASP A 30 26.09 6.46 -13.14
C ASP A 30 26.87 5.96 -11.90
N LYS A 31 26.31 5.00 -11.14
CA LYS A 31 26.99 4.48 -9.94
C LYS A 31 28.35 3.83 -10.21
N ASN A 32 28.57 3.41 -11.47
CA ASN A 32 29.79 2.75 -11.96
C ASN A 32 30.71 3.71 -12.74
N GLY A 33 30.47 5.02 -12.62
CA GLY A 33 31.27 6.06 -13.24
C GLY A 33 31.17 6.12 -14.76
N ALA A 34 30.09 5.51 -15.34
CA ALA A 34 29.77 5.48 -16.76
C ALA A 34 28.91 6.70 -17.12
N PHE A 35 29.14 7.28 -18.31
CA PHE A 35 28.49 8.50 -18.78
C PHE A 35 27.02 8.40 -19.21
N ILE A 36 26.14 9.18 -18.54
CA ILE A 36 24.71 9.23 -18.87
C ILE A 36 24.56 10.39 -19.86
N GLN A 37 24.71 10.06 -21.14
CA GLN A 37 24.65 11.02 -22.24
C GLN A 37 23.40 11.91 -22.22
N GLU A 38 22.20 11.32 -21.95
CA GLU A 38 20.95 12.07 -21.93
C GLU A 38 20.81 13.11 -20.83
N LYS A 39 21.46 12.89 -19.66
CA LYS A 39 21.39 13.86 -18.57
C LYS A 39 22.07 15.20 -18.88
N LEU A 40 23.21 15.17 -19.60
CA LEU A 40 23.92 16.39 -20.01
C LEU A 40 23.17 17.04 -21.17
N LEU A 41 22.65 16.25 -22.13
CA LEU A 41 21.87 16.76 -23.26
C LEU A 41 20.62 17.51 -22.82
N GLU A 42 19.89 17.00 -21.81
CA GLU A 42 18.71 17.69 -21.29
C GLU A 42 19.06 19.03 -20.61
N ILE A 43 20.30 19.16 -20.08
CA ILE A 43 20.82 20.41 -19.46
C ILE A 43 21.10 21.44 -20.57
N ILE A 44 21.77 21.00 -21.65
CA ILE A 44 22.08 21.86 -22.81
C ILE A 44 20.79 22.48 -23.47
N ARG A 45 19.63 21.81 -23.35
CA ARG A 45 18.33 22.26 -23.90
C ARG A 45 17.52 23.14 -22.94
N ALA A 46 17.35 24.43 -23.31
CA ALA A 46 16.61 25.45 -22.57
C ALA A 46 15.41 25.97 -23.41
N SER A 47 14.64 25.03 -24.00
CA SER A 47 13.49 25.35 -24.85
C SER A 47 12.14 24.83 -24.33
N GLU A 48 11.05 25.55 -24.67
CA GLU A 48 9.67 25.23 -24.28
C GLU A 48 8.88 24.63 -25.45
N LYS A 53 5.35 18.40 -19.62
CA LYS A 53 4.81 19.00 -18.39
C LYS A 53 5.38 18.34 -17.13
N GLU A 54 5.99 19.14 -16.25
CA GLU A 54 6.61 18.75 -14.98
C GLU A 54 5.56 18.22 -13.98
N SER A 55 5.79 17.01 -13.44
CA SER A 55 4.91 16.37 -12.47
C SER A 55 5.69 15.44 -11.54
N TYR A 56 5.08 15.06 -10.39
CA TYR A 56 5.74 14.19 -9.42
C TYR A 56 5.70 12.77 -9.94
N SER A 57 6.87 12.20 -10.35
CA SER A 57 6.88 10.84 -10.90
C SER A 57 8.24 10.15 -10.99
N LEU A 58 8.24 8.83 -10.75
CA LEU A 58 9.40 7.97 -10.99
C LEU A 58 9.19 7.46 -12.45
N ASN A 59 10.04 7.94 -13.35
CA ASN A 59 9.98 7.62 -14.77
C ASN A 59 11.27 6.94 -15.12
N TRP A 60 11.16 5.95 -16.00
CA TRP A 60 12.28 5.20 -16.53
C TRP A 60 11.89 4.69 -17.93
N LEU A 61 12.89 4.54 -18.83
CA LEU A 61 12.72 3.99 -20.19
C LEU A 61 12.44 2.49 -20.00
N GLY A 62 11.26 2.06 -20.43
CA GLY A 62 10.81 0.68 -20.21
C GLY A 62 9.57 0.58 -19.35
N LYS A 63 9.08 1.73 -18.81
CA LYS A 63 7.86 1.82 -18.03
C LYS A 63 6.67 1.40 -18.89
N SER A 64 6.63 1.88 -20.16
CA SER A 64 5.58 1.54 -21.14
C SER A 64 5.64 0.07 -21.52
N TYR A 65 6.87 -0.50 -21.58
CA TYR A 65 7.18 -1.90 -21.84
C TYR A 65 6.73 -2.78 -20.66
N ALA A 66 6.99 -2.34 -19.41
CA ALA A 66 6.58 -3.05 -18.18
C ALA A 66 5.05 -3.08 -18.07
N ARG A 67 4.37 -1.98 -18.45
CA ARG A 67 2.90 -1.88 -18.47
C ARG A 67 2.26 -2.89 -19.48
N LEU A 68 2.91 -3.06 -20.65
CA LEU A 68 2.53 -3.99 -21.72
C LEU A 68 2.65 -5.44 -21.22
N LEU A 69 3.86 -5.80 -20.71
CA LEU A 69 4.22 -7.09 -20.13
C LEU A 69 3.20 -7.61 -19.14
N ALA A 70 2.52 -6.72 -18.38
CA ALA A 70 1.53 -7.09 -17.38
C ALA A 70 0.14 -7.34 -17.96
N ASN A 71 -0.13 -6.75 -19.13
CA ASN A 71 -1.43 -6.87 -19.80
C ASN A 71 -1.42 -7.92 -20.90
N LEU A 72 -0.21 -8.34 -21.36
CA LEU A 72 0.04 -9.41 -22.34
C LEU A 72 -0.57 -10.70 -21.76
N PRO A 73 -1.31 -11.52 -22.54
CA PRO A 73 -1.97 -12.69 -21.93
C PRO A 73 -1.08 -13.94 -21.80
N PRO A 74 -1.45 -14.94 -20.95
CA PRO A 74 -0.63 -16.17 -20.89
C PRO A 74 -0.55 -16.87 -22.24
N LYS A 75 0.69 -17.31 -22.58
CA LYS A 75 1.15 -18.00 -23.79
C LYS A 75 1.33 -19.52 -23.48
N THR A 76 1.00 -19.95 -22.24
CA THR A 76 1.23 -21.30 -21.77
C THR A 76 0.00 -21.96 -21.16
N LEU A 77 0.17 -23.22 -20.75
CA LEU A 77 -0.81 -24.01 -20.03
C LEU A 77 -0.11 -24.50 -18.74
N LEU A 78 -0.88 -25.09 -17.83
CA LEU A 78 -0.40 -25.65 -16.58
C LEU A 78 -0.74 -27.13 -16.48
N ALA A 79 0.17 -27.91 -15.90
CA ALA A 79 -0.01 -29.32 -15.67
C ALA A 79 0.70 -29.69 -14.39
N GLU A 80 0.27 -30.83 -13.80
CA GLU A 80 0.78 -31.42 -12.57
C GLU A 80 2.00 -32.25 -12.82
N ASP A 81 2.77 -32.51 -11.75
CA ASP A 81 3.83 -33.51 -11.76
C ASP A 81 3.06 -34.68 -11.17
N LYS A 82 2.45 -35.51 -12.05
CA LYS A 82 1.61 -36.66 -11.66
C LYS A 82 2.30 -37.64 -10.71
N THR A 83 3.59 -37.96 -10.95
CA THR A 83 4.38 -38.87 -10.09
C THR A 83 4.42 -38.30 -8.66
N HIS A 84 4.97 -37.07 -8.50
CA HIS A 84 5.06 -36.35 -7.24
C HIS A 84 3.69 -36.21 -6.51
N ASN A 85 2.65 -35.71 -7.18
CA ASN A 85 1.35 -35.48 -6.55
C ASN A 85 0.59 -36.70 -6.06
N GLN A 86 0.83 -37.86 -6.68
CA GLN A 86 0.19 -39.14 -6.34
C GLN A 86 0.82 -39.83 -5.13
N GLN A 87 2.02 -39.37 -4.69
CA GLN A 87 2.68 -39.93 -3.52
C GLN A 87 1.86 -39.60 -2.28
N GLU A 88 1.72 -40.58 -1.37
CA GLU A 88 0.91 -40.48 -0.16
C GLU A 88 1.07 -39.14 0.58
N GLU A 89 2.33 -38.68 0.80
CA GLU A 89 2.67 -37.41 1.46
C GLU A 89 2.06 -36.16 0.76
N ASN A 90 2.20 -36.10 -0.55
CA ASN A 90 1.73 -35.01 -1.41
C ASN A 90 0.26 -35.05 -1.79
N LYS A 91 -0.39 -36.22 -1.70
CA LYS A 91 -1.77 -36.49 -2.06
C LYS A 91 -2.80 -35.37 -1.88
N ASN A 92 -3.30 -35.17 -0.65
CA ASN A 92 -4.32 -34.17 -0.36
C ASN A 92 -3.67 -32.90 0.21
N SER A 93 -2.47 -32.56 -0.29
CA SER A 93 -1.73 -31.43 0.21
C SER A 93 -2.26 -30.07 -0.20
N GLN A 94 -2.26 -29.16 0.79
CA GLN A 94 -2.71 -27.79 0.63
C GLN A 94 -1.61 -26.87 0.14
N HIS A 95 -0.37 -27.39 0.02
CA HIS A 95 0.82 -26.66 -0.39
C HIS A 95 1.19 -26.82 -1.86
N LEU A 96 1.60 -25.71 -2.52
CA LEU A 96 1.95 -25.75 -3.94
C LEU A 96 3.34 -25.24 -4.24
N LEU A 97 4.02 -25.89 -5.17
CA LEU A 97 5.30 -25.46 -5.75
C LEU A 97 5.07 -25.48 -7.29
N ILE A 98 5.29 -24.32 -7.93
CA ILE A 98 5.08 -24.13 -9.37
C ILE A 98 6.36 -23.80 -10.11
N LYS A 99 6.59 -24.52 -11.23
CA LYS A 99 7.76 -24.35 -12.08
C LYS A 99 7.39 -23.50 -13.28
N GLY A 100 8.21 -22.51 -13.55
CA GLY A 100 8.05 -21.60 -14.67
C GLY A 100 8.30 -20.16 -14.29
N ASP A 101 8.21 -19.26 -15.28
CA ASP A 101 8.36 -17.82 -15.13
C ASP A 101 7.28 -17.38 -14.18
N ASN A 102 7.67 -16.68 -13.09
CA ASN A 102 6.77 -16.21 -12.04
C ASN A 102 5.67 -15.28 -12.57
N LEU A 103 5.99 -14.39 -13.55
CA LEU A 103 5.01 -13.47 -14.16
C LEU A 103 3.91 -14.24 -14.87
N GLU A 104 4.32 -15.26 -15.66
CA GLU A 104 3.42 -16.16 -16.39
C GLU A 104 2.58 -16.99 -15.40
N VAL A 105 3.24 -17.52 -14.36
CA VAL A 105 2.57 -18.30 -13.29
C VAL A 105 1.54 -17.47 -12.52
N LEU A 106 1.84 -16.20 -12.18
CA LEU A 106 0.92 -15.29 -11.47
C LEU A 106 -0.29 -14.95 -12.33
N LYS A 107 -0.09 -14.74 -13.66
CA LYS A 107 -1.19 -14.50 -14.62
C LYS A 107 -2.19 -15.65 -14.66
N HIS A 108 -1.74 -16.92 -14.51
CA HIS A 108 -2.65 -18.10 -14.47
C HIS A 108 -3.46 -18.16 -13.15
N MET A 109 -2.93 -17.51 -12.07
CA MET A 109 -3.57 -17.57 -10.74
C MET A 109 -4.73 -16.60 -10.55
N VAL A 110 -4.75 -15.52 -11.34
CA VAL A 110 -5.72 -14.43 -11.30
C VAL A 110 -7.19 -14.85 -11.22
N ASN A 111 -7.63 -15.78 -12.10
CA ASN A 111 -9.03 -16.24 -12.07
C ASN A 111 -9.39 -16.99 -10.83
N ALA A 112 -8.42 -17.68 -10.20
CA ALA A 112 -8.70 -18.48 -9.00
C ALA A 112 -8.25 -17.87 -7.67
N TYR A 113 -7.12 -17.13 -7.68
CA TYR A 113 -6.42 -16.56 -6.53
C TYR A 113 -6.56 -15.08 -6.28
N ALA A 114 -7.14 -14.32 -7.17
CA ALA A 114 -7.56 -12.99 -6.81
C ALA A 114 -8.78 -13.11 -5.96
N GLU A 115 -8.99 -12.25 -4.98
CA GLU A 115 -8.00 -11.78 -4.05
C GLU A 115 -8.06 -12.71 -2.87
N LYS A 116 -7.14 -13.64 -2.77
CA LYS A 116 -7.23 -14.71 -1.78
C LYS A 116 -6.02 -14.92 -0.92
N VAL A 117 -4.86 -14.31 -1.30
CA VAL A 117 -3.56 -14.37 -0.61
C VAL A 117 -3.54 -13.40 0.58
N LYS A 118 -3.20 -13.89 1.79
CA LYS A 118 -3.13 -13.04 3.01
C LYS A 118 -1.77 -12.35 3.11
N MET A 119 -0.70 -13.02 2.62
CA MET A 119 0.64 -12.47 2.71
C MET A 119 1.49 -12.89 1.55
N ILE A 120 2.32 -11.96 1.09
CA ILE A 120 3.33 -12.19 0.08
C ILE A 120 4.66 -11.82 0.68
N TYR A 121 5.62 -12.74 0.65
CA TYR A 121 7.00 -12.47 1.02
C TYR A 121 7.83 -12.77 -0.20
N ILE A 122 8.68 -11.84 -0.61
CA ILE A 122 9.57 -12.06 -1.76
C ILE A 122 10.99 -11.59 -1.50
N ASP A 123 11.98 -12.34 -1.98
CA ASP A 123 13.39 -11.95 -1.91
C ASP A 123 13.84 -11.80 -3.37
N PRO A 124 13.61 -10.62 -3.98
CA PRO A 124 13.97 -10.46 -5.39
C PRO A 124 15.48 -10.27 -5.54
N PRO A 125 16.04 -10.33 -6.77
CA PRO A 125 17.46 -10.01 -6.89
C PRO A 125 17.65 -8.52 -6.52
N TYR A 126 18.69 -8.26 -5.73
CA TYR A 126 19.06 -6.93 -5.28
C TYR A 126 19.85 -6.38 -6.48
N ASN A 127 20.25 -5.14 -6.52
CA ASN A 127 21.04 -4.87 -7.74
C ASN A 127 22.44 -4.50 -7.33
N THR A 128 23.02 -5.42 -6.55
CA THR A 128 24.33 -5.46 -5.90
C THR A 128 25.48 -5.05 -6.80
N GLY A 129 25.42 -5.47 -8.06
CA GLY A 129 26.47 -5.27 -9.05
C GLY A 129 27.52 -6.38 -8.99
N LYS A 130 27.25 -7.44 -8.20
CA LYS A 130 28.10 -8.61 -7.98
C LYS A 130 27.27 -9.93 -7.99
N ASP A 131 25.94 -9.80 -8.11
CA ASP A 131 24.97 -10.90 -8.12
C ASP A 131 24.63 -11.48 -9.52
N GLY A 132 25.12 -10.82 -10.56
CA GLY A 132 24.88 -11.22 -11.94
C GLY A 132 23.52 -10.87 -12.51
N PHE A 133 22.79 -9.90 -11.87
CA PHE A 133 21.50 -9.43 -12.38
C PHE A 133 21.73 -8.73 -13.72
N VAL A 134 20.94 -9.16 -14.70
CA VAL A 134 20.90 -8.63 -16.06
C VAL A 134 19.45 -8.76 -16.49
N TYR A 135 18.91 -7.73 -17.16
CA TYR A 135 17.55 -7.85 -17.69
C TYR A 135 17.65 -8.67 -18.99
N ASN A 136 16.74 -9.66 -19.13
CA ASN A 136 16.56 -10.54 -20.29
C ASN A 136 15.21 -11.22 -20.19
N ASP A 137 14.50 -11.32 -21.32
CA ASP A 137 13.22 -12.01 -21.40
C ASP A 137 13.11 -12.79 -22.72
N ASP A 138 11.99 -13.52 -22.90
CA ASP A 138 11.70 -14.34 -24.07
C ASP A 138 11.42 -13.47 -25.33
N ARG A 139 10.24 -12.77 -25.33
CA ARG A 139 9.64 -11.86 -26.33
C ARG A 139 10.52 -11.47 -27.52
N PHE A 141 10.53 -8.78 -29.51
CA PHE A 141 9.78 -7.98 -30.48
C PHE A 141 10.72 -7.20 -31.42
N THR A 142 10.15 -6.62 -32.49
CA THR A 142 10.81 -5.75 -33.47
C THR A 142 10.43 -4.31 -33.08
N PRO A 143 11.26 -3.26 -33.35
CA PRO A 143 10.86 -1.90 -32.95
C PRO A 143 9.50 -1.47 -33.51
N GLU A 144 9.13 -2.06 -34.65
CA GLU A 144 7.85 -1.80 -35.34
C GLU A 144 6.73 -2.37 -34.48
N GLN A 145 6.87 -3.66 -34.10
CA GLN A 145 5.96 -4.45 -33.26
C GLN A 145 5.69 -3.79 -31.89
N LEU A 146 6.75 -3.41 -31.16
CA LEU A 146 6.65 -2.79 -29.83
C LEU A 146 5.93 -1.42 -29.84
N SER A 147 6.30 -0.55 -30.80
CA SER A 147 5.75 0.79 -31.05
C SER A 147 4.21 0.76 -31.20
N GLU A 148 3.70 -0.27 -31.90
CA GLU A 148 2.27 -0.49 -32.13
C GLU A 148 1.53 -0.91 -30.84
N LEU A 149 1.96 -2.03 -30.20
CA LEU A 149 1.36 -2.58 -28.97
C LEU A 149 1.45 -1.62 -27.75
N ALA A 150 2.65 -1.05 -27.47
CA ALA A 150 2.86 -0.12 -26.35
C ALA A 150 2.17 1.23 -26.55
N GLY A 151 1.99 1.64 -27.81
CA GLY A 151 1.39 2.92 -28.15
C GLY A 151 2.34 4.08 -27.91
N ILE A 152 3.58 3.93 -28.40
CA ILE A 152 4.65 4.92 -28.27
C ILE A 152 5.50 5.06 -29.56
N ASP A 153 6.14 6.24 -29.77
CA ASP A 153 6.98 6.54 -30.95
C ASP A 153 8.03 5.46 -31.20
N LEU A 154 8.35 5.24 -32.49
CA LEU A 154 9.32 4.25 -32.99
C LEU A 154 10.71 4.36 -32.34
N ASP A 155 11.17 5.61 -32.04
CA ASP A 155 12.46 5.90 -31.39
C ASP A 155 12.51 5.33 -29.97
N GLU A 156 11.37 5.35 -29.24
CA GLU A 156 11.28 4.82 -27.89
C GLU A 156 11.30 3.29 -27.92
N ALA A 157 10.56 2.68 -28.87
CA ALA A 157 10.51 1.23 -29.09
C ALA A 157 11.89 0.66 -29.52
N LYS A 158 12.72 1.50 -30.19
CA LYS A 158 14.09 1.20 -30.60
C LYS A 158 15.00 1.27 -29.37
N ARG A 159 14.80 2.31 -28.53
CA ARG A 159 15.57 2.59 -27.32
C ARG A 159 15.33 1.57 -26.22
N ILE A 160 14.09 1.06 -26.11
CA ILE A 160 13.74 0.04 -25.12
C ILE A 160 14.44 -1.24 -25.55
N LEU A 161 14.08 -1.80 -26.74
CA LEU A 161 14.66 -3.04 -27.28
C LEU A 161 16.17 -3.09 -27.28
N GLU A 162 16.84 -1.91 -27.39
CA GLU A 162 18.29 -1.81 -27.29
C GLU A 162 18.79 -2.33 -25.92
N PHE A 163 17.95 -2.23 -24.85
CA PHE A 163 18.28 -2.70 -23.50
C PHE A 163 17.64 -4.05 -23.11
N THR A 164 16.39 -4.29 -23.54
CA THR A 164 15.70 -5.54 -23.19
C THR A 164 16.31 -6.78 -23.86
N THR A 165 16.88 -6.61 -25.08
CA THR A 165 17.52 -7.69 -25.84
C THR A 165 19.00 -7.88 -25.48
N LYS A 166 19.70 -6.76 -25.13
CA LYS A 166 21.11 -6.74 -24.72
C LYS A 166 21.25 -6.74 -23.18
N GLY A 167 22.47 -6.96 -22.70
CA GLY A 167 22.76 -7.02 -21.27
C GLY A 167 22.67 -5.70 -20.52
N SER A 168 21.61 -5.52 -19.68
CA SER A 168 21.40 -4.32 -18.86
C SER A 168 21.17 -4.62 -17.37
N SER A 169 21.87 -3.88 -16.49
CA SER A 169 21.74 -4.02 -15.03
C SER A 169 21.51 -2.66 -14.29
N SER A 170 20.88 -1.70 -15.00
CA SER A 170 20.57 -0.36 -14.50
C SER A 170 19.27 -0.36 -13.67
N HIS A 171 18.95 0.77 -13.03
CA HIS A 171 17.74 0.95 -12.23
C HIS A 171 16.51 0.77 -13.09
N SER A 172 16.52 1.33 -14.31
CA SER A 172 15.42 1.21 -15.26
C SER A 172 15.20 -0.24 -15.72
N ALA A 173 16.30 -1.01 -15.98
CA ALA A 173 16.20 -2.43 -16.36
C ALA A 173 15.59 -3.21 -15.18
N TRP A 174 16.09 -2.93 -13.95
CA TRP A 174 15.57 -3.53 -12.71
C TRP A 174 14.08 -3.20 -12.49
N LEU A 175 13.66 -1.94 -12.71
CA LEU A 175 12.25 -1.52 -12.57
C LEU A 175 11.35 -2.14 -13.64
N THR A 176 11.90 -2.39 -14.85
CA THR A 176 11.18 -3.04 -15.96
C THR A 176 10.92 -4.50 -15.56
N PHE A 177 11.87 -5.12 -14.85
CA PHE A 177 11.76 -6.49 -14.37
C PHE A 177 10.72 -6.67 -13.26
N ILE A 178 10.76 -5.88 -12.14
CA ILE A 178 9.78 -6.05 -11.04
C ILE A 178 8.37 -5.55 -11.28
N TYR A 179 8.21 -4.36 -11.91
CA TYR A 179 6.88 -3.75 -12.14
C TYR A 179 5.75 -4.74 -12.50
N PRO A 180 5.82 -5.55 -13.60
CA PRO A 180 4.67 -6.38 -13.95
C PRO A 180 4.39 -7.48 -12.93
N ARG A 181 5.43 -7.94 -12.25
CA ARG A 181 5.35 -8.96 -11.19
C ARG A 181 4.58 -8.44 -9.96
N LEU A 182 4.94 -7.23 -9.48
CA LEU A 182 4.29 -6.53 -8.36
C LEU A 182 2.90 -6.11 -8.75
N TYR A 183 2.70 -5.73 -10.04
CA TYR A 183 1.40 -5.33 -10.57
C TYR A 183 0.41 -6.49 -10.50
N ILE A 184 0.78 -7.67 -11.03
CA ILE A 184 -0.08 -8.89 -11.00
C ILE A 184 -0.28 -9.40 -9.61
N ALA A 185 0.80 -9.43 -8.78
CA ALA A 185 0.75 -9.90 -7.40
C ALA A 185 -0.29 -9.13 -6.61
N ARG A 186 -0.39 -7.77 -6.79
CA ARG A 186 -1.38 -6.94 -6.08
C ARG A 186 -2.82 -7.47 -6.21
N GLU A 187 -3.15 -7.98 -7.40
CA GLU A 187 -4.43 -8.55 -7.76
C GLU A 187 -4.78 -9.78 -6.93
N LEU A 188 -3.77 -10.57 -6.52
CA LEU A 188 -3.95 -11.82 -5.74
C LEU A 188 -4.18 -11.59 -4.27
N MET A 189 -3.82 -10.38 -3.81
CA MET A 189 -3.90 -9.95 -2.43
C MET A 189 -5.29 -9.67 -1.98
N ARG A 190 -5.66 -10.26 -0.84
CA ARG A 190 -6.90 -10.00 -0.10
C ARG A 190 -6.82 -8.51 0.31
N GLU A 191 -7.98 -7.85 0.48
CA GLU A 191 -7.99 -6.44 0.87
C GLU A 191 -7.24 -6.18 2.19
N ASP A 192 -7.34 -7.12 3.12
CA ASP A 192 -6.71 -7.09 4.45
C ASP A 192 -5.29 -7.71 4.42
N GLY A 193 -4.82 -8.03 3.21
CA GLY A 193 -3.55 -8.67 2.90
C GLY A 193 -2.38 -7.71 2.83
N THR A 194 -1.15 -8.28 2.87
CA THR A 194 0.14 -7.56 2.90
C THR A 194 1.23 -8.20 2.06
N ILE A 195 2.12 -7.36 1.53
CA ILE A 195 3.32 -7.75 0.81
C ILE A 195 4.52 -7.31 1.65
N PHE A 196 5.56 -8.15 1.72
CA PHE A 196 6.87 -7.95 2.39
C PHE A 196 7.95 -8.15 1.30
N ILE A 197 8.86 -7.17 1.11
CA ILE A 197 9.91 -7.19 0.07
C ILE A 197 11.28 -6.92 0.64
N SER A 198 12.17 -7.93 0.61
CA SER A 198 13.56 -7.82 1.05
C SER A 198 14.37 -7.11 -0.01
N ILE A 199 15.20 -6.15 0.42
CA ILE A 199 16.11 -5.41 -0.45
C ILE A 199 17.20 -4.89 0.37
N ASP A 200 18.23 -4.35 -0.27
CA ASP A 200 19.39 -3.72 0.33
C ASP A 200 19.46 -2.25 -0.23
N HIS A 201 20.55 -1.50 0.00
CA HIS A 201 20.66 -0.09 -0.41
C HIS A 201 20.66 0.21 -1.92
N ASN A 202 20.91 -0.80 -2.74
CA ASN A 202 20.99 -0.59 -4.19
C ASN A 202 19.70 -0.11 -4.83
N GLU A 203 18.57 -0.76 -4.53
CA GLU A 203 17.24 -0.45 -5.08
C GLU A 203 16.16 -0.06 -4.07
N PHE A 204 16.53 0.16 -2.79
CA PHE A 204 15.57 0.51 -1.74
C PHE A 204 14.64 1.67 -2.12
N SER A 205 15.18 2.85 -2.46
CA SER A 205 14.42 4.06 -2.84
C SER A 205 13.58 3.86 -4.10
N GLN A 206 14.18 3.27 -5.16
CA GLN A 206 13.54 2.96 -6.45
C GLN A 206 12.37 2.00 -6.33
N LEU A 207 12.49 0.96 -5.47
CA LEU A 207 11.40 0.00 -5.22
C LEU A 207 10.30 0.65 -4.42
N LYS A 208 10.68 1.40 -3.39
CA LYS A 208 9.77 2.08 -2.49
C LYS A 208 8.93 3.06 -3.28
N LEU A 209 9.56 3.76 -4.26
CA LEU A 209 8.86 4.68 -5.17
C LEU A 209 7.93 3.98 -6.16
N VAL A 210 8.33 2.79 -6.69
CA VAL A 210 7.46 1.98 -7.57
C VAL A 210 6.30 1.34 -6.81
N CYS A 211 6.49 1.05 -5.51
CA CYS A 211 5.44 0.48 -4.65
C CYS A 211 4.42 1.52 -4.33
N ASP A 212 4.87 2.78 -4.24
CA ASP A 212 4.02 3.95 -4.06
C ASP A 212 3.10 4.04 -5.28
N GLU A 213 3.66 3.86 -6.49
CA GLU A 213 2.90 3.86 -7.75
C GLU A 213 1.85 2.76 -7.81
N ILE A 214 2.29 1.47 -7.66
CA ILE A 214 1.44 0.26 -7.73
C ILE A 214 0.45 0.15 -6.56
N PHE A 215 0.86 0.49 -5.31
CA PHE A 215 -0.06 0.30 -4.17
C PHE A 215 -0.66 1.54 -3.57
N GLY A 216 -0.07 2.70 -3.82
CA GLY A 216 -0.48 3.93 -3.19
C GLY A 216 0.28 4.10 -1.88
N GLU A 217 0.87 5.29 -1.71
CA GLU A 217 1.66 5.72 -0.55
C GLU A 217 0.91 5.58 0.77
N GLN A 218 -0.43 5.75 0.74
CA GLN A 218 -1.35 5.65 1.88
C GLN A 218 -1.39 4.18 2.42
N ASN A 219 -0.98 3.23 1.55
CA ASN A 219 -0.99 1.80 1.86
C ASN A 219 0.38 1.30 2.28
N HIS A 220 1.37 2.19 2.47
CA HIS A 220 2.67 1.79 3.00
C HIS A 220 2.43 1.48 4.50
N VAL A 221 2.88 0.29 4.97
CA VAL A 221 2.74 -0.14 6.37
C VAL A 221 3.96 0.36 7.23
N GLY A 222 5.16 0.21 6.66
CA GLY A 222 6.42 0.60 7.26
C GLY A 222 7.53 -0.22 6.66
N ASP A 223 8.78 0.10 7.03
CA ASP A 223 9.97 -0.61 6.59
C ASP A 223 10.66 -1.11 7.80
N LEU A 224 11.17 -2.34 7.69
CA LEU A 224 11.89 -3.03 8.75
C LEU A 224 13.37 -3.05 8.39
N VAL A 225 14.22 -2.94 9.41
CA VAL A 225 15.67 -2.94 9.27
C VAL A 225 16.18 -4.24 9.80
N TRP A 226 16.72 -5.06 8.91
CA TRP A 226 17.28 -6.36 9.27
C TRP A 226 18.82 -6.24 9.40
N LYS A 227 19.31 -6.15 10.65
CA LYS A 227 20.75 -6.11 10.96
C LYS A 227 21.17 -7.61 11.01
N ASN A 228 21.72 -8.09 9.88
CA ASN A 228 22.01 -9.48 9.57
C ASN A 228 23.47 -9.86 9.33
N ALA A 229 24.37 -8.87 9.37
CA ALA A 229 25.80 -9.09 9.10
C ALA A 229 26.66 -8.42 10.17
N THR A 230 27.94 -8.86 10.25
CA THR A 230 28.98 -8.35 11.13
C THR A 230 30.21 -8.22 10.24
N ASP A 231 30.49 -7.00 9.81
CA ASP A 231 31.60 -6.74 8.92
C ASP A 231 32.66 -5.97 9.64
N ASN A 232 33.83 -6.64 9.85
CA ASN A 232 34.97 -6.05 10.55
C ASN A 232 36.07 -5.56 9.63
N ASN A 233 35.93 -5.81 8.32
CA ASN A 233 36.85 -5.33 7.28
C ASN A 233 36.86 -3.80 7.27
N PRO A 234 38.05 -3.16 7.18
CA PRO A 234 38.11 -1.69 7.19
C PRO A 234 37.26 -0.99 6.13
N SER A 235 36.53 0.05 6.52
CA SER A 235 35.66 0.83 5.65
C SER A 235 35.31 2.16 6.29
N ASN A 236 34.51 2.96 5.59
CA ASN A 236 33.92 4.21 6.09
C ASN A 236 32.74 3.76 6.98
N ILE A 237 31.61 3.38 6.36
CA ILE A 237 30.44 2.82 7.05
C ILE A 237 30.56 1.31 6.90
N ALA A 238 30.29 0.57 7.98
CA ALA A 238 30.29 -0.89 8.01
C ALA A 238 28.84 -1.28 7.74
N VAL A 239 28.57 -1.72 6.52
CA VAL A 239 27.23 -2.11 6.08
C VAL A 239 26.87 -3.47 6.66
N GLU A 240 25.95 -3.45 7.62
CA GLU A 240 25.54 -4.61 8.40
C GLU A 240 24.03 -4.83 8.39
N HIS A 241 23.33 -4.14 7.49
CA HIS A 241 21.89 -4.24 7.41
C HIS A 241 21.32 -4.15 5.99
N GLU A 242 20.08 -4.58 5.87
CA GLU A 242 19.25 -4.48 4.69
C GLU A 242 17.81 -4.20 5.16
N TYR A 243 16.85 -4.24 4.24
CA TYR A 243 15.48 -3.85 4.56
C TYR A 243 14.44 -4.85 4.16
N ILE A 244 13.24 -4.67 4.68
CA ILE A 244 12.00 -5.39 4.38
C ILE A 244 10.92 -4.29 4.30
N ILE A 245 10.52 -3.91 3.06
CA ILE A 245 9.45 -2.94 2.82
C ILE A 245 8.11 -3.68 2.94
N VAL A 246 7.11 -3.06 3.58
CA VAL A 246 5.80 -3.70 3.83
C VAL A 246 4.68 -2.79 3.29
N TYR A 247 3.75 -3.36 2.53
CA TYR A 247 2.60 -2.64 1.98
C TYR A 247 1.36 -3.50 2.17
N THR A 248 0.20 -2.87 2.13
CA THR A 248 -1.09 -3.51 2.28
C THR A 248 -1.89 -3.27 0.99
N LYS A 249 -2.93 -4.10 0.72
CA LYS A 249 -3.76 -3.89 -0.46
C LYS A 249 -4.69 -2.71 -0.19
N ASN A 250 -5.31 -2.72 1.00
CA ASN A 250 -6.18 -1.67 1.47
C ASN A 250 -5.90 -1.41 2.94
N LYS A 251 -5.27 -0.24 3.24
CA LYS A 251 -4.95 0.20 4.59
C LYS A 251 -6.14 0.23 5.53
N GLU A 252 -7.35 0.45 4.99
CA GLU A 252 -8.62 0.51 5.70
C GLU A 252 -9.06 -0.87 6.16
N GLN A 253 -8.82 -1.91 5.34
CA GLN A 253 -9.23 -3.27 5.68
C GLN A 253 -8.16 -4.03 6.46
N LEU A 254 -6.99 -3.42 6.60
CA LEU A 254 -5.87 -3.97 7.33
C LEU A 254 -6.15 -3.92 8.83
N ILE A 255 -5.89 -5.04 9.50
CA ILE A 255 -6.04 -5.16 10.95
C ILE A 255 -5.19 -4.07 11.62
N SER A 256 -5.84 -3.32 12.52
CA SER A 256 -5.28 -2.16 13.20
C SER A 256 -3.98 -2.40 14.01
N GLU A 257 -3.77 -3.64 14.48
CA GLU A 257 -2.69 -4.07 15.36
C GLU A 257 -2.12 -5.43 14.99
N TRP A 258 -0.78 -5.58 15.17
CA TRP A 258 -0.06 -6.84 15.01
C TRP A 258 0.58 -7.19 16.32
N LYS A 259 0.12 -8.29 16.91
CA LYS A 259 0.65 -8.77 18.18
C LYS A 259 0.72 -10.27 18.20
N SER A 260 1.69 -10.80 18.96
CA SER A 260 1.86 -12.22 19.24
C SER A 260 1.43 -12.41 20.71
N ASN A 261 0.53 -13.39 20.98
CA ASN A 261 0.09 -13.69 22.35
C ASN A 261 0.85 -14.91 22.94
N ILE A 262 1.68 -15.59 22.13
CA ILE A 262 2.47 -16.74 22.59
C ILE A 262 3.99 -16.53 22.53
N SER A 263 4.51 -15.50 23.25
CA SER A 263 5.94 -15.18 23.36
C SER A 263 6.64 -16.21 24.22
N ASP A 264 7.92 -16.44 23.92
CA ASP A 264 8.78 -17.36 24.65
C ASP A 264 9.08 -16.88 26.06
N VAL A 265 9.42 -15.55 26.22
CA VAL A 265 9.70 -14.94 27.54
C VAL A 265 8.44 -14.93 28.40
N LYS A 266 7.31 -14.45 27.84
CA LYS A 266 6.00 -14.37 28.48
C LYS A 266 5.57 -15.75 29.02
N ASN A 267 5.69 -16.80 28.17
CA ASN A 267 5.35 -18.20 28.50
C ASN A 267 6.21 -18.76 29.64
N LEU A 268 7.51 -18.39 29.67
CA LEU A 268 8.47 -18.81 30.69
C LEU A 268 8.09 -18.26 32.06
N LEU A 269 7.77 -16.95 32.12
CA LEU A 269 7.40 -16.23 33.34
C LEU A 269 6.07 -16.70 33.91
N VAL A 270 5.07 -17.00 33.06
CA VAL A 270 3.78 -17.52 33.56
C VAL A 270 3.99 -18.91 34.21
N ASN A 271 4.89 -19.72 33.61
CA ASN A 271 5.27 -21.04 34.11
C ASN A 271 6.01 -20.90 35.43
N ILE A 272 7.04 -20.03 35.50
CA ILE A 272 7.83 -19.76 36.70
C ILE A 272 6.96 -19.17 37.82
N GLY A 273 6.02 -18.30 37.43
CA GLY A 273 5.08 -17.63 38.32
C GLY A 273 4.21 -18.62 39.04
N GLU A 274 3.54 -19.50 38.27
CA GLU A 274 2.67 -20.56 38.77
C GLU A 274 3.46 -21.62 39.55
N GLU A 275 4.71 -21.97 39.11
CA GLU A 275 5.59 -22.93 39.79
C GLU A 275 5.90 -22.44 41.21
N PHE A 276 6.27 -21.15 41.36
CA PHE A 276 6.53 -20.55 42.68
C PHE A 276 5.25 -20.41 43.48
N ALA A 277 4.12 -20.04 42.82
CA ALA A 277 2.81 -19.86 43.45
C ALA A 277 2.25 -21.14 44.12
N SER A 278 2.56 -22.31 43.55
CA SER A 278 2.12 -23.62 44.06
C SER A 278 3.02 -24.09 45.23
N LYS A 279 4.26 -23.60 45.33
CA LYS A 279 5.21 -24.01 46.35
C LYS A 279 5.39 -23.06 47.53
N TYR A 280 5.03 -21.76 47.36
CA TYR A 280 5.18 -20.74 48.41
C TYR A 280 3.90 -19.91 48.55
N THR A 281 3.56 -19.48 49.78
CA THR A 281 2.33 -18.75 50.04
C THR A 281 2.40 -17.22 50.20
N GLY A 282 2.57 -16.74 51.43
CA GLY A 282 2.57 -15.32 51.77
C GLY A 282 3.75 -14.50 51.31
N ASN A 283 4.42 -13.84 52.28
CA ASN A 283 5.59 -12.97 52.08
C ASN A 283 6.78 -13.76 51.51
N GLU A 284 6.80 -15.09 51.75
CA GLU A 284 7.82 -16.04 51.29
C GLU A 284 7.86 -16.15 49.76
N LEU A 285 6.68 -16.07 49.10
CA LEU A 285 6.53 -16.12 47.63
C LEU A 285 7.43 -15.05 46.95
N GLN A 286 7.34 -13.79 47.41
CA GLN A 286 8.12 -12.67 46.91
C GLN A 286 9.62 -12.76 47.21
N GLU A 287 10.00 -13.28 48.39
CA GLU A 287 11.41 -13.41 48.81
C GLU A 287 12.12 -14.47 47.93
N LYS A 288 11.42 -15.61 47.71
CA LYS A 288 11.87 -16.71 46.87
C LYS A 288 11.95 -16.27 45.41
N TYR A 289 11.00 -15.41 44.97
CA TYR A 289 10.95 -14.83 43.64
C TYR A 289 12.05 -13.80 43.43
N THR A 290 12.26 -12.86 44.39
CA THR A 290 13.33 -11.85 44.29
C THR A 290 14.72 -12.53 44.11
N GLN A 291 14.89 -13.72 44.71
CA GLN A 291 16.11 -14.52 44.63
C GLN A 291 16.33 -15.02 43.17
N TRP A 292 15.34 -15.70 42.58
CA TRP A 292 15.40 -16.21 41.21
C TRP A 292 15.40 -15.04 40.23
N PHE A 293 14.64 -13.95 40.54
CA PHE A 293 14.59 -12.75 39.71
C PHE A 293 15.96 -12.04 39.70
N ARG A 294 16.55 -11.77 40.90
CA ARG A 294 17.87 -11.12 41.01
C ARG A 294 18.95 -11.78 40.14
N GLU A 295 18.95 -13.12 40.07
CA GLU A 295 19.89 -13.90 39.25
C GLU A 295 19.56 -13.97 37.73
N HIS A 296 18.26 -14.08 37.36
CA HIS A 296 17.82 -14.25 35.97
C HIS A 296 17.41 -13.00 35.19
N ARG A 297 17.12 -11.88 35.89
CA ARG A 297 16.70 -10.57 35.37
C ARG A 297 17.32 -10.19 33.99
N SER A 298 18.64 -10.40 33.85
CA SER A 298 19.47 -10.12 32.68
C SER A 298 19.07 -10.88 31.41
N GLU A 299 18.28 -11.96 31.53
CA GLU A 299 17.82 -12.83 30.44
C GLU A 299 16.33 -12.58 30.09
N LEU A 300 15.64 -11.74 30.89
CA LEU A 300 14.22 -11.47 30.81
C LEU A 300 13.71 -10.43 29.85
N TRP A 301 14.54 -9.81 29.06
CA TRP A 301 14.10 -8.71 28.22
C TRP A 301 13.05 -9.22 27.28
N PRO A 302 11.87 -8.49 27.01
CA PRO A 302 11.82 -7.12 27.55
C PRO A 302 11.07 -6.96 28.85
N LEU A 303 10.87 -8.05 29.56
CA LEU A 303 10.14 -8.13 30.83
C LEU A 303 11.03 -8.21 32.06
N ASP A 304 12.22 -7.54 31.98
CA ASP A 304 13.27 -7.49 33.00
C ASP A 304 12.97 -6.61 34.23
N ARG A 305 11.80 -5.95 34.26
CA ARG A 305 11.31 -5.12 35.37
C ARG A 305 10.00 -5.70 35.97
N TYR A 306 9.76 -7.00 35.74
CA TYR A 306 8.61 -7.72 36.27
C TYR A 306 9.09 -8.40 37.54
N LYS A 307 9.49 -7.54 38.51
CA LYS A 307 10.06 -7.85 39.82
C LYS A 307 9.09 -8.34 40.85
N TYR A 308 7.81 -7.91 40.77
CA TYR A 308 6.77 -8.27 41.74
C TYR A 308 6.03 -9.58 41.44
N ILE A 309 5.45 -10.19 42.49
CA ILE A 309 4.68 -11.43 42.40
C ILE A 309 3.61 -11.56 43.50
N ASP A 310 2.48 -12.20 43.16
CA ASP A 310 1.37 -12.60 44.05
C ASP A 310 0.74 -13.91 43.51
N LYS A 311 -0.37 -14.39 44.12
CA LYS A 311 -1.07 -15.62 43.69
C LYS A 311 -1.59 -15.62 42.22
N ASP A 312 -1.92 -14.43 41.65
CA ASP A 312 -2.38 -14.28 40.26
C ASP A 312 -1.20 -14.22 39.23
N GLY A 313 0.03 -14.26 39.74
CA GLY A 313 1.25 -14.31 38.94
C GLY A 313 2.24 -13.18 39.15
N ILE A 314 3.30 -13.19 38.31
CA ILE A 314 4.36 -12.18 38.27
C ILE A 314 3.80 -10.92 37.63
N TYR A 315 4.12 -9.75 38.18
CA TYR A 315 3.68 -8.46 37.64
C TYR A 315 4.72 -7.36 37.80
N THR A 316 4.44 -6.18 37.24
CA THR A 316 5.28 -4.99 37.28
C THR A 316 4.46 -3.77 37.80
N GLY A 317 5.18 -2.78 38.30
CA GLY A 317 4.59 -1.50 38.62
C GLY A 317 4.78 -0.64 37.38
N SER A 318 3.71 -0.43 36.56
CA SER A 318 3.84 0.37 35.34
C SER A 318 3.79 1.86 35.62
N GLN A 319 4.95 2.46 35.52
CA GLN A 319 5.21 3.88 35.76
C GLN A 319 4.83 4.63 34.50
N SER A 320 3.58 4.39 34.09
CA SER A 320 2.92 4.77 32.83
C SER A 320 1.55 5.42 33.07
N VAL A 321 1.58 6.53 33.80
CA VAL A 321 0.42 7.30 34.23
C VAL A 321 0.54 8.76 33.75
N HIS A 322 1.76 9.15 33.42
CA HIS A 322 2.17 10.48 32.97
C HIS A 322 1.77 10.82 31.53
N ASN A 323 1.69 12.12 31.25
CA ASN A 323 1.32 12.58 29.93
C ASN A 323 2.55 12.92 29.04
N PRO A 324 2.67 12.27 27.84
CA PRO A 324 3.80 12.57 26.94
C PRO A 324 3.79 13.94 26.29
N GLY A 325 4.95 14.56 26.23
CA GLY A 325 5.25 15.80 25.51
C GLY A 325 4.61 17.11 25.89
N LYS A 326 3.32 17.11 26.30
CA LYS A 326 2.55 18.32 26.58
C LYS A 326 1.89 18.26 27.95
N GLU A 327 1.08 19.29 28.25
CA GLU A 327 0.27 19.40 29.46
C GLU A 327 -0.89 18.41 29.38
N GLY A 328 -1.15 17.71 30.48
CA GLY A 328 -2.21 16.72 30.55
C GLY A 328 -3.39 17.04 31.46
N TYR A 329 -3.91 16.01 32.13
CA TYR A 329 -5.06 16.10 33.04
C TYR A 329 -4.55 16.36 34.46
N ARG A 330 -5.10 17.39 35.12
CA ARG A 330 -4.72 17.75 36.48
C ARG A 330 -5.91 17.55 37.42
N TYR A 331 -5.73 16.68 38.43
CA TYR A 331 -6.73 16.34 39.43
C TYR A 331 -6.06 15.63 40.61
N ASP A 332 -6.77 15.44 41.72
CA ASP A 332 -6.23 14.80 42.92
C ASP A 332 -6.57 13.33 43.00
N ILE A 333 -5.53 12.49 43.22
CA ILE A 333 -5.69 11.05 43.44
C ILE A 333 -5.34 10.86 44.92
N ILE A 334 -6.33 10.47 45.73
CA ILE A 334 -6.15 10.34 47.17
C ILE A 334 -5.50 9.06 47.60
N HIS A 335 -4.42 9.21 48.38
CA HIS A 335 -3.66 8.10 48.96
C HIS A 335 -4.58 7.36 49.97
N PRO A 336 -4.67 6.02 49.93
CA PRO A 336 -5.61 5.32 50.82
C PRO A 336 -5.28 5.32 52.31
N LYS A 337 -4.03 5.63 52.70
CA LYS A 337 -3.63 5.64 54.11
C LYS A 337 -3.35 7.05 54.61
N THR A 338 -2.54 7.83 53.86
CA THR A 338 -2.20 9.20 54.22
C THR A 338 -3.41 10.13 54.04
N LYS A 339 -4.32 9.76 53.12
CA LYS A 339 -5.53 10.50 52.73
C LYS A 339 -5.27 11.89 52.09
N LYS A 340 -4.00 12.15 51.70
CA LYS A 340 -3.52 13.36 51.02
C LYS A 340 -3.34 13.08 49.50
N PRO A 341 -3.42 14.11 48.61
CA PRO A 341 -3.23 13.85 47.16
C PRO A 341 -1.81 13.36 46.83
N CYS A 342 -1.73 12.31 46.00
CA CYS A 342 -0.47 11.71 45.58
C CYS A 342 0.32 12.66 44.68
N LYS A 343 1.68 12.56 44.68
CA LYS A 343 2.53 13.41 43.84
C LYS A 343 2.12 13.24 42.37
N GLN A 344 1.93 14.38 41.71
CA GLN A 344 1.50 14.48 40.35
C GLN A 344 2.67 14.44 39.37
N PRO A 345 2.58 13.73 38.22
CA PRO A 345 3.67 13.77 37.23
C PRO A 345 3.88 15.19 36.74
N LEU A 346 5.11 15.53 36.32
CA LEU A 346 5.49 16.86 35.82
C LEU A 346 4.56 17.42 34.76
N MET A 347 3.99 16.55 33.89
CA MET A 347 3.10 16.93 32.79
C MET A 347 1.64 16.60 33.08
N GLY A 348 1.37 16.20 34.31
CA GLY A 348 0.04 15.80 34.75
C GLY A 348 -0.27 14.39 34.27
N TYR A 349 -1.51 13.94 34.43
CA TYR A 349 -1.95 12.59 34.04
C TYR A 349 -2.28 12.44 32.55
N ARG A 350 -2.31 11.17 32.05
CA ARG A 350 -2.69 10.78 30.68
C ARG A 350 -4.16 10.32 30.63
N PHE A 351 -4.73 10.03 31.82
CA PHE A 351 -6.09 9.55 32.00
C PHE A 351 -7.01 10.64 32.48
N PRO A 352 -8.26 10.75 31.95
CA PRO A 352 -9.23 11.70 32.53
C PRO A 352 -9.70 11.15 33.88
N LEU A 353 -10.14 11.99 34.84
CA LEU A 353 -10.63 11.52 36.15
C LEU A 353 -11.59 10.33 36.02
N ASP A 354 -12.52 10.41 35.05
CA ASP A 354 -13.53 9.41 34.72
C ASP A 354 -12.87 8.03 34.55
N THR A 355 -11.75 7.95 33.77
CA THR A 355 -10.99 6.70 33.55
C THR A 355 -10.18 6.35 34.79
N MET A 356 -9.60 7.36 35.47
CA MET A 356 -8.85 7.11 36.69
C MET A 356 -9.75 6.42 37.75
N ASP A 357 -10.94 6.99 38.02
CA ASP A 357 -11.91 6.46 38.97
C ASP A 357 -12.27 4.99 38.72
N ARG A 358 -12.32 4.61 37.44
CA ARG A 358 -12.60 3.25 36.97
C ARG A 358 -11.41 2.32 37.29
N LEU A 359 -10.16 2.82 37.10
CA LEU A 359 -8.93 2.08 37.39
C LEU A 359 -8.79 1.85 38.90
N LEU A 360 -9.23 2.82 39.72
CA LEU A 360 -9.19 2.75 41.19
C LEU A 360 -10.16 1.67 41.69
N SER A 361 -11.41 1.65 41.15
CA SER A 361 -12.46 0.69 41.48
C SER A 361 -12.09 -0.74 41.05
N GLU A 362 -11.30 -0.85 39.96
CA GLU A 362 -10.83 -2.10 39.40
C GLU A 362 -9.61 -2.63 40.18
N GLU A 363 -9.03 -1.78 41.07
CA GLU A 363 -7.84 -2.06 41.90
C GLU A 363 -6.59 -2.33 40.99
N LYS A 364 -6.38 -1.44 40.01
CA LYS A 364 -5.29 -1.52 39.06
C LYS A 364 -4.16 -0.60 39.50
N ILE A 365 -4.41 0.24 40.53
CA ILE A 365 -3.45 1.22 41.03
C ILE A 365 -2.55 0.76 42.19
N ILE A 366 -1.23 0.99 42.02
CA ILE A 366 -0.17 0.74 43.00
C ILE A 366 0.23 2.09 43.63
N PHE A 367 0.00 2.25 44.95
CA PHE A 367 0.35 3.45 45.70
C PHE A 367 1.65 3.22 46.44
N GLY A 368 2.37 4.30 46.74
CA GLY A 368 3.58 4.24 47.55
C GLY A 368 3.24 4.13 49.03
N ASP A 369 4.27 4.09 49.90
CA ASP A 369 4.04 4.02 51.35
C ASP A 369 3.45 5.34 51.87
N ASP A 370 3.45 6.40 51.03
CA ASP A 370 2.85 7.71 51.28
C ASP A 370 2.53 8.42 49.94
N GLU A 371 1.95 9.63 50.01
CA GLU A 371 1.55 10.46 48.88
C GLU A 371 2.72 11.04 48.05
N ASN A 372 3.96 11.02 48.57
CA ASN A 372 5.09 11.59 47.83
C ASN A 372 5.62 10.74 46.64
N LYS A 373 4.95 9.61 46.34
CA LYS A 373 5.25 8.68 45.25
C LYS A 373 4.14 8.74 44.16
N ILE A 374 4.53 8.94 42.87
CA ILE A 374 3.58 8.95 41.75
C ILE A 374 3.03 7.55 41.62
N ILE A 375 1.72 7.42 41.35
CA ILE A 375 1.04 6.13 41.20
C ILE A 375 1.56 5.30 40.02
N GLU A 376 1.35 3.99 40.11
CA GLU A 376 1.72 3.04 39.08
C GLU A 376 0.51 2.18 38.76
N LEU A 377 0.59 1.47 37.63
CA LEU A 377 -0.43 0.54 37.18
C LEU A 377 0.05 -0.92 37.31
N LYS A 378 -0.76 -1.76 37.93
CA LYS A 378 -0.42 -3.17 38.08
C LYS A 378 -0.67 -3.87 36.74
N VAL A 379 0.41 -4.40 36.18
CA VAL A 379 0.42 -5.07 34.88
C VAL A 379 1.12 -6.41 35.03
N TYR A 380 0.38 -7.52 34.78
CA TYR A 380 0.86 -8.91 34.85
C TYR A 380 1.50 -9.38 33.56
N ALA A 381 2.58 -10.14 33.70
CA ALA A 381 3.36 -10.73 32.62
C ALA A 381 2.54 -11.61 31.62
N LYS A 382 1.45 -12.23 32.09
CA LYS A 382 0.58 -13.11 31.29
C LYS A 382 -0.17 -12.30 30.22
N ASP A 383 -0.41 -11.00 30.51
CA ASP A 383 -1.09 -10.03 29.66
C ASP A 383 -0.17 -9.33 28.64
N TYR A 384 1.09 -9.81 28.51
CA TYR A 384 2.10 -9.29 27.58
C TYR A 384 1.83 -9.77 26.16
N LYS A 385 1.89 -8.80 25.23
CA LYS A 385 1.65 -8.99 23.80
C LYS A 385 2.86 -8.46 23.07
N GLN A 386 3.52 -9.30 22.26
CA GLN A 386 4.75 -8.95 21.56
C GLN A 386 4.43 -8.25 20.26
N LYS A 387 4.97 -7.04 20.10
CA LYS A 387 4.84 -6.16 18.93
C LYS A 387 5.94 -6.49 17.87
N LEU A 388 5.80 -5.88 16.68
CA LEU A 388 6.84 -6.01 15.67
C LEU A 388 7.70 -4.74 15.72
N SER A 389 8.89 -4.83 16.33
CA SER A 389 9.83 -3.71 16.38
C SER A 389 10.43 -3.50 14.95
N SER A 390 10.74 -2.24 14.57
CA SER A 390 11.24 -1.90 13.22
C SER A 390 12.67 -2.36 12.91
N VAL A 391 13.50 -2.56 13.96
CA VAL A 391 14.91 -2.98 13.82
C VAL A 391 15.09 -4.42 14.33
N ILE A 392 15.33 -5.37 13.43
CA ILE A 392 15.55 -6.80 13.77
C ILE A 392 17.02 -7.22 13.67
N HIS A 393 17.57 -7.71 14.79
CA HIS A 393 18.95 -8.21 14.93
C HIS A 393 18.90 -9.69 14.86
N LEU A 394 19.36 -10.24 13.75
CA LEU A 394 19.37 -11.67 13.51
C LEU A 394 20.43 -11.96 12.46
N ASP A 395 21.47 -12.72 12.85
CA ASP A 395 22.56 -13.10 11.98
C ASP A 395 22.02 -13.94 10.82
N GLY A 396 22.28 -13.46 9.61
CA GLY A 396 21.84 -14.12 8.38
C GLY A 396 22.68 -15.31 8.01
N ARG A 397 23.94 -15.39 8.52
CA ARG A 397 24.85 -16.49 8.24
C ARG A 397 24.38 -17.89 8.72
N VAL A 398 23.33 -17.95 9.58
CA VAL A 398 22.70 -19.20 10.05
C VAL A 398 22.02 -19.98 8.93
N ALA A 399 21.76 -19.35 7.76
CA ALA A 399 21.18 -19.98 6.58
C ALA A 399 22.10 -21.09 6.04
N THR A 400 23.41 -21.00 6.30
CA THR A 400 24.38 -22.02 5.89
C THR A 400 24.24 -23.25 6.79
N ASN A 401 23.96 -23.04 8.08
CA ASN A 401 23.77 -24.09 9.06
C ASN A 401 22.48 -24.90 8.76
N GLU A 402 21.40 -24.20 8.41
CA GLU A 402 20.08 -24.73 8.06
C GLU A 402 20.16 -25.64 6.83
N LEU A 403 20.96 -25.18 5.84
CA LEU A 403 21.18 -25.86 4.57
C LEU A 403 22.20 -26.99 4.62
N LYS A 404 23.14 -26.97 5.59
CA LYS A 404 24.09 -28.07 5.76
C LYS A 404 23.35 -29.22 6.49
N GLU A 405 22.29 -28.89 7.21
CA GLU A 405 21.41 -29.81 7.91
C GLU A 405 20.40 -30.43 6.93
N LEU A 406 20.09 -29.72 5.81
CA LEU A 406 19.14 -30.25 4.83
C LEU A 406 19.93 -31.09 3.84
N PHE A 407 21.06 -30.55 3.35
CA PHE A 407 21.99 -31.17 2.41
C PHE A 407 23.34 -31.49 3.11
N PRO A 408 23.45 -32.57 3.91
CA PRO A 408 24.76 -32.87 4.54
C PRO A 408 25.73 -33.53 3.56
N MET A 410 26.65 -32.46 0.52
CA MET A 410 27.05 -31.26 -0.23
C MET A 410 27.22 -29.93 0.57
N THR A 411 28.22 -29.13 0.15
CA THR A 411 28.58 -27.83 0.73
C THR A 411 28.26 -26.69 -0.24
N GLN A 412 27.55 -25.65 0.24
CA GLN A 412 27.18 -24.44 -0.51
C GLN A 412 26.29 -24.68 -1.78
N PRO A 413 24.98 -25.03 -1.65
CA PRO A 413 24.15 -25.26 -2.86
C PRO A 413 23.46 -24.02 -3.45
N PHE A 414 23.26 -22.95 -2.64
CA PHE A 414 22.59 -21.72 -3.09
C PHE A 414 23.48 -20.49 -2.94
N ASN A 416 23.46 -16.82 -0.98
CA ASN A 416 23.05 -15.79 0.00
C ASN A 416 21.57 -15.98 0.45
N ALA A 417 21.18 -17.26 0.69
CA ALA A 417 19.84 -17.68 1.10
C ALA A 417 19.33 -17.01 2.39
N LYS A 418 18.01 -16.97 2.54
CA LYS A 418 17.45 -16.37 3.74
C LYS A 418 17.33 -17.43 4.80
N THR A 419 17.53 -17.02 6.06
CA THR A 419 17.27 -17.89 7.17
C THR A 419 15.75 -18.00 7.40
N ILE A 420 15.30 -19.16 7.84
CA ILE A 420 13.91 -19.50 8.17
C ILE A 420 13.45 -18.76 9.44
N LYS A 421 14.40 -18.32 10.30
CA LYS A 421 14.12 -17.58 11.55
C LYS A 421 13.62 -16.12 11.35
N LEU A 422 13.80 -15.58 10.14
CA LEU A 422 13.38 -14.23 9.79
C LEU A 422 11.89 -14.14 9.37
N VAL A 423 11.49 -14.97 8.39
CA VAL A 423 10.14 -14.98 7.82
C VAL A 423 9.11 -15.59 8.73
N GLU A 424 9.56 -16.42 9.68
CA GLU A 424 8.75 -17.08 10.70
C GLU A 424 7.97 -16.06 11.55
N ASP A 425 8.64 -14.98 11.96
CA ASP A 425 8.00 -13.96 12.76
C ASP A 425 7.05 -13.07 11.96
N LEU A 426 7.45 -12.69 10.71
CA LEU A 426 6.62 -11.88 9.79
C LEU A 426 5.35 -12.63 9.41
N ILE A 427 5.45 -13.95 9.13
CA ILE A 427 4.27 -14.78 8.85
C ILE A 427 3.36 -14.82 10.09
N SER A 428 3.93 -15.03 11.28
CA SER A 428 3.15 -15.04 12.54
C SER A 428 2.42 -13.71 12.77
N PHE A 429 3.08 -12.54 12.52
CA PHE A 429 2.45 -11.20 12.71
C PHE A 429 1.36 -10.92 11.69
N ALA A 430 1.71 -10.95 10.36
CA ALA A 430 0.76 -10.64 9.28
C ALA A 430 -0.46 -11.54 9.28
N CYS A 431 -0.22 -12.85 9.29
CA CYS A 431 -1.27 -13.87 9.31
C CYS A 431 -1.53 -14.25 10.77
N ASP A 432 -2.71 -14.72 11.11
CA ASP A 432 -2.84 -15.08 12.54
C ASP A 432 -3.23 -16.56 12.72
N GLY A 433 -2.33 -17.45 12.29
CA GLY A 433 -2.52 -18.90 12.33
C GLY A 433 -3.21 -19.50 11.13
N GLU A 434 -3.68 -18.67 10.21
CA GLU A 434 -4.41 -19.06 8.99
C GLU A 434 -4.02 -18.14 7.81
N GLY A 435 -4.11 -18.66 6.58
CA GLY A 435 -3.86 -17.87 5.38
C GLY A 435 -2.87 -18.42 4.39
N ILE A 436 -2.99 -17.96 3.15
CA ILE A 436 -2.14 -18.32 2.02
C ILE A 436 -0.91 -17.43 2.07
N VAL A 437 0.30 -18.04 2.03
CA VAL A 437 1.58 -17.32 2.02
C VAL A 437 2.21 -17.55 0.65
N LEU A 438 2.45 -16.48 -0.12
CA LEU A 438 3.00 -16.61 -1.46
C LEU A 438 4.42 -16.06 -1.65
N ASP A 439 5.31 -16.88 -2.22
CA ASP A 439 6.68 -16.46 -2.55
C ASP A 439 6.90 -16.78 -4.01
N PHE A 440 7.00 -15.77 -4.87
CA PHE A 440 7.19 -16.01 -6.31
C PHE A 440 8.64 -15.91 -6.80
N PHE A 441 9.60 -15.81 -5.85
CA PHE A 441 11.06 -15.85 -6.03
C PHE A 441 11.53 -16.87 -4.99
N ALA A 442 10.96 -18.11 -5.02
CA ALA A 442 11.24 -19.19 -4.05
C ALA A 442 12.66 -19.22 -3.48
N GLY A 443 13.64 -19.08 -4.37
CA GLY A 443 15.07 -19.14 -4.08
C GLY A 443 15.47 -20.55 -3.77
N SER A 444 15.69 -20.84 -2.47
CA SER A 444 16.06 -22.11 -1.91
C SER A 444 14.88 -22.89 -1.34
N GLY A 445 13.73 -22.21 -1.16
CA GLY A 445 12.51 -22.76 -0.59
C GLY A 445 12.25 -22.39 0.86
N THR A 446 12.97 -21.37 1.36
CA THR A 446 12.90 -20.85 2.74
C THR A 446 11.49 -20.59 3.27
N THR A 447 10.64 -19.89 2.48
CA THR A 447 9.28 -19.52 2.92
C THR A 447 8.42 -20.76 3.13
N ALA A 448 8.51 -21.71 2.21
CA ALA A 448 7.80 -22.97 2.21
C ALA A 448 8.20 -23.77 3.44
N HIS A 449 9.52 -23.84 3.72
CA HIS A 449 10.09 -24.52 4.87
C HIS A 449 9.52 -23.91 6.16
N THR A 450 9.56 -22.58 6.26
CA THR A 450 9.01 -21.80 7.37
C THR A 450 7.55 -22.15 7.63
N VAL A 451 6.75 -22.42 6.58
CA VAL A 451 5.34 -22.82 6.72
C VAL A 451 5.27 -24.24 7.35
N PHE A 452 6.18 -25.17 6.92
CA PHE A 452 6.27 -26.52 7.50
C PHE A 452 6.53 -26.43 9.01
N ASN A 453 7.56 -25.65 9.45
CA ASN A 453 7.88 -25.44 10.87
C ASN A 453 6.75 -24.79 11.66
N LEU A 454 6.09 -23.76 11.08
CA LEU A 454 5.02 -23.07 11.77
C LEU A 454 3.80 -23.96 11.99
N ASN A 455 3.33 -24.68 10.95
CA ASN A 455 2.19 -25.60 10.96
C ASN A 455 2.29 -26.74 11.97
N ASN A 456 3.47 -27.21 12.27
CA ASN A 456 3.61 -28.32 13.18
C ASN A 456 3.89 -27.85 14.55
N LYS A 457 3.72 -26.57 14.77
CA LYS A 457 3.20 -26.04 16.00
C LYS A 457 1.94 -25.31 15.70
N ASN A 458 0.81 -25.72 16.24
CA ASN A 458 -0.44 -25.08 15.91
C ASN A 458 -1.28 -24.80 17.13
N LYS A 459 -2.09 -23.76 17.05
CA LYS A 459 -3.23 -23.62 16.12
C LYS A 459 -2.89 -22.93 14.80
N THR A 460 -2.17 -23.63 13.95
CA THR A 460 -1.50 -23.07 12.78
C THR A 460 -1.65 -23.98 11.56
N SER A 461 -2.26 -23.43 10.50
CA SER A 461 -2.47 -24.11 9.23
C SER A 461 -2.44 -23.10 8.08
N TYR A 462 -1.24 -22.60 7.77
CA TYR A 462 -1.08 -21.72 6.61
C TYR A 462 -0.88 -22.63 5.40
N GLN A 463 -1.06 -22.11 4.19
CA GLN A 463 -0.81 -22.87 2.98
C GLN A 463 0.25 -22.11 2.22
N PHE A 464 1.23 -22.78 1.71
CA PHE A 464 2.24 -22.07 0.95
C PHE A 464 2.05 -22.28 -0.55
N ILE A 465 2.36 -21.25 -1.32
CA ILE A 465 2.43 -21.30 -2.77
C ILE A 465 3.75 -20.63 -3.07
N THR A 466 4.70 -21.36 -3.71
CA THR A 466 6.00 -20.82 -4.12
C THR A 466 6.29 -21.10 -5.59
N VAL A 467 6.87 -20.10 -6.26
CA VAL A 467 7.22 -20.16 -7.68
C VAL A 467 8.73 -20.08 -7.89
N GLN A 468 9.25 -20.91 -8.79
CA GLN A 468 10.65 -20.99 -9.10
C GLN A 468 10.88 -21.29 -10.59
N LEU A 469 11.67 -20.44 -11.26
CA LEU A 469 12.03 -20.58 -12.67
C LEU A 469 13.00 -21.75 -12.82
N ASP A 470 12.82 -22.51 -13.90
CA ASP A 470 13.67 -23.65 -14.25
C ASP A 470 15.05 -23.19 -14.86
N GLU A 471 15.67 -22.17 -14.24
CA GLU A 471 16.96 -21.58 -14.61
C GLU A 471 18.08 -22.61 -14.29
N PRO A 472 18.92 -22.99 -15.29
CA PRO A 472 19.96 -24.00 -15.02
C PRO A 472 21.02 -23.66 -13.96
N THR A 473 21.48 -24.69 -13.21
CA THR A 473 22.55 -24.55 -12.23
C THR A 473 23.84 -24.26 -13.01
N LYS A 474 24.68 -23.33 -12.50
CA LYS A 474 25.95 -22.94 -13.13
C LYS A 474 26.91 -24.12 -13.26
N LYS A 476 30.23 -24.45 -13.88
CA LYS A 476 30.22 -25.58 -12.96
C LYS A 476 30.07 -25.13 -11.50
N SER A 477 29.28 -25.90 -10.72
CA SER A 477 28.97 -25.66 -9.31
C SER A 477 28.62 -27.00 -8.60
N ASP A 478 28.53 -26.97 -7.24
CA ASP A 478 28.23 -28.11 -6.38
C ASP A 478 26.90 -28.77 -6.73
N ALA A 479 25.87 -27.95 -7.06
CA ALA A 479 24.53 -28.42 -7.43
C ALA A 479 24.58 -29.25 -8.71
N MET A 480 25.32 -28.73 -9.73
CA MET A 480 25.52 -29.39 -11.03
C MET A 480 26.24 -30.72 -10.83
N LYS A 481 27.32 -30.72 -10.01
CA LYS A 481 28.11 -31.90 -9.66
C LYS A 481 27.32 -32.96 -8.86
N HIS A 482 26.10 -32.63 -8.39
CA HIS A 482 25.26 -33.55 -7.63
C HIS A 482 24.01 -34.03 -8.40
N GLY A 483 23.81 -33.52 -9.62
CA GLY A 483 22.70 -33.93 -10.47
C GLY A 483 21.52 -32.96 -10.51
N TYR A 484 21.70 -31.76 -9.90
CA TYR A 484 20.68 -30.72 -9.92
C TYR A 484 21.02 -29.76 -11.05
N ASN A 485 20.43 -29.99 -12.24
CA ASN A 485 20.68 -29.20 -13.46
C ASN A 485 19.96 -27.85 -13.46
N THR A 486 18.88 -27.68 -12.64
CA THR A 486 18.13 -26.41 -12.50
C THR A 486 17.95 -26.04 -11.02
N ILE A 487 17.76 -24.72 -10.71
CA ILE A 487 17.53 -24.20 -9.35
C ILE A 487 16.23 -24.80 -8.82
N PHE A 488 15.26 -25.06 -9.73
CA PHE A 488 13.98 -25.68 -9.39
C PHE A 488 14.18 -27.06 -8.76
N ASP A 489 15.15 -27.84 -9.28
CA ASP A 489 15.47 -29.19 -8.82
C ASP A 489 15.94 -29.19 -7.35
N LEU A 490 16.79 -28.21 -6.98
CA LEU A 490 17.30 -28.00 -5.62
C LEU A 490 16.19 -27.56 -4.70
N THR A 491 15.31 -26.68 -5.22
CA THR A 491 14.14 -26.16 -4.52
C THR A 491 13.19 -27.28 -4.20
N LYS A 492 12.82 -28.10 -5.21
CA LYS A 492 11.91 -29.25 -5.06
C LYS A 492 12.45 -30.22 -4.00
N GLU A 493 13.75 -30.57 -4.09
CA GLU A 493 14.45 -31.43 -3.15
C GLU A 493 14.49 -30.87 -1.74
N ARG A 494 14.75 -29.53 -1.57
CA ARG A 494 14.81 -28.89 -0.25
C ARG A 494 13.49 -29.00 0.48
N LEU A 495 12.37 -28.89 -0.27
CA LEU A 495 11.03 -28.97 0.28
C LEU A 495 10.69 -30.41 0.63
N ILE A 496 11.13 -31.38 -0.20
CA ILE A 496 10.97 -32.81 0.05
C ILE A 496 11.64 -33.15 1.40
N ARG A 497 12.91 -32.73 1.57
CA ARG A 497 13.68 -32.95 2.80
C ARG A 497 13.07 -32.25 4.02
N ALA A 498 12.65 -31.00 3.86
CA ALA A 498 12.03 -30.14 4.87
C ALA A 498 10.66 -30.68 5.26
N SER A 499 9.99 -31.39 4.33
CA SER A 499 8.68 -32.02 4.54
C SER A 499 8.85 -33.29 5.34
N LYS A 500 9.96 -34.07 5.07
CA LYS A 500 10.30 -35.36 5.69
C LYS A 500 10.59 -35.16 7.16
N LYS A 501 11.36 -34.10 7.48
CA LYS A 501 11.53 -33.57 8.83
C LYS A 501 10.21 -32.76 8.88
N ASN A 502 9.61 -32.46 10.02
CA ASN A 502 8.31 -31.74 9.98
C ASN A 502 7.04 -32.55 9.61
N ARG A 503 7.06 -33.85 9.88
CA ARG A 503 5.96 -34.82 9.81
C ARG A 503 5.25 -35.16 8.49
N ASP A 504 6.01 -35.19 7.37
CA ASP A 504 5.50 -35.54 6.03
C ASP A 504 4.29 -34.70 5.59
N GLN A 505 4.36 -33.37 5.80
CA GLN A 505 3.27 -32.48 5.42
C GLN A 505 2.93 -32.47 3.93
N GLY A 506 3.95 -32.70 3.09
CA GLY A 506 3.84 -32.73 1.64
C GLY A 506 3.43 -31.43 0.97
N PHE A 507 3.54 -31.43 -0.37
CA PHE A 507 3.20 -30.32 -1.27
C PHE A 507 2.98 -30.88 -2.67
N LYS A 508 2.13 -30.19 -3.48
CA LYS A 508 1.87 -30.57 -4.86
C LYS A 508 2.74 -29.75 -5.80
N VAL A 509 3.21 -30.38 -6.90
CA VAL A 509 4.04 -29.75 -7.94
C VAL A 509 3.17 -29.51 -9.18
N TYR A 510 3.34 -28.34 -9.80
CA TYR A 510 2.71 -27.86 -11.02
C TYR A 510 3.78 -27.21 -11.84
N GLN A 511 3.62 -27.22 -13.15
CA GLN A 511 4.58 -26.65 -14.09
C GLN A 511 3.93 -26.03 -15.33
N LEU A 512 4.59 -25.04 -15.92
CA LEU A 512 4.10 -24.43 -17.16
C LEU A 512 4.37 -25.37 -18.33
N MET A 513 3.39 -25.47 -19.26
CA MET A 513 3.50 -26.35 -20.46
C MET A 513 3.34 -25.53 -21.72
N PRO A 514 4.01 -25.93 -22.83
CA PRO A 514 3.81 -25.21 -24.12
C PRO A 514 2.36 -25.33 -24.57
N ASP A 515 1.75 -24.26 -25.13
CA ASP A 515 0.34 -24.29 -25.55
C ASP A 515 0.12 -25.04 -26.87
N PHE A 516 0.02 -26.39 -26.80
CA PHE A 516 -0.14 -27.29 -27.95
C PHE A 516 -1.38 -27.02 -28.84
N ARG A 517 -2.44 -26.40 -28.27
CA ARG A 517 -3.72 -26.08 -28.93
C ARG A 517 -3.70 -24.73 -29.68
N ALA A 518 -2.52 -24.09 -29.80
CA ALA A 518 -2.41 -22.79 -30.46
C ALA A 518 -2.15 -22.87 -31.97
N LYS A 519 -2.67 -21.86 -32.71
CA LYS A 519 -2.55 -21.71 -34.16
C LYS A 519 -2.38 -20.22 -34.54
N ASP A 520 -1.66 -19.94 -35.64
CA ASP A 520 -1.44 -18.59 -36.20
C ASP A 520 -2.75 -18.14 -36.85
N GLU A 521 -3.30 -16.97 -36.46
CA GLU A 521 -4.56 -16.39 -36.97
C GLU A 521 -4.68 -16.43 -38.50
N SER A 522 -5.59 -17.31 -38.96
CA SER A 522 -5.90 -17.57 -40.36
C SER A 522 -7.40 -17.91 -40.56
N GLU A 523 -7.85 -17.84 -41.83
CA GLU A 523 -9.20 -18.10 -42.33
C GLU A 523 -9.19 -18.14 -43.87
N LEU A 524 -9.65 -19.27 -44.45
CA LEU A 524 -9.68 -19.49 -45.90
C LEU A 524 -11.06 -19.17 -46.49
N THR A 530 -9.76 -26.05 -43.57
CA THR A 530 -8.88 -27.01 -42.91
C THR A 530 -8.16 -26.46 -41.65
N PHE A 531 -8.43 -25.19 -41.28
CA PHE A 531 -7.86 -24.50 -40.12
C PHE A 531 -8.19 -25.26 -38.81
N PHE A 532 -9.45 -25.68 -38.67
CA PHE A 532 -9.91 -26.47 -37.56
C PHE A 532 -9.90 -27.88 -38.11
N ASP A 533 -8.85 -28.62 -37.74
CA ASP A 533 -8.53 -30.00 -38.09
C ASP A 533 -7.51 -30.35 -37.00
N ASP A 534 -8.01 -30.81 -35.85
CA ASP A 534 -7.21 -31.08 -34.67
C ASP A 534 -6.66 -32.50 -34.55
N VAL A 535 -5.47 -32.60 -33.94
CA VAL A 535 -4.78 -33.85 -33.65
C VAL A 535 -5.45 -34.51 -32.45
N VAL A 536 -5.47 -35.85 -32.41
CA VAL A 536 -6.05 -36.60 -31.27
C VAL A 536 -5.22 -36.21 -30.02
N LEU A 537 -5.89 -36.00 -28.88
CA LEU A 537 -5.18 -35.60 -27.67
C LEU A 537 -4.34 -36.75 -27.13
N THR A 538 -3.07 -36.45 -26.83
CA THR A 538 -2.14 -37.35 -26.17
C THR A 538 -2.67 -37.49 -24.71
N PRO A 539 -2.66 -38.70 -24.08
CA PRO A 539 -3.14 -38.80 -22.67
C PRO A 539 -2.54 -37.73 -21.76
N GLU A 540 -1.32 -37.25 -22.06
CA GLU A 540 -0.67 -36.16 -21.32
C GLU A 540 -1.38 -34.84 -21.67
N GLN A 541 -1.58 -34.54 -22.97
CA GLN A 541 -2.24 -33.31 -23.42
C GLN A 541 -3.63 -33.15 -22.79
N TYR A 542 -4.42 -34.23 -22.78
CA TYR A 542 -5.77 -34.35 -22.19
C TYR A 542 -5.75 -33.89 -20.71
N ASP A 543 -4.73 -34.34 -19.95
CA ASP A 543 -4.54 -34.01 -18.54
C ASP A 543 -4.13 -32.55 -18.34
N THR A 544 -3.27 -32.02 -19.25
CA THR A 544 -2.87 -30.60 -19.28
C THR A 544 -4.09 -29.69 -19.45
N LEU A 545 -5.04 -30.05 -20.33
CA LEU A 545 -6.27 -29.29 -20.59
C LEU A 545 -7.17 -29.23 -19.39
N LEU A 546 -7.48 -30.38 -18.78
CA LEU A 546 -8.35 -30.51 -17.60
C LEU A 546 -7.86 -29.61 -16.45
N THR A 547 -6.54 -29.66 -16.16
CA THR A 547 -5.81 -28.91 -15.13
C THR A 547 -5.90 -27.41 -15.41
N THR A 548 -5.58 -26.99 -16.65
CA THR A 548 -5.66 -25.59 -17.09
C THR A 548 -7.11 -25.09 -17.03
N TRP A 549 -8.06 -25.85 -17.58
CA TRP A 549 -9.47 -25.50 -17.63
C TRP A 549 -10.04 -25.31 -16.24
N CYS A 550 -9.72 -26.21 -15.28
CA CYS A 550 -10.19 -26.11 -13.89
C CYS A 550 -9.70 -24.81 -13.21
N LEU A 551 -8.45 -24.38 -13.50
CA LEU A 551 -7.83 -23.19 -12.92
C LEU A 551 -8.43 -21.94 -13.55
N TYR A 552 -8.43 -21.90 -14.91
CA TYR A 552 -9.04 -20.85 -15.72
C TYR A 552 -10.50 -20.60 -15.27
N ASP A 553 -11.25 -21.68 -14.99
CA ASP A 553 -12.64 -21.64 -14.54
C ASP A 553 -12.83 -21.11 -13.12
N GLY A 554 -11.73 -20.85 -12.42
CA GLY A 554 -11.75 -20.26 -11.08
C GLY A 554 -11.56 -21.17 -9.89
N SER A 555 -11.24 -22.45 -10.12
CA SER A 555 -11.05 -23.42 -9.03
C SER A 555 -9.60 -23.41 -8.55
N LEU A 556 -9.38 -23.37 -7.22
CA LEU A 556 -8.05 -23.39 -6.59
C LEU A 556 -7.35 -24.70 -6.88
N LEU A 557 -6.00 -24.68 -7.05
CA LEU A 557 -5.22 -25.90 -7.31
C LEU A 557 -5.33 -26.97 -6.23
N THR A 558 -5.92 -26.63 -5.08
CA THR A 558 -6.12 -27.55 -3.96
C THR A 558 -7.47 -28.27 -4.02
N THR A 559 -8.46 -27.70 -4.75
CA THR A 559 -9.79 -28.26 -4.97
C THR A 559 -9.62 -29.60 -5.71
N PRO A 560 -10.30 -30.70 -5.30
CA PRO A 560 -10.09 -31.97 -5.98
C PRO A 560 -10.94 -32.13 -7.26
N ILE A 561 -10.37 -32.88 -8.22
CA ILE A 561 -11.03 -33.20 -9.48
C ILE A 561 -11.44 -34.69 -9.36
N GLU A 562 -12.75 -34.95 -9.16
CA GLU A 562 -13.24 -36.32 -9.04
C GLU A 562 -13.63 -36.94 -10.37
N ASP A 563 -13.30 -38.22 -10.55
CA ASP A 563 -13.62 -38.98 -11.75
C ASP A 563 -15.08 -39.45 -11.66
N VAL A 564 -15.87 -39.11 -12.67
CA VAL A 564 -17.29 -39.44 -12.77
C VAL A 564 -17.53 -40.42 -13.94
N ASP A 565 -18.38 -41.45 -13.70
CA ASP A 565 -18.74 -42.46 -14.71
C ASP A 565 -20.16 -42.21 -15.20
N LEU A 566 -20.30 -41.87 -16.50
CA LEU A 566 -21.61 -41.60 -17.12
C LEU A 566 -21.86 -42.64 -18.21
N GLY A 567 -22.45 -43.78 -17.81
CA GLY A 567 -22.72 -44.92 -18.69
C GLY A 567 -21.51 -45.36 -19.49
N GLY A 568 -20.38 -45.54 -18.80
CA GLY A 568 -19.13 -45.93 -19.45
C GLY A 568 -18.23 -44.76 -19.79
N TYR A 569 -18.83 -43.58 -20.08
CA TYR A 569 -18.08 -42.35 -20.41
C TYR A 569 -17.39 -41.75 -19.18
N LYS A 570 -16.10 -41.37 -19.36
CA LYS A 570 -15.25 -40.79 -18.33
C LYS A 570 -15.30 -39.25 -18.28
N ALA A 571 -15.91 -38.72 -17.21
CA ALA A 571 -16.06 -37.28 -16.96
C ALA A 571 -15.34 -36.87 -15.68
N HIS A 572 -15.30 -35.57 -15.39
CA HIS A 572 -14.62 -35.01 -14.21
C HIS A 572 -15.45 -33.90 -13.63
N LEU A 573 -15.59 -33.88 -12.29
CA LEU A 573 -16.34 -32.87 -11.55
C LEU A 573 -15.35 -32.09 -10.69
N CYS A 574 -15.46 -30.74 -10.72
CA CYS A 574 -14.61 -29.83 -9.95
C CYS A 574 -15.29 -28.50 -9.68
N ASP A 575 -15.65 -28.25 -8.41
CA ASP A 575 -16.28 -27.02 -7.95
C ASP A 575 -17.53 -26.67 -8.78
N GLY A 576 -18.52 -27.57 -8.74
CA GLY A 576 -19.80 -27.42 -9.44
C GLY A 576 -19.79 -27.54 -10.95
N ARG A 577 -18.59 -27.54 -11.59
CA ARG A 577 -18.52 -27.67 -13.04
C ARG A 577 -18.12 -29.08 -13.50
N LEU A 578 -18.81 -29.61 -14.55
CA LEU A 578 -18.56 -30.95 -15.10
C LEU A 578 -17.87 -30.89 -16.46
N TYR A 579 -16.75 -31.61 -16.59
CA TYR A 579 -15.94 -31.62 -17.82
C TYR A 579 -16.11 -32.87 -18.68
N LEU A 580 -16.41 -32.66 -19.96
CA LEU A 580 -16.53 -33.76 -20.92
C LEU A 580 -15.52 -33.51 -22.03
N ILE A 581 -14.30 -34.05 -21.85
CA ILE A 581 -13.18 -33.90 -22.77
C ILE A 581 -13.13 -35.05 -23.80
N ALA A 582 -13.27 -36.30 -23.33
CA ALA A 582 -13.18 -37.52 -24.15
C ALA A 582 -14.19 -37.55 -25.34
N PRO A 583 -13.86 -38.17 -26.50
CA PRO A 583 -14.86 -38.26 -27.57
C PRO A 583 -15.81 -39.43 -27.28
N ASN A 584 -16.78 -39.66 -28.16
CA ASN A 584 -17.72 -40.78 -28.06
C ASN A 584 -18.70 -40.71 -26.88
N PHE A 585 -19.20 -39.50 -26.57
CA PHE A 585 -20.23 -39.28 -25.55
C PHE A 585 -21.56 -39.78 -26.17
N THR A 586 -22.25 -40.71 -25.48
CA THR A 586 -23.45 -41.37 -26.00
C THR A 586 -24.76 -40.86 -25.40
N SER A 587 -25.90 -41.36 -25.92
CA SER A 587 -27.25 -41.07 -25.44
C SER A 587 -27.45 -41.73 -24.07
N GLU A 588 -26.69 -42.82 -23.81
CA GLU A 588 -26.67 -43.57 -22.56
C GLU A 588 -25.97 -42.76 -21.47
N ALA A 589 -24.84 -42.10 -21.85
CA ALA A 589 -24.03 -41.23 -21.01
C ALA A 589 -24.86 -40.02 -20.53
N LEU A 590 -25.66 -39.43 -21.46
CA LEU A 590 -26.57 -38.32 -21.23
C LEU A 590 -27.69 -38.72 -20.25
N LYS A 591 -28.30 -39.92 -20.45
CA LYS A 591 -29.35 -40.46 -19.58
C LYS A 591 -28.80 -40.77 -18.20
N ALA A 592 -27.53 -41.24 -18.14
CA ALA A 592 -26.87 -41.56 -16.87
C ALA A 592 -26.56 -40.27 -16.12
N LEU A 593 -26.20 -39.19 -16.85
CA LEU A 593 -25.93 -37.84 -16.33
C LEU A 593 -27.18 -37.30 -15.65
N LEU A 594 -28.35 -37.38 -16.32
CA LEU A 594 -29.64 -36.93 -15.79
C LEU A 594 -30.09 -37.82 -14.62
N GLN A 595 -29.76 -39.12 -14.66
CA GLN A 595 -30.03 -40.09 -13.60
C GLN A 595 -29.20 -39.74 -12.34
N LYS A 596 -27.87 -39.48 -12.52
CA LYS A 596 -26.93 -39.10 -11.45
C LYS A 596 -27.32 -37.80 -10.78
N VAL A 597 -27.95 -36.87 -11.53
CA VAL A 597 -28.46 -35.58 -11.01
C VAL A 597 -29.69 -35.91 -10.14
N ASP A 598 -30.60 -36.76 -10.67
CA ASP A 598 -31.83 -37.23 -10.00
C ASP A 598 -31.54 -38.08 -8.74
N SER A 599 -30.75 -39.17 -8.89
CA SER A 599 -30.43 -40.14 -7.83
C SER A 599 -29.39 -39.68 -6.82
N ASP A 600 -28.11 -39.53 -7.24
CA ASP A 600 -26.98 -39.15 -6.38
C ASP A 600 -27.11 -37.80 -5.66
N LYS A 601 -27.08 -37.85 -4.32
CA LYS A 601 -27.17 -36.71 -3.39
C LYS A 601 -25.89 -35.84 -3.36
N ASP A 602 -24.74 -36.44 -3.74
CA ASP A 602 -23.42 -35.80 -3.78
C ASP A 602 -23.09 -35.28 -5.19
N PHE A 603 -24.04 -35.45 -6.14
CA PHE A 603 -23.91 -34.99 -7.54
C PHE A 603 -24.83 -33.79 -7.85
N ALA A 604 -24.30 -32.57 -7.65
CA ALA A 604 -25.04 -31.34 -7.91
C ALA A 604 -24.27 -30.31 -8.81
N PRO A 605 -23.96 -30.64 -10.09
CA PRO A 605 -23.29 -29.65 -10.96
C PRO A 605 -24.26 -28.59 -11.47
N ASN A 606 -23.73 -27.41 -11.79
CA ASN A 606 -24.52 -26.26 -12.25
C ASN A 606 -23.97 -25.71 -13.55
N LYS A 607 -22.88 -26.29 -14.02
CA LYS A 607 -22.19 -25.88 -15.24
C LYS A 607 -21.60 -27.15 -15.89
N VAL A 608 -21.77 -27.29 -17.22
CA VAL A 608 -21.24 -28.42 -18.00
C VAL A 608 -20.32 -27.87 -19.09
N VAL A 609 -19.04 -28.23 -19.04
CA VAL A 609 -18.00 -27.79 -19.98
C VAL A 609 -17.53 -29.00 -20.84
N PHE A 610 -17.61 -28.89 -22.17
CA PHE A 610 -17.18 -29.99 -23.03
C PHE A 610 -16.20 -29.53 -24.12
N TYR A 611 -15.30 -30.42 -24.52
CA TYR A 611 -14.31 -30.14 -25.56
C TYR A 611 -14.92 -30.27 -26.98
N GLY A 612 -15.15 -29.11 -27.62
CA GLY A 612 -15.71 -28.93 -28.96
C GLY A 612 -15.26 -29.91 -30.03
N SER A 613 -13.94 -30.03 -30.25
CA SER A 613 -13.30 -30.93 -31.24
C SER A 613 -13.74 -32.41 -31.13
N ASN A 614 -14.06 -32.87 -29.91
CA ASN A 614 -14.49 -34.25 -29.63
C ASN A 614 -16.03 -34.41 -29.55
N PHE A 615 -16.77 -33.34 -29.92
CA PHE A 615 -18.24 -33.29 -29.91
C PHE A 615 -18.80 -32.71 -31.22
N SER A 617 -21.70 -32.21 -33.56
CA SER A 617 -22.75 -31.18 -33.63
C SER A 617 -24.13 -31.70 -33.23
N ALA A 618 -24.56 -32.85 -33.78
CA ALA A 618 -25.84 -33.51 -33.44
C ALA A 618 -25.91 -33.89 -31.95
N LYS A 619 -24.79 -34.42 -31.40
CA LYS A 619 -24.65 -34.77 -29.99
C LYS A 619 -24.49 -33.49 -29.16
N GLN A 620 -23.80 -32.47 -29.74
CA GLN A 620 -23.56 -31.14 -29.18
C GLN A 620 -24.93 -30.44 -28.93
N MET A 621 -25.86 -30.53 -29.91
CA MET A 621 -27.23 -29.98 -29.83
C MET A 621 -28.10 -30.80 -28.87
N GLU A 622 -27.90 -32.12 -28.90
CA GLU A 622 -28.61 -33.09 -28.07
C GLU A 622 -28.36 -32.81 -26.58
N LEU A 623 -27.10 -32.48 -26.22
CA LEU A 623 -26.71 -32.15 -24.84
C LEU A 623 -27.41 -30.88 -24.37
N ASN A 624 -27.52 -29.87 -25.25
CA ASN A 624 -28.18 -28.60 -24.96
C ASN A 624 -29.69 -28.79 -24.69
N GLU A 625 -30.43 -29.37 -25.68
CA GLU A 625 -31.87 -29.62 -25.57
C GLU A 625 -32.23 -30.38 -24.29
N ALA A 626 -31.47 -31.46 -23.95
CA ALA A 626 -31.65 -32.28 -22.74
C ALA A 626 -31.43 -31.50 -21.44
N LEU A 627 -30.50 -30.51 -21.44
CA LEU A 627 -30.20 -29.69 -20.27
C LEU A 627 -31.21 -28.55 -20.00
N LYS A 628 -32.29 -28.49 -20.79
CA LYS A 628 -33.35 -27.49 -20.69
C LYS A 628 -34.72 -28.18 -20.49
N SER A 629 -35.01 -29.22 -21.32
CA SER A 629 -36.24 -30.00 -21.30
C SER A 629 -36.44 -30.78 -19.99
N TYR A 630 -35.40 -31.49 -19.50
CA TYR A 630 -35.43 -32.34 -18.30
C TYR A 630 -35.50 -31.57 -16.96
N ALA A 631 -36.01 -32.24 -15.89
CA ALA A 631 -36.17 -31.73 -14.53
C ALA A 631 -35.07 -32.27 -13.54
N ASN A 632 -35.12 -31.87 -12.24
CA ASN A 632 -34.16 -32.29 -11.19
C ASN A 632 -34.76 -32.13 -9.77
N SER A 635 -33.81 -29.25 -8.32
CA SER A 635 -34.32 -28.65 -9.56
C SER A 635 -33.34 -27.56 -10.05
N ILE A 636 -32.19 -28.03 -10.60
CA ILE A 636 -31.10 -27.16 -11.06
C ILE A 636 -31.03 -26.92 -12.57
N GLU A 637 -30.81 -25.66 -12.98
CA GLU A 637 -30.66 -25.27 -14.38
C GLU A 637 -29.17 -25.30 -14.70
N LEU A 638 -28.74 -26.28 -15.50
CA LEU A 638 -27.34 -26.48 -15.86
C LEU A 638 -26.92 -25.72 -17.12
N ASP A 639 -25.91 -24.82 -16.99
CA ASP A 639 -25.35 -24.09 -18.14
C ASP A 639 -24.41 -25.02 -18.92
N LEU A 640 -24.32 -24.81 -20.25
CA LEU A 640 -23.51 -25.62 -21.15
C LEU A 640 -22.49 -24.80 -21.93
N VAL A 641 -21.21 -24.96 -21.58
CA VAL A 641 -20.09 -24.22 -22.16
C VAL A 641 -19.29 -25.07 -23.17
N VAL A 642 -18.81 -24.44 -24.27
CA VAL A 642 -17.93 -25.01 -25.31
C VAL A 642 -16.51 -24.44 -25.14
N ARG A 643 -15.50 -25.33 -25.20
CA ARG A 643 -14.11 -24.90 -25.13
C ARG A 643 -13.24 -25.64 -26.15
N ASN A 644 -12.46 -24.88 -26.95
CA ASN A 644 -11.56 -25.35 -28.02
C ASN A 644 -12.26 -26.25 -29.05
N LYS B 2 36.43 46.48 -14.19
CA LYS B 2 36.69 47.67 -13.37
C LYS B 2 35.41 48.33 -12.82
N LYS B 3 34.24 48.14 -13.49
CA LYS B 3 32.94 48.65 -13.05
C LYS B 3 31.97 47.50 -12.76
N GLU B 4 31.61 47.30 -11.47
CA GLU B 4 30.71 46.22 -11.04
C GLU B 4 29.56 46.67 -10.16
N THR B 5 28.38 46.11 -10.41
CA THR B 5 27.19 46.33 -9.61
C THR B 5 26.72 44.95 -9.04
N ILE B 6 26.95 44.68 -7.76
CA ILE B 6 26.51 43.43 -7.13
C ILE B 6 25.09 43.47 -6.62
N PHE B 7 24.27 42.47 -6.92
CA PHE B 7 24.66 41.19 -7.42
C PHE B 7 23.97 41.08 -8.74
N GLU B 9 22.80 41.11 -11.82
CA GLU B 9 23.19 40.02 -12.72
C GLU B 9 22.11 38.94 -12.79
N VAL B 10 21.57 38.70 -14.01
CA VAL B 10 20.50 37.74 -14.25
C VAL B 10 20.98 36.31 -14.61
N GLU B 11 20.33 35.27 -14.04
CA GLU B 11 20.67 33.86 -14.23
C GLU B 11 19.42 33.04 -14.56
N THR B 12 19.59 31.87 -15.21
CA THR B 12 18.52 30.93 -15.57
C THR B 12 18.78 29.54 -14.92
N ALA B 13 17.99 28.50 -15.30
CA ALA B 13 18.14 27.15 -14.75
C ALA B 13 19.34 26.38 -15.33
N ASN B 14 20.02 26.95 -16.37
CA ASN B 14 21.21 26.36 -17.02
C ASN B 14 22.33 27.38 -17.40
N SER B 15 22.11 28.69 -17.12
CA SER B 15 23.06 29.77 -17.35
C SER B 15 24.50 29.38 -16.96
N LYS B 16 24.74 29.16 -15.65
CA LYS B 16 26.07 28.82 -15.14
C LYS B 16 26.58 27.51 -15.70
N GLN B 17 25.67 26.50 -15.85
CA GLN B 17 25.97 25.15 -16.38
C GLN B 17 26.38 25.22 -17.84
N LEU B 18 25.58 25.89 -18.67
CA LEU B 18 25.84 26.10 -20.10
C LEU B 18 27.10 26.94 -20.34
N ALA B 19 27.50 27.81 -19.37
CA ALA B 19 28.70 28.63 -19.46
C ALA B 19 29.95 27.78 -19.28
N VAL B 20 29.98 26.93 -18.23
CA VAL B 20 31.08 26.01 -17.89
C VAL B 20 31.43 25.13 -19.10
N LEU B 21 30.40 24.63 -19.80
CA LEU B 21 30.59 23.79 -20.97
C LEU B 21 31.28 24.50 -22.13
N LYS B 22 30.81 25.71 -22.52
CA LYS B 22 31.42 26.49 -23.59
C LYS B 22 32.87 26.84 -23.22
N ALA B 23 33.11 27.30 -21.97
CA ALA B 23 34.42 27.68 -21.45
C ALA B 23 35.45 26.55 -21.40
N ASN B 24 34.99 25.30 -21.13
CA ASN B 24 35.86 24.13 -21.00
C ASN B 24 35.84 23.14 -22.19
N PHE B 25 34.83 23.25 -23.07
CA PHE B 25 34.70 22.42 -24.26
C PHE B 25 34.28 23.30 -25.46
N PRO B 26 35.15 24.20 -25.97
CA PRO B 26 34.75 25.03 -27.14
C PRO B 26 34.64 24.21 -28.43
N GLN B 27 35.31 23.04 -28.46
CA GLN B 27 35.31 22.11 -29.59
C GLN B 27 33.90 21.57 -29.89
N CYS B 28 33.10 21.37 -28.83
CA CYS B 28 31.74 20.81 -28.87
C CYS B 28 30.64 21.80 -29.17
N PHE B 29 30.98 23.09 -29.36
CA PHE B 29 30.00 24.12 -29.70
C PHE B 29 30.31 24.71 -31.08
N ASP B 30 29.29 24.76 -31.96
CA ASP B 30 29.38 25.28 -33.32
C ASP B 30 29.28 26.80 -33.30
N ASN B 32 29.45 29.08 -35.28
CA ASN B 32 28.41 29.98 -34.78
C ASN B 32 27.04 29.26 -34.65
N GLY B 33 26.76 28.76 -33.45
CA GLY B 33 25.53 28.05 -33.14
C GLY B 33 25.57 27.14 -31.93
N ALA B 34 24.61 26.19 -31.87
CA ALA B 34 24.40 25.23 -30.80
C ALA B 34 25.48 24.12 -30.65
N PHE B 35 25.27 23.22 -29.68
CA PHE B 35 26.12 22.08 -29.29
C PHE B 35 26.23 20.97 -30.35
N ILE B 36 27.39 20.25 -30.35
CA ILE B 36 27.74 19.14 -31.25
C ILE B 36 27.96 17.88 -30.37
N GLN B 37 26.92 17.02 -30.27
CA GLN B 37 26.94 15.79 -29.46
C GLN B 37 28.17 14.91 -29.68
N GLU B 38 28.51 14.64 -30.96
CA GLU B 38 29.65 13.80 -31.39
C GLU B 38 30.99 14.20 -30.80
N LYS B 39 31.23 15.51 -30.64
CA LYS B 39 32.48 16.05 -30.09
C LYS B 39 32.71 15.74 -28.61
N LEU B 40 31.64 15.80 -27.77
CA LEU B 40 31.70 15.49 -26.33
C LEU B 40 31.82 13.98 -26.16
N LEU B 41 31.10 13.21 -27.01
CA LEU B 41 31.13 11.74 -27.03
C LEU B 41 32.53 11.24 -27.37
N GLU B 42 33.25 11.97 -28.26
CA GLU B 42 34.63 11.68 -28.67
C GLU B 42 35.61 11.85 -27.52
N ILE B 43 35.39 12.87 -26.66
CA ILE B 43 36.23 13.14 -25.50
C ILE B 43 36.03 12.10 -24.38
N ILE B 44 34.79 11.55 -24.27
CA ILE B 44 34.40 10.54 -23.27
C ILE B 44 35.00 9.17 -23.57
N ARG B 45 34.91 8.71 -24.85
CA ARG B 45 35.44 7.44 -25.35
C ARG B 45 36.97 7.38 -25.23
N ALA B 46 37.64 8.56 -25.38
CA ALA B 46 39.09 8.73 -25.30
C ALA B 46 39.66 8.49 -23.89
N SER B 47 38.95 8.98 -22.84
CA SER B 47 39.39 8.82 -21.44
C SER B 47 38.98 7.46 -20.82
N GLU B 48 38.73 6.45 -21.69
CA GLU B 48 38.34 5.06 -21.39
C GLU B 48 37.04 4.94 -20.56
N VAL B 49 36.13 5.93 -20.75
CA VAL B 49 34.84 6.04 -20.05
C VAL B 49 33.69 5.43 -20.86
N GLU B 50 33.06 4.39 -20.30
CA GLU B 50 31.95 3.68 -20.92
C GLU B 50 30.67 4.50 -20.90
N LEU B 51 29.72 4.14 -21.78
CA LEU B 51 28.43 4.81 -21.90
C LEU B 51 27.38 4.02 -21.14
N SER B 52 26.79 4.64 -20.12
CA SER B 52 25.75 4.06 -19.25
C SER B 52 24.46 3.72 -19.99
N LYS B 53 23.82 2.60 -19.59
CA LYS B 53 22.54 2.19 -20.15
C LYS B 53 21.38 2.76 -19.30
N GLU B 54 21.74 3.44 -18.17
CA GLU B 54 20.83 4.08 -17.21
C GLU B 54 19.95 5.15 -17.85
N SER B 55 18.66 5.12 -17.54
CA SER B 55 17.67 6.04 -18.07
C SER B 55 16.49 6.10 -17.09
N TYR B 56 16.65 6.90 -16.03
CA TYR B 56 15.64 7.05 -14.99
C TYR B 56 15.76 8.43 -14.32
N SER B 57 14.63 8.90 -13.75
CA SER B 57 14.57 10.15 -13.03
C SER B 57 13.38 10.26 -12.09
N LEU B 58 13.52 11.09 -11.07
CA LEU B 58 12.47 11.49 -10.18
C LEU B 58 12.18 12.93 -10.59
N ASN B 59 11.09 13.10 -11.28
CA ASN B 59 10.67 14.42 -11.66
C ASN B 59 9.70 14.84 -10.56
N TRP B 60 9.66 16.15 -10.29
CA TRP B 60 8.77 16.74 -9.33
C TRP B 60 8.35 18.10 -9.82
N LEU B 61 7.23 18.62 -9.29
CA LEU B 61 6.71 19.95 -9.60
C LEU B 61 7.53 21.03 -8.85
N GLY B 62 8.29 21.81 -9.62
CA GLY B 62 9.19 22.82 -9.11
C GLY B 62 10.65 22.45 -9.36
N LYS B 63 10.89 21.40 -10.15
CA LYS B 63 12.26 21.00 -10.47
C LYS B 63 13.09 22.11 -11.18
N SER B 64 12.52 22.75 -12.23
CA SER B 64 13.19 23.83 -13.00
C SER B 64 13.30 25.11 -12.18
N TYR B 65 12.32 25.33 -11.26
CA TYR B 65 12.25 26.43 -10.31
C TYR B 65 13.42 26.31 -9.31
N ALA B 66 13.61 25.13 -8.74
CA ALA B 66 14.67 24.79 -7.80
C ALA B 66 16.02 24.99 -8.50
N ARG B 67 16.12 24.59 -9.79
CA ARG B 67 17.32 24.73 -10.61
C ARG B 67 17.70 26.19 -10.83
N LEU B 68 16.70 27.07 -10.92
CA LEU B 68 16.84 28.52 -11.09
C LEU B 68 17.34 29.16 -9.81
N LEU B 69 16.71 28.85 -8.64
CA LEU B 69 17.11 29.39 -7.33
C LEU B 69 18.52 29.01 -6.97
N ALA B 70 19.01 27.84 -7.43
CA ALA B 70 20.37 27.37 -7.20
C ALA B 70 21.36 28.29 -7.92
N ASN B 71 21.01 28.73 -9.15
CA ASN B 71 21.78 29.62 -10.01
C ASN B 71 21.63 31.12 -9.66
N LEU B 72 20.46 31.54 -9.15
CA LEU B 72 20.23 32.94 -8.76
C LEU B 72 21.28 33.49 -7.77
N PRO B 73 21.71 34.77 -7.92
CA PRO B 73 22.69 35.33 -6.97
C PRO B 73 22.00 35.77 -5.69
N PRO B 74 22.71 36.14 -4.59
CA PRO B 74 21.98 36.59 -3.39
C PRO B 74 21.10 37.80 -3.71
N LYS B 75 19.99 37.92 -3.00
CA LYS B 75 19.01 39.00 -3.08
C LYS B 75 18.90 39.72 -1.71
N THR B 76 19.95 39.56 -0.87
CA THR B 76 20.10 40.14 0.45
C THR B 76 21.54 40.60 0.66
N LEU B 77 21.80 41.41 1.70
CA LEU B 77 23.15 41.83 2.10
C LEU B 77 23.55 41.15 3.41
N LEU B 78 24.81 41.31 3.84
CA LEU B 78 25.27 40.70 5.08
C LEU B 78 25.82 41.73 6.07
N ALA B 79 25.43 41.61 7.32
CA ALA B 79 25.91 42.48 8.39
C ALA B 79 26.49 41.66 9.55
N GLU B 80 27.16 42.35 10.45
CA GLU B 80 27.78 41.81 11.65
C GLU B 80 26.95 42.22 12.85
N ASP B 81 26.99 41.45 13.96
CA ASP B 81 26.34 41.83 15.22
C ASP B 81 27.52 42.23 16.09
N LYS B 82 28.04 43.44 15.83
CA LYS B 82 29.21 44.01 16.49
C LYS B 82 29.11 44.11 18.00
N THR B 83 27.89 44.24 18.55
CA THR B 83 27.67 44.27 20.02
C THR B 83 28.21 42.96 20.63
N HIS B 84 27.88 41.81 20.02
CA HIS B 84 28.24 40.42 20.43
C HIS B 84 29.75 40.05 20.17
N ASN B 85 30.25 40.38 18.98
CA ASN B 85 31.60 40.10 18.46
C ASN B 85 32.73 41.00 19.00
N GLN B 86 32.42 41.84 20.01
CA GLN B 86 33.37 42.75 20.66
C GLN B 86 33.46 42.40 22.14
N GLN B 87 32.69 41.39 22.56
CA GLN B 87 32.71 40.87 23.91
C GLN B 87 33.99 40.07 24.06
N GLU B 88 34.68 40.20 25.23
CA GLU B 88 35.97 39.56 25.56
C GLU B 88 36.11 38.14 25.05
N GLU B 89 35.14 37.28 25.40
CA GLU B 89 35.05 35.85 25.04
C GLU B 89 34.87 35.53 23.55
N ASN B 90 34.19 36.43 22.80
CA ASN B 90 33.80 36.25 21.41
C ASN B 90 34.66 36.89 20.35
N LYS B 91 35.51 37.89 20.72
CA LYS B 91 36.34 38.63 19.77
C LYS B 91 37.42 37.85 19.02
N ASN B 92 38.11 36.93 19.70
CA ASN B 92 39.18 36.14 19.07
C ASN B 92 38.72 34.75 18.52
N SER B 93 37.39 34.49 18.57
CA SER B 93 36.77 33.24 18.14
C SER B 93 36.81 32.97 16.67
N GLN B 94 36.89 31.66 16.34
CA GLN B 94 36.97 31.16 14.97
C GLN B 94 35.67 30.50 14.52
N HIS B 95 34.67 30.44 15.44
CA HIS B 95 33.34 29.85 15.24
C HIS B 95 32.31 30.90 14.84
N LEU B 96 31.42 30.54 13.91
CA LEU B 96 30.41 31.46 13.40
C LEU B 96 28.96 30.96 13.56
N LEU B 97 28.03 31.84 13.98
CA LEU B 97 26.60 31.56 14.04
C LEU B 97 25.93 32.62 13.16
N ILE B 98 25.24 32.19 12.08
CA ILE B 98 24.57 33.11 11.16
C ILE B 98 23.01 33.06 11.24
N LYS B 99 22.38 34.26 11.24
CA LYS B 99 20.91 34.49 11.26
C LYS B 99 20.42 34.66 9.85
N GLY B 100 19.33 33.98 9.53
CA GLY B 100 18.71 34.08 8.22
C GLY B 100 18.50 32.79 7.47
N ASP B 101 17.89 32.93 6.26
CA ASP B 101 17.60 31.84 5.32
C ASP B 101 18.92 31.22 4.88
N ASN B 102 19.07 29.91 5.15
CA ASN B 102 20.28 29.12 4.85
C ASN B 102 20.73 29.22 3.41
N LEU B 103 19.77 29.15 2.44
CA LEU B 103 20.08 29.25 1.01
C LEU B 103 20.84 30.53 0.69
N GLU B 104 20.33 31.70 1.16
CA GLU B 104 20.95 33.00 0.97
C GLU B 104 22.29 33.13 1.70
N VAL B 105 22.41 32.52 2.91
CA VAL B 105 23.65 32.54 3.70
C VAL B 105 24.76 31.75 2.97
N LEU B 106 24.43 30.53 2.49
CA LEU B 106 25.31 29.65 1.68
C LEU B 106 25.78 30.32 0.38
N LYS B 107 24.91 31.14 -0.24
CA LYS B 107 25.24 31.85 -1.50
C LYS B 107 26.26 32.94 -1.28
N HIS B 108 26.23 33.59 -0.09
CA HIS B 108 27.19 34.63 0.32
C HIS B 108 28.53 33.97 0.61
N MET B 109 28.50 32.76 1.18
CA MET B 109 29.70 31.99 1.56
C MET B 109 30.55 31.43 0.43
N VAL B 110 29.93 31.09 -0.71
CA VAL B 110 30.55 30.49 -1.92
C VAL B 110 31.92 31.11 -2.25
N ASN B 111 31.94 32.43 -2.41
CA ASN B 111 33.12 33.22 -2.76
C ASN B 111 34.36 33.01 -1.87
N ALA B 112 34.20 32.97 -0.53
CA ALA B 112 35.31 32.80 0.40
C ALA B 112 35.54 31.38 0.94
N TYR B 113 34.48 30.53 0.96
CA TYR B 113 34.54 29.20 1.56
C TYR B 113 34.49 28.02 0.59
N ALA B 114 34.33 28.26 -0.73
CA ALA B 114 34.28 27.20 -1.73
C ALA B 114 35.46 26.20 -1.57
N GLU B 115 35.12 24.89 -1.57
CA GLU B 115 36.03 23.75 -1.40
C GLU B 115 36.81 23.76 -0.07
N LYS B 116 36.18 24.28 1.03
CA LYS B 116 36.83 24.39 2.35
C LYS B 116 36.22 23.61 3.50
N VAL B 117 34.95 23.19 3.38
CA VAL B 117 34.20 22.48 4.43
C VAL B 117 34.60 20.99 4.48
N LYS B 118 35.11 20.54 5.65
CA LYS B 118 35.53 19.17 5.90
C LYS B 118 34.30 18.28 6.18
N MET B 119 33.33 18.76 7.00
CA MET B 119 32.12 18.00 7.28
C MET B 119 30.85 18.83 7.42
N ILE B 120 29.73 18.28 6.93
CA ILE B 120 28.39 18.84 7.09
C ILE B 120 27.50 17.81 7.82
N TYR B 121 26.78 18.31 8.84
CA TYR B 121 25.70 17.61 9.52
C TYR B 121 24.47 18.51 9.50
N ILE B 122 23.34 17.99 9.02
CA ILE B 122 22.08 18.75 9.00
C ILE B 122 20.91 17.91 9.42
N ASP B 123 19.95 18.55 10.09
CA ASP B 123 18.69 17.99 10.56
C ASP B 123 17.60 18.79 9.82
N PRO B 124 17.35 18.53 8.53
CA PRO B 124 16.35 19.33 7.81
C PRO B 124 14.92 18.95 8.22
N PRO B 125 13.86 19.73 7.88
CA PRO B 125 12.51 19.29 8.27
C PRO B 125 12.21 17.93 7.65
N TYR B 126 11.67 17.01 8.46
CA TYR B 126 11.37 15.62 8.04
C TYR B 126 10.11 15.55 7.15
N ASN B 127 9.25 16.58 7.23
CA ASN B 127 7.97 16.66 6.52
C ASN B 127 7.07 15.53 6.97
N THR B 128 6.84 15.51 8.29
CA THR B 128 5.89 14.60 8.93
C THR B 128 4.58 15.38 8.71
N GLY B 129 3.43 14.81 8.94
CA GLY B 129 2.23 15.64 8.76
C GLY B 129 1.94 16.60 9.90
N LYS B 130 2.95 16.93 10.74
CA LYS B 130 2.76 17.79 11.93
C LYS B 130 3.98 18.65 12.36
N ASP B 131 4.94 18.86 11.49
CA ASP B 131 6.07 19.74 11.82
C ASP B 131 5.86 21.18 11.28
N GLY B 132 4.67 21.46 10.75
CA GLY B 132 4.35 22.76 10.17
C GLY B 132 5.11 23.08 8.90
N PHE B 133 5.75 22.08 8.25
CA PHE B 133 6.45 22.32 6.99
C PHE B 133 5.45 22.64 5.85
N VAL B 134 5.74 23.74 5.15
CA VAL B 134 5.07 24.26 3.95
C VAL B 134 6.16 24.96 3.14
N TYR B 135 6.03 24.97 1.81
CA TYR B 135 6.97 25.68 0.98
C TYR B 135 6.64 27.20 0.99
N ASN B 136 7.58 28.04 1.46
CA ASN B 136 7.41 29.49 1.47
C ASN B 136 8.67 30.12 0.89
N ASP B 137 8.50 31.11 0.02
CA ASP B 137 9.64 31.70 -0.69
C ASP B 137 10.12 33.11 -0.39
N ASP B 138 9.21 34.11 -0.30
CA ASP B 138 9.52 35.55 -0.17
C ASP B 138 10.13 36.09 -1.51
N ARG B 139 9.69 35.47 -2.64
CA ARG B 139 10.03 35.77 -4.04
C ARG B 139 8.70 36.16 -4.71
N LYS B 140 8.73 37.08 -5.69
CA LYS B 140 7.50 37.55 -6.33
C LYS B 140 7.60 37.71 -7.85
N PHE B 141 8.14 36.68 -8.55
CA PHE B 141 8.29 36.59 -10.01
C PHE B 141 6.94 36.67 -10.70
N THR B 142 6.94 37.19 -11.95
CA THR B 142 5.73 37.25 -12.78
C THR B 142 5.72 35.92 -13.55
N PRO B 143 4.57 35.37 -14.01
CA PRO B 143 4.62 34.11 -14.78
C PRO B 143 5.48 34.20 -16.03
N GLU B 144 5.56 35.42 -16.63
CA GLU B 144 6.35 35.77 -17.82
C GLU B 144 7.85 35.70 -17.49
N GLN B 145 8.25 36.15 -16.26
CA GLN B 145 9.64 36.10 -15.78
C GLN B 145 10.05 34.65 -15.60
N LEU B 146 9.21 33.84 -14.88
CA LEU B 146 9.48 32.42 -14.68
C LEU B 146 9.56 31.65 -16.00
N SER B 147 8.64 31.93 -16.94
CA SER B 147 8.61 31.32 -18.27
C SER B 147 9.97 31.46 -18.99
N GLU B 148 10.58 32.66 -18.97
CA GLU B 148 11.89 32.88 -19.63
C GLU B 148 13.07 32.31 -18.83
N LEU B 149 13.09 32.57 -17.54
CA LEU B 149 14.12 32.05 -16.66
C LEU B 149 14.17 30.55 -16.53
N ALA B 150 13.00 29.91 -16.56
CA ALA B 150 12.82 28.47 -16.35
C ALA B 150 13.39 27.43 -17.32
N GLY B 151 13.45 27.68 -18.61
CA GLY B 151 12.35 28.15 -19.38
C GLY B 151 11.36 27.09 -19.72
N ILE B 152 10.16 27.44 -19.33
CA ILE B 152 8.92 26.70 -19.53
C ILE B 152 7.88 27.61 -20.22
N ASP B 153 6.68 27.10 -20.54
CA ASP B 153 5.65 27.95 -21.16
C ASP B 153 4.95 28.79 -20.08
N LEU B 154 4.12 29.78 -20.49
CA LEU B 154 3.37 30.66 -19.59
C LEU B 154 2.40 29.88 -18.68
N ASP B 155 1.67 28.89 -19.25
CA ASP B 155 0.72 28.07 -18.50
C ASP B 155 1.42 27.18 -17.45
N GLU B 156 2.56 26.55 -17.85
CA GLU B 156 3.41 25.72 -16.97
C GLU B 156 4.00 26.62 -15.87
N ALA B 157 4.46 27.83 -16.26
CA ALA B 157 4.99 28.85 -15.35
C ALA B 157 3.94 29.29 -14.34
N LYS B 158 2.68 29.48 -14.79
CA LYS B 158 1.56 29.89 -13.92
C LYS B 158 1.25 28.80 -12.89
N ARG B 159 1.23 27.51 -13.34
CA ARG B 159 0.99 26.32 -12.53
C ARG B 159 1.98 26.23 -11.34
N ILE B 160 3.28 26.50 -11.65
CA ILE B 160 4.39 26.46 -10.68
C ILE B 160 4.30 27.53 -9.60
N LEU B 161 3.91 28.76 -9.97
CA LEU B 161 3.79 29.86 -9.01
C LEU B 161 2.56 29.67 -8.10
N GLU B 162 1.50 29.05 -8.66
CA GLU B 162 0.27 28.71 -7.95
C GLU B 162 0.64 27.72 -6.84
N PHE B 163 1.51 26.73 -7.20
CA PHE B 163 2.08 25.71 -6.32
C PHE B 163 3.00 26.28 -5.21
N THR B 164 3.93 27.16 -5.58
CA THR B 164 4.90 27.73 -4.63
C THR B 164 4.30 28.68 -3.60
N THR B 165 3.12 29.24 -3.90
CA THR B 165 2.41 30.20 -3.02
C THR B 165 1.25 29.57 -2.25
N LYS B 166 1.01 28.31 -2.50
CA LYS B 166 -0.16 27.58 -2.04
C LYS B 166 -0.31 27.51 -0.52
N GLY B 167 0.78 27.54 0.25
CA GLY B 167 1.90 26.63 0.18
C GLY B 167 1.76 25.18 0.57
N SER B 168 2.38 24.37 -0.25
CA SER B 168 2.39 22.90 -0.22
C SER B 168 3.30 22.21 0.81
N SER B 169 2.87 21.00 1.22
CA SER B 169 3.58 20.11 2.16
C SER B 169 3.98 18.83 1.42
N SER B 170 3.73 18.76 0.10
CA SER B 170 4.03 17.58 -0.73
C SER B 170 5.52 17.28 -0.94
N HIS B 171 5.83 16.11 -1.55
CA HIS B 171 7.18 15.67 -1.89
C HIS B 171 7.88 16.64 -2.82
N SER B 172 7.13 17.19 -3.81
CA SER B 172 7.62 18.19 -4.77
C SER B 172 7.94 19.51 -4.03
N ALA B 173 7.11 19.90 -3.02
CA ALA B 173 7.33 21.10 -2.21
C ALA B 173 8.63 20.98 -1.45
N TRP B 174 8.78 19.79 -0.78
CA TRP B 174 9.96 19.48 0.01
C TRP B 174 11.25 19.39 -0.87
N LEU B 175 11.16 18.81 -2.06
CA LEU B 175 12.29 18.68 -2.98
C LEU B 175 12.71 20.03 -3.57
N THR B 176 11.75 20.91 -3.91
CA THR B 176 12.02 22.26 -4.44
C THR B 176 12.81 23.03 -3.38
N PHE B 177 12.41 22.87 -2.09
CA PHE B 177 13.05 23.45 -0.92
C PHE B 177 14.47 22.90 -0.71
N ILE B 178 14.63 21.57 -0.71
CA ILE B 178 15.91 20.96 -0.38
C ILE B 178 17.02 21.09 -1.43
N TYR B 179 16.67 20.86 -2.71
CA TYR B 179 17.57 20.86 -3.87
C TYR B 179 18.61 22.01 -3.90
N PRO B 180 18.20 23.31 -3.94
CA PRO B 180 19.21 24.39 -4.05
C PRO B 180 20.05 24.59 -2.81
N ARG B 181 19.59 24.13 -1.63
CA ARG B 181 20.35 24.17 -0.38
C ARG B 181 21.51 23.14 -0.41
N LEU B 182 21.23 21.91 -0.88
CA LEU B 182 22.29 20.88 -1.00
C LEU B 182 23.22 21.20 -2.17
N TYR B 183 22.65 21.73 -3.27
CA TYR B 183 23.41 22.13 -4.46
C TYR B 183 24.51 23.16 -4.10
N ILE B 184 24.17 24.18 -3.25
CA ILE B 184 25.15 25.15 -2.80
C ILE B 184 26.12 24.49 -1.81
N ALA B 185 25.62 23.91 -0.70
CA ALA B 185 26.45 23.20 0.31
C ALA B 185 27.58 22.33 -0.32
N ARG B 186 27.26 21.60 -1.43
CA ARG B 186 28.21 20.78 -2.19
C ARG B 186 29.43 21.60 -2.71
N GLU B 187 29.22 22.84 -3.15
CA GLU B 187 30.29 23.72 -3.65
C GLU B 187 31.28 24.13 -2.54
N LEU B 188 30.77 24.23 -1.29
CA LEU B 188 31.51 24.60 -0.08
C LEU B 188 32.36 23.48 0.48
N MET B 189 32.04 22.23 0.14
CA MET B 189 32.78 21.06 0.64
C MET B 189 34.00 20.67 -0.13
N ARG B 190 35.05 20.33 0.63
CA ARG B 190 36.33 19.82 0.15
C ARG B 190 36.08 18.53 -0.64
N GLU B 191 37.04 18.11 -1.48
CA GLU B 191 36.93 16.89 -2.30
C GLU B 191 36.74 15.60 -1.45
N ASP B 192 37.26 15.61 -0.20
CA ASP B 192 37.23 14.53 0.79
C ASP B 192 36.16 14.81 1.83
N GLY B 193 35.44 15.91 1.65
CA GLY B 193 34.40 16.38 2.55
C GLY B 193 33.16 15.54 2.45
N THR B 194 32.48 15.36 3.60
CA THR B 194 31.29 14.53 3.76
C THR B 194 30.05 15.28 4.23
N ILE B 195 28.90 14.80 3.78
CA ILE B 195 27.63 15.35 4.21
C ILE B 195 26.80 14.23 4.86
N PHE B 196 26.33 14.46 6.10
CA PHE B 196 25.47 13.55 6.85
C PHE B 196 24.11 14.23 6.96
N ILE B 197 23.04 13.56 6.53
CA ILE B 197 21.71 14.17 6.57
C ILE B 197 20.68 13.35 7.34
N SER B 198 20.16 13.86 8.47
CA SER B 198 19.09 13.19 9.22
C SER B 198 17.77 13.29 8.48
N ILE B 199 17.00 12.19 8.46
CA ILE B 199 15.70 12.12 7.78
C ILE B 199 14.95 10.95 8.37
N ASP B 200 13.63 10.85 8.07
CA ASP B 200 12.79 9.73 8.49
C ASP B 200 12.12 9.05 7.26
N HIS B 201 11.10 8.18 7.49
CA HIS B 201 10.42 7.43 6.42
C HIS B 201 9.70 8.35 5.39
N ASN B 202 9.27 9.54 5.84
CA ASN B 202 8.54 10.50 5.02
C ASN B 202 9.24 10.93 3.78
N GLU B 203 10.57 11.22 3.81
CA GLU B 203 11.30 11.69 2.63
C GLU B 203 12.62 10.99 2.34
N PHE B 204 12.87 9.80 2.94
CA PHE B 204 14.11 9.03 2.71
C PHE B 204 14.37 8.70 1.26
N SER B 205 13.33 8.20 0.51
CA SER B 205 13.53 7.83 -0.89
C SER B 205 13.82 9.05 -1.75
N GLN B 206 13.02 10.10 -1.57
CA GLN B 206 13.12 11.40 -2.24
C GLN B 206 14.45 12.06 -1.93
N LEU B 207 14.90 12.03 -0.64
CA LEU B 207 16.23 12.56 -0.26
C LEU B 207 17.35 11.82 -1.00
N LYS B 208 17.37 10.49 -0.95
CA LYS B 208 18.34 9.65 -1.62
C LYS B 208 18.48 10.00 -3.08
N LEU B 209 17.37 10.05 -3.78
CA LEU B 209 17.35 10.32 -5.22
C LEU B 209 17.80 11.75 -5.60
N VAL B 210 17.45 12.77 -4.78
CA VAL B 210 17.89 14.14 -5.01
C VAL B 210 19.40 14.31 -4.70
N CYS B 211 19.94 13.52 -3.76
CA CYS B 211 21.39 13.52 -3.49
C CYS B 211 22.15 12.91 -4.66
N ASP B 212 21.59 11.86 -5.31
CA ASP B 212 22.16 11.27 -6.54
C ASP B 212 22.18 12.33 -7.65
N GLU B 213 21.07 13.10 -7.82
CA GLU B 213 20.97 14.17 -8.79
C GLU B 213 21.96 15.35 -8.51
N ILE B 214 22.37 15.54 -7.23
CA ILE B 214 23.28 16.59 -6.79
C ILE B 214 24.74 16.16 -6.72
N PHE B 215 25.01 14.96 -6.18
CA PHE B 215 26.37 14.44 -5.99
C PHE B 215 26.80 13.32 -6.93
N GLY B 216 25.81 12.60 -7.46
CA GLY B 216 26.06 11.39 -8.26
C GLY B 216 26.07 10.16 -7.36
N GLU B 217 25.38 9.07 -7.78
CA GLU B 217 25.27 7.83 -7.02
C GLU B 217 26.58 7.17 -6.61
N GLN B 218 27.64 7.34 -7.40
CA GLN B 218 28.97 6.79 -7.14
C GLN B 218 29.61 7.42 -5.90
N ASN B 219 29.12 8.60 -5.48
CA ASN B 219 29.62 9.36 -4.32
C ASN B 219 28.81 9.12 -3.04
N HIS B 220 27.93 8.13 -3.08
CA HIS B 220 27.12 7.68 -1.96
C HIS B 220 28.03 6.87 -1.05
N VAL B 221 28.23 7.31 0.20
CA VAL B 221 29.05 6.56 1.15
C VAL B 221 28.21 5.39 1.74
N GLY B 222 27.00 5.71 2.21
CA GLY B 222 26.10 4.74 2.77
C GLY B 222 25.02 5.36 3.61
N ASP B 223 24.13 4.53 4.18
CA ASP B 223 23.05 5.02 5.00
C ASP B 223 23.08 4.38 6.34
N LEU B 224 22.92 5.21 7.36
CA LEU B 224 22.91 4.76 8.74
C LEU B 224 21.49 4.73 9.26
N VAL B 225 21.19 3.76 10.11
CA VAL B 225 19.93 3.70 10.86
C VAL B 225 20.22 4.00 12.31
N TRP B 226 19.54 4.98 12.79
CA TRP B 226 19.68 5.42 14.17
C TRP B 226 18.47 4.86 14.87
N LYS B 227 18.65 3.76 15.58
CA LYS B 227 17.55 3.15 16.35
C LYS B 227 17.57 3.97 17.66
N ASN B 228 16.72 5.01 17.73
CA ASN B 228 16.71 6.05 18.77
C ASN B 228 15.64 6.14 19.83
N ALA B 229 14.64 5.28 19.81
CA ALA B 229 13.53 5.38 20.75
C ALA B 229 12.83 4.04 20.83
N THR B 230 11.79 3.99 21.67
CA THR B 230 10.87 2.87 21.94
C THR B 230 9.49 3.42 21.68
N ASP B 231 8.67 2.66 20.96
CA ASP B 231 7.30 3.03 20.69
C ASP B 231 6.43 1.85 21.01
N ASN B 232 5.50 2.04 21.94
CA ASN B 232 4.59 1.01 22.41
C ASN B 232 3.11 1.22 22.06
N ASN B 233 2.84 2.18 21.13
CA ASN B 233 1.49 2.46 20.63
C ASN B 233 1.03 1.31 19.75
N PRO B 234 -0.17 0.72 19.96
CA PRO B 234 -0.58 -0.42 19.12
C PRO B 234 -0.71 -0.10 17.62
N SER B 235 0.18 -0.70 16.82
CA SER B 235 0.23 -0.56 15.38
C SER B 235 0.54 -1.89 14.71
N ASN B 236 0.89 -1.85 13.42
CA ASN B 236 1.29 -2.97 12.59
C ASN B 236 2.78 -3.15 12.85
N ILE B 237 3.61 -2.16 12.40
CA ILE B 237 5.05 -2.09 12.72
C ILE B 237 5.21 -1.00 13.83
N ALA B 238 6.02 -1.27 14.91
CA ALA B 238 6.44 -0.33 15.97
C ALA B 238 7.71 0.33 15.48
N VAL B 239 7.57 1.54 14.87
CA VAL B 239 8.66 2.29 14.23
C VAL B 239 9.53 2.97 15.28
N GLU B 240 10.81 2.58 15.36
CA GLU B 240 11.73 2.98 16.43
C GLU B 240 13.09 3.48 15.98
N HIS B 241 13.25 3.69 14.69
CA HIS B 241 14.48 4.12 14.07
C HIS B 241 14.24 5.32 13.18
N GLU B 242 15.36 5.91 12.73
CA GLU B 242 15.45 7.06 11.82
C GLU B 242 16.65 6.80 10.88
N TYR B 243 16.88 7.71 9.91
CA TYR B 243 17.97 7.52 8.95
C TYR B 243 18.96 8.67 8.88
N ILE B 244 20.17 8.36 8.40
CA ILE B 244 21.25 9.29 8.15
C ILE B 244 21.86 8.91 6.80
N ILE B 245 21.51 9.67 5.76
CA ILE B 245 22.03 9.51 4.41
C ILE B 245 23.39 10.21 4.39
N VAL B 246 24.46 9.49 4.00
CA VAL B 246 25.85 9.99 3.94
C VAL B 246 26.34 9.97 2.49
N TYR B 247 26.83 11.13 2.00
CA TYR B 247 27.44 11.28 0.67
C TYR B 247 28.80 11.94 0.78
N THR B 248 29.56 11.89 -0.30
CA THR B 248 30.86 12.56 -0.37
C THR B 248 30.99 13.36 -1.68
N LYS B 249 32.03 14.21 -1.78
CA LYS B 249 32.32 15.05 -2.94
C LYS B 249 33.05 14.32 -4.10
N LYS B 251 34.34 10.63 -3.87
CA LYS B 251 34.65 9.31 -3.32
C LYS B 251 36.05 8.79 -3.65
N GLU B 252 36.57 9.13 -4.84
CA GLU B 252 37.93 8.77 -5.29
C GLU B 252 38.98 9.43 -4.40
N GLN B 253 38.65 10.59 -3.82
CA GLN B 253 39.50 11.38 -2.93
C GLN B 253 39.31 11.10 -1.43
N LEU B 254 38.33 10.23 -1.07
CA LEU B 254 37.97 9.92 0.31
C LEU B 254 38.83 8.85 0.93
N ILE B 255 39.16 9.03 2.22
CA ILE B 255 39.92 8.09 3.02
C ILE B 255 39.25 6.69 2.99
N SER B 256 40.05 5.63 2.78
CA SER B 256 39.64 4.22 2.67
C SER B 256 38.85 3.72 3.89
N GLU B 257 39.21 4.22 5.07
CA GLU B 257 38.55 3.84 6.32
C GLU B 257 38.36 4.95 7.34
N TRP B 258 37.32 4.80 8.17
CA TRP B 258 36.95 5.70 9.26
C TRP B 258 37.16 4.99 10.59
N LYS B 259 37.93 5.62 11.48
CA LYS B 259 38.23 5.09 12.80
C LYS B 259 38.20 6.21 13.82
N SER B 260 37.58 5.96 14.97
CA SER B 260 37.40 6.94 16.05
C SER B 260 38.58 6.90 17.01
N ASN B 261 39.21 8.06 17.23
CA ASN B 261 40.32 8.17 18.17
C ASN B 261 40.00 9.29 19.16
N ILE B 262 38.96 9.05 19.95
CA ILE B 262 38.38 9.96 20.92
C ILE B 262 38.59 9.41 22.34
N SER B 263 38.89 8.10 22.45
CA SER B 263 39.10 7.41 23.73
C SER B 263 40.57 7.21 24.08
N ASP B 264 41.02 7.97 25.10
CA ASP B 264 42.36 7.88 25.65
C ASP B 264 42.45 6.64 26.55
N VAL B 265 41.32 6.22 27.16
CA VAL B 265 41.24 5.02 28.01
C VAL B 265 41.38 3.73 27.19
N LYS B 266 40.95 3.75 25.91
CA LYS B 266 41.10 2.59 25.02
C LYS B 266 42.58 2.45 24.70
N ASN B 267 43.20 3.55 24.20
CA ASN B 267 44.62 3.61 23.86
C ASN B 267 45.50 3.20 25.04
N LEU B 268 45.13 3.62 26.26
CA LEU B 268 45.81 3.26 27.50
C LEU B 268 45.76 1.74 27.70
N LEU B 269 44.55 1.16 27.58
CA LEU B 269 44.31 -0.27 27.76
C LEU B 269 44.92 -1.12 26.66
N VAL B 270 45.07 -0.53 25.44
CA VAL B 270 45.73 -1.14 24.29
C VAL B 270 47.22 -1.20 24.64
N ASN B 271 47.77 -0.06 25.12
CA ASN B 271 49.17 0.07 25.54
C ASN B 271 49.50 -0.85 26.69
N ILE B 272 48.69 -0.81 27.77
CA ILE B 272 48.84 -1.65 28.95
C ILE B 272 48.66 -3.16 28.65
N GLY B 273 47.79 -3.49 27.69
CA GLY B 273 47.58 -4.86 27.23
C GLY B 273 48.86 -5.43 26.67
N GLU B 274 49.45 -4.73 25.65
CA GLU B 274 50.72 -5.06 24.99
C GLU B 274 51.87 -5.01 26.01
N GLU B 275 52.03 -3.85 26.71
CA GLU B 275 53.06 -3.57 27.73
C GLU B 275 53.37 -4.78 28.58
N PHE B 276 52.33 -5.51 29.02
CA PHE B 276 52.44 -6.72 29.83
C PHE B 276 52.92 -7.93 28.97
N ALA B 277 54.00 -7.70 28.16
CA ALA B 277 54.69 -8.68 27.31
C ALA B 277 55.70 -9.42 28.20
N SER B 278 56.17 -8.71 29.26
CA SER B 278 57.10 -9.19 30.28
C SER B 278 56.57 -10.45 30.98
N LYS B 279 55.26 -10.42 31.34
CA LYS B 279 54.55 -11.53 31.98
C LYS B 279 53.82 -12.32 30.91
N TYR B 280 54.04 -13.65 30.85
CA TYR B 280 53.43 -14.50 29.82
C TYR B 280 52.52 -15.59 30.37
N THR B 281 52.98 -16.32 31.38
CA THR B 281 52.23 -17.45 31.91
C THR B 281 51.02 -16.93 32.65
N GLY B 282 50.02 -17.78 32.80
CA GLY B 282 48.93 -17.49 33.72
C GLY B 282 48.77 -18.51 34.84
N ASN B 283 48.46 -18.04 36.04
CA ASN B 283 47.63 -16.86 36.24
C ASN B 283 48.48 -15.63 36.34
N GLU B 284 49.79 -15.83 36.22
CA GLU B 284 50.79 -14.77 36.44
C GLU B 284 50.53 -13.46 35.67
N LEU B 285 50.01 -13.56 34.42
CA LEU B 285 49.65 -12.41 33.60
C LEU B 285 48.37 -11.76 34.17
N GLN B 286 47.46 -12.58 34.70
CA GLN B 286 46.22 -12.13 35.35
C GLN B 286 46.48 -11.73 36.82
N GLU B 287 47.64 -12.13 37.39
CA GLU B 287 48.06 -11.79 38.78
C GLU B 287 48.53 -10.33 38.74
N LYS B 288 49.46 -10.05 37.80
CA LYS B 288 50.11 -8.79 37.54
C LYS B 288 49.15 -7.75 36.97
N TYR B 289 48.13 -8.17 36.19
CA TYR B 289 47.19 -7.22 35.61
C TYR B 289 46.11 -6.79 36.62
N THR B 290 45.56 -7.75 37.40
CA THR B 290 44.53 -7.53 38.44
C THR B 290 45.05 -6.54 39.47
N GLN B 291 46.31 -6.72 39.90
CA GLN B 291 46.99 -5.84 40.86
C GLN B 291 46.96 -4.40 40.31
N TRP B 292 47.39 -4.20 39.02
CA TRP B 292 47.37 -2.91 38.32
C TRP B 292 45.95 -2.39 38.13
N PHE B 293 45.02 -3.29 37.78
CA PHE B 293 43.62 -2.95 37.54
C PHE B 293 42.90 -2.46 38.80
N ARG B 294 43.14 -3.11 39.95
CA ARG B 294 42.52 -2.72 41.22
C ARG B 294 42.85 -1.26 41.62
N GLU B 295 44.07 -0.78 41.28
CA GLU B 295 44.51 0.58 41.54
C GLU B 295 43.87 1.56 40.53
N HIS B 296 44.15 1.38 39.22
CA HIS B 296 43.72 2.24 38.12
C HIS B 296 42.26 2.11 37.61
N ARG B 297 41.47 1.16 38.18
CA ARG B 297 40.07 0.86 37.81
C ARG B 297 39.21 2.08 37.47
N SER B 298 39.09 3.04 38.41
CA SER B 298 38.26 4.25 38.29
C SER B 298 38.74 5.28 37.27
N GLU B 299 40.00 5.17 36.82
CA GLU B 299 40.60 6.07 35.83
C GLU B 299 40.32 5.57 34.38
N LEU B 300 39.58 4.45 34.25
CA LEU B 300 39.30 3.73 33.00
C LEU B 300 37.90 3.90 32.39
N TRP B 301 36.98 4.63 33.05
CA TRP B 301 35.62 4.87 32.53
C TRP B 301 35.64 5.32 31.03
N PRO B 302 34.82 4.72 30.13
CA PRO B 302 33.79 3.67 30.36
C PRO B 302 34.25 2.22 30.22
N LEU B 303 35.57 2.00 30.02
CA LEU B 303 36.20 0.69 29.84
C LEU B 303 36.65 0.05 31.17
N ASP B 304 36.01 0.43 32.29
CA ASP B 304 36.35 -0.03 33.64
C ASP B 304 35.82 -1.39 34.11
N ARG B 305 35.21 -2.19 33.21
CA ARG B 305 34.73 -3.53 33.53
C ARG B 305 35.67 -4.56 32.92
N TYR B 306 36.67 -4.07 32.18
CA TYR B 306 37.72 -4.81 31.49
C TYR B 306 38.79 -5.24 32.51
N LYS B 307 38.38 -6.19 33.36
CA LYS B 307 39.19 -6.74 34.45
C LYS B 307 40.10 -7.91 34.05
N TYR B 308 39.83 -8.55 32.90
CA TYR B 308 40.65 -9.70 32.46
C TYR B 308 41.69 -9.40 31.40
N ILE B 309 42.66 -10.31 31.26
CA ILE B 309 43.75 -10.25 30.28
C ILE B 309 44.09 -11.67 29.79
N ASP B 310 44.59 -11.73 28.54
CA ASP B 310 45.12 -12.91 27.87
C ASP B 310 46.19 -12.45 26.87
N LYS B 311 46.79 -13.36 26.07
CA LYS B 311 47.86 -13.05 25.12
C LYS B 311 47.53 -11.97 24.07
N ASP B 312 46.23 -11.78 23.79
CA ASP B 312 45.70 -10.86 22.77
C ASP B 312 45.25 -9.51 23.31
N GLY B 313 45.33 -9.35 24.63
CA GLY B 313 44.97 -8.11 25.32
C GLY B 313 43.93 -8.20 26.42
N ILE B 314 43.54 -7.01 26.90
CA ILE B 314 42.54 -6.80 27.96
C ILE B 314 41.14 -6.92 27.37
N TYR B 315 40.23 -7.56 28.14
CA TYR B 315 38.86 -7.78 27.72
C TYR B 315 37.87 -7.78 28.88
N THR B 316 36.56 -7.73 28.57
CA THR B 316 35.47 -7.81 29.53
C THR B 316 34.62 -9.03 29.17
N GLY B 317 33.70 -9.38 30.07
CA GLY B 317 32.74 -10.46 29.85
C GLY B 317 31.42 -9.96 29.30
N SER B 318 30.82 -10.69 28.34
CA SER B 318 29.54 -10.32 27.73
C SER B 318 28.41 -11.36 27.96
N GLN B 319 27.26 -10.90 28.45
CA GLN B 319 26.11 -11.76 28.71
C GLN B 319 25.21 -11.95 27.48
N SER B 320 25.78 -11.61 26.31
CA SER B 320 25.16 -11.66 24.98
C SER B 320 25.18 -13.07 24.33
N VAL B 321 25.07 -14.11 25.15
CA VAL B 321 25.12 -15.49 24.65
C VAL B 321 23.72 -16.05 24.40
N HIS B 322 22.76 -15.62 25.23
CA HIS B 322 21.36 -16.04 25.20
C HIS B 322 20.63 -15.35 24.09
N ASN B 323 19.47 -15.88 23.73
CA ASN B 323 18.66 -15.27 22.69
C ASN B 323 17.64 -14.28 23.34
N PRO B 324 17.69 -12.96 22.97
CA PRO B 324 16.79 -11.98 23.60
C PRO B 324 15.35 -12.09 23.12
N GLY B 325 14.42 -12.18 24.09
CA GLY B 325 12.97 -12.26 23.88
C GLY B 325 12.42 -13.48 23.15
N LYS B 326 13.30 -14.28 22.53
CA LYS B 326 12.94 -15.46 21.75
C LYS B 326 13.74 -16.70 22.15
N GLU B 327 13.12 -17.90 21.98
CA GLU B 327 13.73 -19.20 22.22
C GLU B 327 14.78 -19.40 21.12
N GLY B 328 15.97 -19.82 21.54
CA GLY B 328 17.10 -20.02 20.64
C GLY B 328 17.46 -21.47 20.44
N TYR B 329 18.79 -21.70 20.36
CA TYR B 329 19.41 -23.00 20.14
C TYR B 329 19.73 -23.66 21.45
N ARG B 330 19.26 -24.89 21.61
CA ARG B 330 19.47 -25.74 22.79
C ARG B 330 20.52 -26.82 22.47
N TYR B 331 21.58 -26.83 23.25
CA TYR B 331 22.68 -27.79 23.21
C TYR B 331 23.39 -27.70 24.54
N ASP B 332 24.33 -28.62 24.78
CA ASP B 332 25.10 -28.63 26.01
C ASP B 332 26.51 -28.15 25.82
N ILE B 333 27.02 -27.47 26.84
CA ILE B 333 28.41 -27.01 26.87
C ILE B 333 28.99 -27.69 28.11
N ILE B 334 30.09 -28.43 27.93
CA ILE B 334 30.72 -29.15 29.04
C ILE B 334 31.83 -28.30 29.61
N HIS B 335 31.79 -28.09 30.94
CA HIS B 335 32.77 -27.29 31.65
C HIS B 335 34.20 -27.89 31.60
N PRO B 336 35.18 -27.11 31.09
CA PRO B 336 36.54 -27.64 30.93
C PRO B 336 37.25 -28.19 32.18
N LYS B 337 36.81 -27.77 33.38
CA LYS B 337 37.42 -28.20 34.64
C LYS B 337 36.50 -29.13 35.46
N THR B 338 35.21 -28.78 35.64
CA THR B 338 34.28 -29.60 36.43
C THR B 338 33.77 -30.81 35.63
N LYS B 339 33.96 -30.78 34.28
CA LYS B 339 33.55 -31.79 33.29
C LYS B 339 32.08 -32.20 33.47
N LYS B 340 31.22 -31.20 33.74
CA LYS B 340 29.78 -31.30 33.95
C LYS B 340 29.11 -30.34 32.94
N PRO B 341 27.83 -30.57 32.51
CA PRO B 341 27.19 -29.61 31.57
C PRO B 341 26.93 -28.24 32.21
N CYS B 342 27.24 -27.15 31.50
CA CYS B 342 27.03 -25.79 32.00
C CYS B 342 25.56 -25.43 32.08
N LYS B 343 25.22 -24.46 32.98
CA LYS B 343 23.87 -23.93 33.17
C LYS B 343 23.45 -23.24 31.87
N GLN B 344 22.35 -23.72 31.29
CA GLN B 344 21.80 -23.25 30.04
C GLN B 344 21.01 -21.94 30.21
N PRO B 345 21.05 -21.00 29.24
CA PRO B 345 20.25 -19.77 29.39
C PRO B 345 18.76 -20.11 29.26
N LEU B 346 17.87 -19.43 30.00
CA LEU B 346 16.43 -19.72 29.95
C LEU B 346 15.81 -19.76 28.53
N MET B 347 16.36 -18.94 27.59
CA MET B 347 15.89 -18.86 26.19
C MET B 347 16.80 -19.58 25.19
N GLY B 348 17.70 -20.43 25.68
CA GLY B 348 18.68 -21.14 24.85
C GLY B 348 19.75 -20.19 24.36
N TYR B 349 20.54 -20.64 23.37
CA TYR B 349 21.62 -19.83 22.83
C TYR B 349 21.22 -19.01 21.61
N ARG B 350 22.02 -17.96 21.36
CA ARG B 350 21.86 -17.02 20.26
C ARG B 350 22.34 -17.65 18.97
N PHE B 351 23.36 -18.51 19.07
CA PHE B 351 24.02 -19.13 17.94
C PHE B 351 24.00 -20.64 17.97
N PRO B 352 23.96 -21.29 16.76
CA PRO B 352 23.96 -22.75 16.72
C PRO B 352 25.21 -23.39 17.30
N LEU B 353 25.17 -24.70 17.57
CA LEU B 353 26.25 -25.49 18.16
C LEU B 353 27.57 -25.34 17.42
N ASP B 354 27.55 -25.40 16.07
CA ASP B 354 28.73 -25.28 15.18
C ASP B 354 29.48 -23.98 15.34
N THR B 355 28.74 -22.91 15.67
CA THR B 355 29.29 -21.58 15.93
C THR B 355 29.97 -21.60 17.30
N MET B 356 29.28 -22.13 18.31
CA MET B 356 29.79 -22.28 19.69
C MET B 356 31.13 -23.03 19.79
N ASP B 357 31.30 -24.09 18.98
CA ASP B 357 32.52 -24.91 18.93
C ASP B 357 33.69 -24.13 18.34
N ARG B 358 33.44 -23.28 17.32
CA ARG B 358 34.45 -22.43 16.67
C ARG B 358 34.97 -21.35 17.63
N LEU B 359 34.08 -20.77 18.50
CA LEU B 359 34.45 -19.76 19.51
C LEU B 359 35.23 -20.42 20.64
N LEU B 360 34.89 -21.68 20.98
CA LEU B 360 35.57 -22.50 22.00
C LEU B 360 36.98 -22.88 21.55
N SER B 361 37.25 -22.89 20.22
CA SER B 361 38.52 -23.21 19.58
C SER B 361 39.44 -21.99 19.66
N GLU B 362 38.86 -20.80 19.37
CA GLU B 362 39.55 -19.50 19.40
C GLU B 362 39.65 -18.94 20.84
N GLU B 363 39.19 -19.74 21.84
CA GLU B 363 39.16 -19.44 23.28
C GLU B 363 38.55 -18.04 23.53
N LYS B 364 37.35 -17.84 22.96
CA LYS B 364 36.56 -16.61 23.07
C LYS B 364 35.37 -16.85 24.00
N ILE B 365 35.45 -17.90 24.85
CA ILE B 365 34.41 -18.24 25.83
C ILE B 365 34.96 -18.24 27.26
N ILE B 366 34.23 -17.54 28.16
CA ILE B 366 34.55 -17.44 29.59
C ILE B 366 33.56 -18.30 30.39
N PHE B 367 34.10 -19.25 31.17
CA PHE B 367 33.35 -20.14 32.07
C PHE B 367 33.53 -19.65 33.51
N GLY B 368 32.57 -19.98 34.37
CA GLY B 368 32.67 -19.68 35.80
C GLY B 368 33.66 -20.60 36.47
N ASP B 369 33.64 -20.64 37.82
CA ASP B 369 34.52 -21.55 38.57
C ASP B 369 33.77 -22.90 38.65
N ASP B 370 32.45 -22.82 38.44
CA ASP B 370 31.42 -23.86 38.42
C ASP B 370 30.90 -24.01 36.98
N GLU B 371 29.90 -24.89 36.78
CA GLU B 371 29.25 -25.18 35.49
C GLU B 371 27.88 -24.47 35.40
N LYS B 373 27.08 -21.35 36.67
CA LYS B 373 27.37 -20.14 35.91
C LYS B 373 27.32 -20.30 34.37
N ILE B 374 26.47 -19.48 33.71
CA ILE B 374 26.26 -19.42 32.25
C ILE B 374 27.51 -18.80 31.61
N ILE B 375 27.92 -19.31 30.44
CA ILE B 375 29.08 -18.82 29.67
C ILE B 375 28.93 -17.37 29.21
N GLU B 376 30.07 -16.73 28.92
CA GLU B 376 30.15 -15.34 28.47
C GLU B 376 31.08 -15.23 27.27
N LEU B 377 31.00 -14.12 26.55
CA LEU B 377 31.85 -13.87 25.39
C LEU B 377 32.92 -12.86 25.76
N LYS B 378 34.13 -13.03 25.20
CA LYS B 378 35.24 -12.09 25.40
C LYS B 378 35.09 -10.91 24.44
N VAL B 379 35.01 -9.69 24.98
CA VAL B 379 34.91 -8.43 24.20
C VAL B 379 36.16 -7.64 24.55
N TYR B 380 37.05 -7.46 23.58
CA TYR B 380 38.34 -6.79 23.77
C TYR B 380 38.30 -5.26 23.66
N ALA B 381 39.13 -4.57 24.46
CA ALA B 381 39.29 -3.14 24.47
C ALA B 381 39.85 -2.64 23.14
N LYS B 382 40.78 -3.41 22.52
CA LYS B 382 41.39 -3.11 21.21
C LYS B 382 40.34 -2.95 20.10
N ASP B 383 39.16 -3.49 20.36
CA ASP B 383 38.06 -3.54 19.44
C ASP B 383 37.01 -2.49 19.67
N TYR B 384 37.25 -1.56 20.57
CA TYR B 384 36.15 -0.91 21.24
C TYR B 384 35.24 -0.06 20.34
N LYS B 385 35.80 0.80 19.52
CA LYS B 385 34.98 1.64 18.65
C LYS B 385 35.58 1.51 17.30
N GLN B 386 35.90 0.29 16.98
CA GLN B 386 36.66 -0.12 15.81
C GLN B 386 36.03 0.15 14.46
N LYS B 387 34.71 0.48 14.42
CA LYS B 387 34.02 0.68 13.13
C LYS B 387 32.75 1.52 13.21
N LEU B 388 32.36 2.16 12.10
CA LEU B 388 31.09 2.86 12.05
C LEU B 388 30.00 1.90 11.49
N SER B 389 29.36 1.18 12.41
CA SER B 389 28.28 0.24 12.09
C SER B 389 27.11 1.02 11.46
N SER B 390 26.40 0.40 10.51
CA SER B 390 25.30 1.08 9.83
C SER B 390 24.03 1.16 10.72
N VAL B 391 24.02 0.43 11.84
CA VAL B 391 22.92 0.47 12.80
C VAL B 391 23.46 0.97 14.13
N ILE B 392 23.04 2.21 14.52
CA ILE B 392 23.43 2.92 15.75
C ILE B 392 22.35 2.84 16.81
N HIS B 393 22.69 2.32 17.97
CA HIS B 393 21.77 2.20 19.10
C HIS B 393 22.13 3.26 20.12
N LEU B 394 21.41 4.36 20.08
CA LEU B 394 21.64 5.49 20.98
C LEU B 394 20.31 6.19 21.18
N ASP B 395 19.74 6.07 22.38
CA ASP B 395 18.49 6.68 22.82
C ASP B 395 18.59 8.24 22.80
N GLY B 396 17.86 8.87 21.90
CA GLY B 396 17.88 10.32 21.73
C GLY B 396 17.20 11.13 22.81
N ARG B 397 16.74 10.48 23.89
CA ARG B 397 16.09 11.12 25.03
C ARG B 397 17.07 12.02 25.79
N VAL B 398 18.38 11.67 25.77
CA VAL B 398 19.46 12.44 26.38
C VAL B 398 19.54 13.86 25.86
N ALA B 399 18.89 14.17 24.71
CA ALA B 399 18.85 15.54 24.17
C ALA B 399 18.13 16.41 25.19
N THR B 400 17.06 15.86 25.81
CA THR B 400 16.29 16.55 26.85
C THR B 400 17.18 16.83 28.07
N ASN B 401 18.01 15.85 28.51
CA ASN B 401 18.96 16.02 29.61
C ASN B 401 19.97 17.11 29.33
N GLU B 402 20.58 17.10 28.12
CA GLU B 402 21.58 18.08 27.70
C GLU B 402 21.06 19.51 27.75
N LEU B 403 19.81 19.70 27.28
CA LEU B 403 19.08 20.96 27.18
C LEU B 403 18.51 21.43 28.50
N LYS B 404 18.08 20.50 29.37
CA LYS B 404 17.53 20.79 30.72
C LYS B 404 18.63 21.30 31.63
N GLU B 405 19.88 20.91 31.32
CA GLU B 405 21.11 21.29 32.00
C GLU B 405 21.46 22.74 31.67
N LEU B 406 21.39 23.14 30.37
CA LEU B 406 21.66 24.51 29.94
C LEU B 406 20.51 25.44 30.31
N PHE B 407 19.26 24.98 30.17
CA PHE B 407 18.05 25.78 30.45
C PHE B 407 17.22 25.21 31.58
N PRO B 408 17.65 25.35 32.87
CA PRO B 408 16.87 24.73 33.95
C PRO B 408 15.51 25.36 34.21
N GLU B 409 15.35 26.60 33.71
CA GLU B 409 14.12 27.38 33.84
C GLU B 409 12.99 26.96 32.90
N MET B 410 13.32 26.33 31.76
CA MET B 410 12.37 25.91 30.73
C MET B 410 12.09 24.42 30.80
N THR B 411 10.78 24.05 30.82
CA THR B 411 10.29 22.67 30.85
C THR B 411 10.69 21.92 29.56
N GLN B 412 10.42 22.53 28.38
CA GLN B 412 10.83 21.98 27.09
C GLN B 412 11.30 23.09 26.11
N PRO B 413 12.63 23.40 26.11
CA PRO B 413 13.14 24.50 25.27
C PRO B 413 12.90 24.42 23.77
N PHE B 414 13.13 23.25 23.17
CA PHE B 414 13.01 23.02 21.73
C PHE B 414 12.18 21.78 21.48
N THR B 415 11.44 21.82 20.37
CA THR B 415 10.63 20.71 19.87
C THR B 415 11.61 19.77 19.16
N ASN B 416 11.66 18.49 19.59
CA ASN B 416 12.52 17.45 18.96
C ASN B 416 13.97 17.84 18.57
N ALA B 417 14.87 17.88 19.57
CA ALA B 417 16.29 18.21 19.42
C ALA B 417 17.19 16.96 19.34
N LYS B 418 18.24 17.03 18.53
CA LYS B 418 19.23 15.98 18.38
C LYS B 418 20.24 16.02 19.53
N THR B 419 20.76 14.84 19.93
CA THR B 419 21.77 14.68 20.97
C THR B 419 23.17 14.92 20.43
N ILE B 420 24.03 15.53 21.27
CA ILE B 420 25.46 15.83 21.08
C ILE B 420 26.16 14.52 20.77
N LYS B 421 25.75 13.44 21.49
CA LYS B 421 26.25 12.07 21.41
C LYS B 421 26.18 11.47 20.01
N LEU B 422 25.19 11.89 19.19
CA LEU B 422 25.10 11.43 17.83
C LEU B 422 26.15 12.15 16.95
N VAL B 423 26.10 13.50 16.95
CA VAL B 423 26.96 14.40 16.17
C VAL B 423 28.41 14.18 16.53
N GLU B 424 28.71 14.03 17.82
CA GLU B 424 30.03 13.73 18.38
C GLU B 424 30.63 12.54 17.65
N ASP B 425 29.90 11.41 17.64
CA ASP B 425 30.27 10.17 17.00
C ASP B 425 30.57 10.31 15.49
N LEU B 426 29.66 10.94 14.72
CA LEU B 426 29.82 11.11 13.27
C LEU B 426 31.09 11.87 12.93
N ILE B 427 31.36 13.00 13.63
CA ILE B 427 32.53 13.86 13.42
C ILE B 427 33.82 13.09 13.68
N SER B 428 33.87 12.36 14.82
CA SER B 428 35.03 11.57 15.22
C SER B 428 35.45 10.44 14.30
N PHE B 429 34.51 9.82 13.58
CA PHE B 429 34.85 8.80 12.59
C PHE B 429 35.21 9.48 11.27
N ALA B 430 34.38 10.42 10.81
CA ALA B 430 34.60 11.06 9.52
C ALA B 430 35.78 12.00 9.44
N CYS B 431 36.08 12.76 10.55
CA CYS B 431 37.18 13.75 10.62
C CYS B 431 38.30 13.30 11.54
N ASP B 432 39.42 14.06 11.52
CA ASP B 432 40.55 13.82 12.41
C ASP B 432 40.99 15.06 13.22
N GLY B 433 40.03 15.71 13.89
CA GLY B 433 40.31 16.85 14.77
C GLY B 433 40.60 18.21 14.17
N GLU B 434 40.28 18.40 12.88
CA GLU B 434 40.54 19.63 12.15
C GLU B 434 39.49 19.79 11.06
N GLY B 435 39.24 21.03 10.68
CA GLY B 435 38.38 21.43 9.57
C GLY B 435 37.19 22.23 10.01
N ILE B 436 36.37 22.67 9.03
CA ILE B 436 35.13 23.39 9.30
C ILE B 436 34.04 22.33 9.43
N VAL B 437 33.13 22.50 10.38
CA VAL B 437 31.97 21.64 10.57
C VAL B 437 30.78 22.56 10.41
N LEU B 438 30.02 22.40 9.31
CA LEU B 438 28.88 23.24 8.98
C LEU B 438 27.53 22.57 9.25
N ASP B 439 26.61 23.32 9.86
CA ASP B 439 25.23 22.88 10.09
C ASP B 439 24.38 24.08 9.71
N PHE B 440 23.77 24.03 8.53
CA PHE B 440 22.92 25.12 8.07
C PHE B 440 21.42 24.94 8.41
N PHE B 441 21.16 24.03 9.37
CA PHE B 441 19.83 23.76 9.92
C PHE B 441 20.04 23.59 11.44
N ALA B 442 20.56 24.65 12.11
CA ALA B 442 20.96 24.65 13.52
C ALA B 442 19.96 24.15 14.55
N GLY B 443 18.76 24.70 14.54
CA GLY B 443 17.71 24.33 15.48
C GLY B 443 18.12 24.65 16.90
N SER B 444 18.40 23.60 17.70
CA SER B 444 18.83 23.72 19.09
C SER B 444 20.26 24.29 19.22
N GLY B 445 21.12 23.94 18.26
CA GLY B 445 22.53 24.31 18.20
C GLY B 445 23.45 23.18 18.60
N THR B 446 22.95 21.91 18.54
CA THR B 446 23.63 20.64 18.87
C THR B 446 24.99 20.52 18.20
N THR B 447 25.09 20.82 16.88
CA THR B 447 26.38 20.70 16.17
C THR B 447 27.41 21.61 16.75
N ALA B 448 27.12 22.91 16.84
CA ALA B 448 27.98 23.93 17.43
C ALA B 448 28.43 23.50 18.82
N HIS B 449 27.49 23.15 19.71
CA HIS B 449 27.77 22.70 21.07
C HIS B 449 28.79 21.54 21.09
N THR B 450 28.60 20.53 20.21
CA THR B 450 29.48 19.36 20.04
C THR B 450 30.92 19.82 19.72
N VAL B 451 31.06 20.81 18.82
CA VAL B 451 32.38 21.38 18.47
C VAL B 451 33.06 22.02 19.69
N PHE B 452 32.29 22.77 20.51
CA PHE B 452 32.75 23.35 21.77
C PHE B 452 33.26 22.26 22.70
N ASN B 453 32.51 21.15 22.81
CA ASN B 453 32.85 19.98 23.63
C ASN B 453 34.08 19.20 23.16
N LEU B 454 34.19 18.95 21.84
CA LEU B 454 35.32 18.22 21.27
C LEU B 454 36.62 18.97 21.47
N ASN B 455 36.66 20.26 21.14
CA ASN B 455 37.86 21.10 21.28
C ASN B 455 38.28 21.26 22.76
N ASN B 456 37.30 21.23 23.67
CA ASN B 456 37.53 21.35 25.12
C ASN B 456 38.08 20.05 25.72
N LYS B 457 37.35 18.92 25.62
CA LYS B 457 37.79 17.65 26.23
C LYS B 457 38.80 16.86 25.39
N ASN B 458 38.60 16.82 24.07
CA ASN B 458 39.43 16.04 23.16
C ASN B 458 40.58 16.80 22.53
N LYS B 459 40.67 18.11 22.76
CA LYS B 459 41.73 19.01 22.27
C LYS B 459 41.86 19.09 20.75
N THR B 460 40.73 19.02 20.06
CA THR B 460 40.64 19.10 18.60
C THR B 460 40.69 20.59 18.15
N SER B 461 40.92 20.85 16.86
CA SER B 461 41.04 22.21 16.29
C SER B 461 39.92 22.56 15.24
N TYR B 462 38.69 22.04 15.44
CA TYR B 462 37.57 22.33 14.52
C TYR B 462 37.04 23.76 14.66
N GLN B 463 36.40 24.28 13.57
CA GLN B 463 35.71 25.58 13.51
C GLN B 463 34.27 25.25 13.16
N PHE B 464 33.29 25.72 13.96
CA PHE B 464 31.89 25.48 13.57
C PHE B 464 31.30 26.69 12.83
N ILE B 465 30.43 26.43 11.85
CA ILE B 465 29.65 27.42 11.14
C ILE B 465 28.25 26.88 11.18
N THR B 466 27.35 27.54 11.87
CA THR B 466 25.98 27.08 11.99
C THR B 466 24.99 28.16 11.55
N VAL B 467 23.92 27.79 10.81
CA VAL B 467 22.93 28.74 10.28
C VAL B 467 21.51 28.44 10.84
N GLN B 468 20.77 29.49 11.27
CA GLN B 468 19.42 29.38 11.81
C GLN B 468 18.58 30.59 11.42
N LEU B 469 17.35 30.32 11.00
CA LEU B 469 16.40 31.31 10.58
C LEU B 469 15.67 31.89 11.79
N ASP B 470 15.52 33.22 11.78
CA ASP B 470 14.78 33.99 12.76
C ASP B 470 13.25 33.76 12.55
N GLU B 471 12.86 32.48 12.62
CA GLU B 471 11.50 31.97 12.51
C GLU B 471 10.85 32.16 13.88
N PRO B 472 9.72 32.91 13.95
CA PRO B 472 9.08 33.16 15.26
C PRO B 472 8.82 31.96 16.16
N THR B 473 8.88 32.16 17.48
CA THR B 473 8.58 31.13 18.47
C THR B 473 7.05 30.94 18.46
N LYS B 474 6.58 29.69 18.65
CA LYS B 474 5.15 29.36 18.69
C LYS B 474 4.48 30.15 19.82
N ASP B 475 3.34 30.81 19.54
CA ASP B 475 2.63 31.59 20.55
C ASP B 475 2.22 30.70 21.74
N LYS B 476 2.38 31.22 22.97
CA LYS B 476 2.12 30.55 24.26
C LYS B 476 3.16 29.47 24.68
N SER B 477 4.11 29.09 23.80
CA SER B 477 5.15 28.09 24.08
C SER B 477 6.17 28.56 25.12
N ASP B 478 6.96 27.61 25.68
CA ASP B 478 8.02 27.80 26.69
C ASP B 478 9.01 28.91 26.31
N ALA B 479 9.44 28.93 25.04
CA ALA B 479 10.38 29.92 24.54
C ALA B 479 9.73 31.31 24.56
N MET B 480 8.49 31.42 24.04
CA MET B 480 7.68 32.62 23.99
C MET B 480 7.45 33.15 25.42
N LYS B 481 7.05 32.26 26.35
CA LYS B 481 6.81 32.60 27.76
C LYS B 481 8.07 33.16 28.43
N HIS B 482 9.26 32.62 28.08
CA HIS B 482 10.55 33.07 28.60
C HIS B 482 11.18 34.25 27.85
N GLY B 483 10.45 34.82 26.89
CA GLY B 483 10.90 35.96 26.11
C GLY B 483 11.65 35.67 24.81
N TYR B 484 11.76 34.39 24.42
CA TYR B 484 12.47 34.08 23.19
C TYR B 484 11.52 34.25 22.00
N ASN B 485 11.68 35.38 21.27
CA ASN B 485 10.81 35.72 20.15
C ASN B 485 10.99 34.82 18.93
N THR B 486 12.23 34.46 18.59
CA THR B 486 12.50 33.57 17.45
C THR B 486 13.26 32.32 17.89
N ILE B 487 13.47 31.35 16.96
CA ILE B 487 14.25 30.15 17.23
C ILE B 487 15.73 30.58 17.35
N PHE B 488 16.15 31.59 16.52
CA PHE B 488 17.50 32.14 16.50
C PHE B 488 17.95 32.68 17.88
N ASP B 489 17.08 33.43 18.56
CA ASP B 489 17.33 33.98 19.89
C ASP B 489 17.54 32.86 20.92
N LEU B 490 16.90 31.71 20.72
CA LEU B 490 17.04 30.54 21.57
C LEU B 490 18.36 29.79 21.26
N THR B 491 18.70 29.63 19.94
CA THR B 491 19.94 29.03 19.43
C THR B 491 21.15 29.78 19.99
N LYS B 492 21.20 31.11 19.75
CA LYS B 492 22.24 32.06 20.21
C LYS B 492 22.51 31.86 21.69
N GLU B 493 21.44 31.90 22.51
CA GLU B 493 21.51 31.71 23.95
C GLU B 493 22.11 30.34 24.32
N ARG B 494 21.70 29.24 23.62
CA ARG B 494 22.20 27.88 23.86
C ARG B 494 23.70 27.82 23.67
N LEU B 495 24.20 28.44 22.59
CA LEU B 495 25.63 28.53 22.24
C LEU B 495 26.37 29.42 23.27
N ILE B 496 25.71 30.51 23.75
CA ILE B 496 26.25 31.38 24.78
C ILE B 496 26.47 30.61 26.09
N ARG B 497 25.45 29.88 26.57
CA ARG B 497 25.55 29.07 27.78
C ARG B 497 26.46 27.83 27.62
N ALA B 498 26.57 27.27 26.39
CA ALA B 498 27.42 26.11 26.15
C ALA B 498 28.89 26.49 26.06
N SER B 499 29.16 27.78 25.75
CA SER B 499 30.50 28.35 25.66
C SER B 499 31.03 28.60 27.06
N LYS B 500 30.17 29.13 27.96
CA LYS B 500 30.53 29.38 29.35
C LYS B 500 30.99 28.10 30.07
N LYS B 501 30.36 26.95 29.73
CA LYS B 501 30.64 25.60 30.28
C LYS B 501 31.85 24.91 29.61
N ASN B 502 32.41 25.50 28.55
CA ASN B 502 33.53 24.94 27.80
C ASN B 502 34.67 25.89 27.62
N ARG B 503 35.13 26.47 28.71
CA ARG B 503 36.31 27.31 28.75
C ARG B 503 36.25 28.54 27.90
N ASP B 504 35.06 29.05 27.68
CA ASP B 504 34.80 30.30 26.99
C ASP B 504 35.47 30.51 25.65
N GLN B 505 35.37 29.56 24.75
CA GLN B 505 35.89 29.72 23.41
C GLN B 505 35.14 30.73 22.55
N GLY B 506 33.89 31.03 22.91
CA GLY B 506 33.06 31.97 22.14
C GLY B 506 32.77 31.68 20.68
N PHE B 507 32.05 32.63 20.03
CA PHE B 507 31.65 32.57 18.62
C PHE B 507 31.20 33.95 18.14
N LYS B 508 31.36 34.19 16.83
CA LYS B 508 30.93 35.44 16.20
C LYS B 508 29.54 35.28 15.57
N VAL B 509 28.77 36.37 15.53
CA VAL B 509 27.42 36.39 14.99
C VAL B 509 27.32 37.31 13.77
N TYR B 510 26.63 36.84 12.74
CA TYR B 510 26.38 37.53 11.48
C TYR B 510 24.89 37.35 11.18
N GLN B 511 24.33 38.26 10.37
CA GLN B 511 22.91 38.22 10.03
C GLN B 511 22.66 38.77 8.65
N LEU B 512 21.69 38.17 7.92
CA LEU B 512 21.31 38.59 6.57
C LEU B 512 20.56 39.91 6.68
N MET B 513 20.79 40.82 5.73
CA MET B 513 20.14 42.13 5.75
C MET B 513 19.37 42.40 4.46
N PRO B 514 18.28 43.21 4.49
CA PRO B 514 17.60 43.56 3.23
C PRO B 514 18.51 44.42 2.33
N ASP B 515 18.30 44.34 1.03
CA ASP B 515 19.06 45.11 0.04
C ASP B 515 18.37 46.47 -0.24
N PHE B 516 19.12 47.41 -0.87
CA PHE B 516 18.63 48.76 -1.28
C PHE B 516 19.21 49.19 -2.64
N VAL B 535 19.67 60.73 -1.67
CA VAL B 535 19.63 59.34 -1.24
C VAL B 535 20.95 58.91 -0.52
N VAL B 536 21.26 59.54 0.63
CA VAL B 536 22.47 59.31 1.44
C VAL B 536 22.35 58.14 2.43
N LEU B 537 23.48 57.43 2.67
CA LEU B 537 23.58 56.26 3.57
C LEU B 537 23.45 56.63 5.04
N THR B 538 23.04 55.64 5.87
CA THR B 538 22.97 55.69 7.33
C THR B 538 24.27 54.99 7.81
N PRO B 539 24.71 55.08 9.10
CA PRO B 539 25.94 54.37 9.49
C PRO B 539 25.83 52.83 9.43
N GLU B 540 24.68 52.26 9.84
CA GLU B 540 24.44 50.80 9.80
C GLU B 540 24.61 50.27 8.38
N GLN B 541 23.99 50.96 7.40
CA GLN B 541 24.04 50.66 5.97
C GLN B 541 25.47 50.69 5.45
N TYR B 542 26.32 51.56 6.03
CA TYR B 542 27.74 51.68 5.69
C TYR B 542 28.49 50.42 6.18
N ASP B 543 28.19 49.95 7.41
CA ASP B 543 28.79 48.75 8.01
C ASP B 543 28.36 47.48 7.24
N THR B 544 27.10 47.48 6.73
CA THR B 544 26.50 46.38 5.97
C THR B 544 27.22 46.15 4.63
N LEU B 545 27.50 47.22 3.85
CA LEU B 545 28.21 47.09 2.58
C LEU B 545 29.63 46.59 2.78
N LEU B 546 30.34 47.09 3.82
CA LEU B 546 31.72 46.70 4.14
C LEU B 546 31.84 45.19 4.42
N THR B 547 30.97 44.64 5.27
CA THR B 547 30.89 43.23 5.65
C THR B 547 30.57 42.36 4.42
N THR B 548 29.61 42.82 3.58
CA THR B 548 29.15 42.15 2.35
C THR B 548 30.25 42.07 1.33
N TRP B 549 30.96 43.18 1.10
CA TRP B 549 32.03 43.29 0.11
C TRP B 549 33.22 42.41 0.43
N CYS B 550 33.68 42.41 1.69
CA CYS B 550 34.82 41.60 2.12
C CYS B 550 34.58 40.09 1.93
N LEU B 551 33.38 39.58 2.27
CA LEU B 551 33.05 38.17 2.06
C LEU B 551 33.02 37.87 0.57
N TYR B 552 32.24 38.68 -0.19
CA TYR B 552 32.09 38.65 -1.65
C TYR B 552 33.45 38.60 -2.38
N ASP B 553 34.44 39.35 -1.88
CA ASP B 553 35.78 39.38 -2.47
C ASP B 553 36.65 38.15 -2.14
N GLY B 554 36.19 37.29 -1.24
CA GLY B 554 36.89 36.05 -0.93
C GLY B 554 37.59 36.01 0.40
N SER B 555 37.25 36.91 1.29
CA SER B 555 37.85 36.89 2.61
C SER B 555 36.91 36.16 3.58
N LEU B 556 37.48 35.28 4.42
CA LEU B 556 36.73 34.53 5.42
C LEU B 556 36.21 35.53 6.45
N LEU B 557 35.07 35.22 7.09
CA LEU B 557 34.48 36.09 8.11
C LEU B 557 35.31 36.17 9.41
N THR B 558 36.42 35.41 9.49
CA THR B 558 37.34 35.37 10.64
C THR B 558 38.60 36.21 10.35
N THR B 559 38.75 36.66 9.08
CA THR B 559 39.85 37.53 8.64
C THR B 559 39.54 38.98 9.16
N PRO B 560 40.48 39.62 9.88
CA PRO B 560 40.19 40.96 10.45
C PRO B 560 40.18 42.06 9.40
N ILE B 561 39.25 43.02 9.56
CA ILE B 561 39.13 44.16 8.65
C ILE B 561 39.72 45.40 9.31
N GLU B 562 41.04 45.62 9.10
CA GLU B 562 41.82 46.74 9.65
C GLU B 562 41.35 48.09 9.11
N ASP B 563 41.15 49.05 10.04
CA ASP B 563 40.77 50.41 9.69
C ASP B 563 42.01 51.18 9.28
N VAL B 564 41.93 51.88 8.13
CA VAL B 564 42.99 52.69 7.52
C VAL B 564 42.54 54.15 7.55
N ASP B 565 43.43 55.06 7.97
CA ASP B 565 43.12 56.49 8.01
C ASP B 565 44.10 57.27 7.15
N LEU B 566 43.74 57.48 5.87
CA LEU B 566 44.53 58.21 4.88
C LEU B 566 44.18 59.71 4.94
N GLY B 567 44.65 60.38 5.98
CA GLY B 567 44.36 61.79 6.24
C GLY B 567 42.98 61.93 6.86
N GLY B 568 41.95 61.75 6.04
CA GLY B 568 40.55 61.81 6.43
C GLY B 568 40.17 60.66 7.34
N TYR B 569 39.77 59.49 6.78
CA TYR B 569 39.56 59.21 5.36
C TYR B 569 38.13 58.65 5.08
N LYS B 570 37.67 57.51 5.71
CA LYS B 570 38.36 56.52 6.56
C LYS B 570 38.28 55.18 5.83
N ALA B 571 39.41 54.71 5.29
CA ALA B 571 39.50 53.48 4.50
C ALA B 571 39.59 52.18 5.35
N HIS B 572 39.52 51.01 4.67
CA HIS B 572 39.63 49.71 5.33
C HIS B 572 40.45 48.78 4.45
N LEU B 573 41.30 47.95 5.08
CA LEU B 573 42.10 46.98 4.33
C LEU B 573 41.83 45.58 4.84
N CYS B 574 41.52 44.66 3.91
CA CYS B 574 41.25 43.26 4.18
C CYS B 574 41.90 42.38 3.11
N ASP B 575 42.94 41.60 3.51
CA ASP B 575 43.71 40.68 2.67
C ASP B 575 44.25 41.36 1.40
N GLY B 576 44.90 42.51 1.59
CA GLY B 576 45.48 43.30 0.49
C GLY B 576 44.49 43.93 -0.47
N ARG B 577 43.25 44.16 -0.01
CA ARG B 577 42.18 44.80 -0.78
C ARG B 577 41.75 46.02 0.00
N LEU B 578 41.91 47.20 -0.61
CA LEU B 578 41.57 48.45 0.04
C LEU B 578 40.19 48.95 -0.37
N TYR B 579 39.39 49.36 0.63
CA TYR B 579 38.02 49.83 0.47
C TYR B 579 37.84 51.30 0.78
N LEU B 580 37.21 52.04 -0.13
CA LEU B 580 36.92 53.47 0.05
C LEU B 580 35.41 53.71 -0.17
N ILE B 581 34.62 53.32 0.83
CA ILE B 581 33.16 53.45 0.83
C ILE B 581 32.77 54.90 1.13
N ALA B 582 33.46 55.50 2.13
CA ALA B 582 33.26 56.86 2.63
C ALA B 582 33.30 57.96 1.56
N PRO B 583 32.40 58.98 1.65
CA PRO B 583 32.44 60.09 0.68
C PRO B 583 33.50 61.11 1.06
N ASN B 584 33.71 62.13 0.18
CA ASN B 584 34.67 63.23 0.32
C ASN B 584 36.12 62.73 0.32
N PHE B 585 36.47 61.94 -0.70
CA PHE B 585 37.83 61.43 -0.84
C PHE B 585 38.68 62.43 -1.61
N THR B 586 39.69 63.01 -0.93
CA THR B 586 40.63 64.01 -1.45
C THR B 586 41.92 63.37 -1.91
N ALA B 589 44.79 63.56 0.87
CA ALA B 589 44.27 62.23 1.22
C ALA B 589 44.62 61.16 0.18
N LEU B 590 44.49 61.48 -1.12
CA LEU B 590 44.82 60.57 -2.22
C LEU B 590 46.34 60.38 -2.34
N LYS B 591 47.12 61.28 -1.71
CA LYS B 591 48.59 61.25 -1.67
C LYS B 591 49.10 60.40 -0.49
N ALA B 592 48.27 60.24 0.57
CA ALA B 592 48.56 59.43 1.77
C ALA B 592 48.65 57.95 1.40
N LEU B 593 47.73 57.47 0.51
CA LEU B 593 47.67 56.09 0.01
C LEU B 593 48.84 55.80 -0.94
N LEU B 594 49.27 56.83 -1.71
CA LEU B 594 50.39 56.78 -2.66
C LEU B 594 51.74 56.56 -1.96
N GLN B 595 51.89 57.09 -0.72
CA GLN B 595 53.10 56.99 0.12
C GLN B 595 53.40 55.58 0.68
N LYS B 596 52.40 54.66 0.64
CA LYS B 596 52.54 53.29 1.12
C LYS B 596 51.93 52.30 0.12
N ASP B 600 56.17 53.02 1.88
CA ASP B 600 56.05 52.63 3.28
C ASP B 600 55.38 51.25 3.46
N LYS B 601 55.73 50.56 4.56
CA LYS B 601 55.24 49.23 4.93
C LYS B 601 54.23 49.28 6.13
N ASP B 602 53.47 48.19 6.46
CA ASP B 602 53.41 46.84 5.84
C ASP B 602 52.44 46.79 4.63
N PHE B 603 51.74 47.92 4.40
CA PHE B 603 50.74 48.23 3.37
C PHE B 603 51.17 47.88 1.93
N ALA B 604 50.44 46.94 1.29
CA ALA B 604 50.68 46.48 -0.09
C ALA B 604 49.34 46.03 -0.76
N PRO B 605 48.43 46.97 -1.14
CA PRO B 605 47.15 46.57 -1.71
C PRO B 605 47.13 46.36 -3.23
N ASN B 606 46.87 45.09 -3.65
CA ASN B 606 46.80 44.67 -5.05
C ASN B 606 45.43 44.93 -5.69
N LYS B 607 44.47 45.45 -4.90
CA LYS B 607 43.11 45.75 -5.35
C LYS B 607 42.54 46.97 -4.61
N VAL B 608 41.85 47.85 -5.34
CA VAL B 608 41.22 49.04 -4.77
C VAL B 608 39.74 49.07 -5.14
N VAL B 609 38.89 48.88 -4.13
CA VAL B 609 37.44 48.90 -4.28
C VAL B 609 36.90 50.14 -3.56
N PHE B 610 36.14 50.95 -4.28
CA PHE B 610 35.56 52.16 -3.73
C PHE B 610 34.12 52.32 -4.22
N TYR B 611 33.23 52.75 -3.31
CA TYR B 611 31.81 52.95 -3.56
C TYR B 611 31.61 53.96 -4.69
N GLY B 612 30.95 53.49 -5.75
CA GLY B 612 30.66 54.24 -6.96
C GLY B 612 29.76 55.45 -6.81
N SER B 613 28.86 55.44 -5.79
CA SER B 613 27.93 56.56 -5.51
C SER B 613 28.61 57.70 -4.72
N ASN B 614 29.90 57.54 -4.36
CA ASN B 614 30.71 58.50 -3.61
C ASN B 614 32.12 58.68 -4.22
N SER B 617 34.03 61.51 -10.65
CA SER B 617 34.30 61.24 -12.06
C SER B 617 35.75 61.58 -12.43
N ALA B 618 36.16 62.85 -12.24
CA ALA B 618 37.51 63.33 -12.53
C ALA B 618 38.48 62.87 -11.44
N LYS B 619 38.04 62.92 -10.15
CA LYS B 619 38.80 62.44 -8.99
C LYS B 619 38.94 60.93 -9.08
N GLN B 620 37.95 60.29 -9.74
CA GLN B 620 37.86 58.85 -10.00
C GLN B 620 38.81 58.49 -11.17
N MET B 621 38.83 59.33 -12.24
CA MET B 621 39.68 59.17 -13.42
C MET B 621 41.16 59.42 -13.08
N GLU B 622 41.41 60.34 -12.12
CA GLU B 622 42.72 60.73 -11.60
C GLU B 622 43.31 59.59 -10.78
N LEU B 623 42.45 58.92 -9.97
CA LEU B 623 42.81 57.78 -9.10
C LEU B 623 43.31 56.58 -9.93
N ASN B 624 42.58 56.24 -11.03
CA ASN B 624 42.92 55.15 -11.96
C ASN B 624 44.20 55.48 -12.73
N GLU B 625 44.43 56.79 -13.01
CA GLU B 625 45.60 57.32 -13.70
C GLU B 625 46.85 57.30 -12.80
N ALA B 626 46.70 57.72 -11.52
CA ALA B 626 47.78 57.75 -10.53
C ALA B 626 48.21 56.35 -10.11
N LEU B 627 47.24 55.44 -9.89
CA LEU B 627 47.49 54.04 -9.50
C LEU B 627 48.21 53.23 -10.57
N LYS B 628 47.97 53.56 -11.86
CA LYS B 628 48.64 52.91 -13.00
C LYS B 628 50.11 53.35 -13.01
N SER B 629 50.38 54.62 -12.63
CA SER B 629 51.71 55.21 -12.52
C SER B 629 52.43 54.77 -11.23
N TYR B 630 51.66 54.31 -10.22
CA TYR B 630 52.18 53.82 -8.94
C TYR B 630 52.47 52.31 -9.00
N ALA B 631 51.82 51.59 -9.95
CA ALA B 631 51.97 50.15 -10.17
C ALA B 631 53.25 49.78 -10.95
N ASN B 632 54.07 50.80 -11.32
CA ASN B 632 55.36 50.64 -11.99
C ASN B 632 56.44 51.44 -11.21
N LYS B 633 57.25 50.80 -10.32
CA LYS B 633 57.31 49.36 -10.02
C LYS B 633 56.74 49.03 -8.60
N LYS B 634 56.10 47.84 -8.39
CA LYS B 634 55.78 46.79 -9.37
C LYS B 634 54.38 46.20 -9.16
N GLU B 637 51.51 44.67 -9.17
CA GLU B 637 50.51 45.57 -9.72
C GLU B 637 49.36 45.84 -8.74
N LEU B 638 48.80 47.07 -8.79
CA LEU B 638 47.68 47.50 -7.95
C LEU B 638 46.51 47.88 -8.87
N ASP B 639 45.44 47.05 -8.85
CA ASP B 639 44.24 47.20 -9.69
C ASP B 639 43.20 48.16 -9.08
N LEU B 640 42.03 48.31 -9.74
CA LEU B 640 40.95 49.21 -9.32
C LEU B 640 39.57 48.71 -9.78
N VAL B 641 38.56 48.83 -8.88
CA VAL B 641 37.15 48.45 -9.10
C VAL B 641 36.20 49.52 -8.49
N VAL B 642 35.16 49.93 -9.24
CA VAL B 642 34.16 50.92 -8.81
C VAL B 642 32.79 50.26 -8.54
N ARG B 643 32.60 49.84 -7.29
CA ARG B 643 31.44 49.07 -6.85
C ARG B 643 30.20 49.84 -6.38
N ASN B 644 29.04 49.58 -7.05
CA ASN B 644 27.70 50.14 -6.79
C ASN B 644 27.70 51.67 -6.57
N THR C 6 -25.14 -18.85 -7.72
CA THR C 6 -25.61 -19.25 -9.05
C THR C 6 -26.40 -18.11 -9.72
N LEU C 7 -25.90 -17.61 -10.87
CA LEU C 7 -26.55 -16.50 -11.58
C LEU C 7 -27.63 -16.97 -12.55
N GLU C 8 -28.86 -16.45 -12.37
CA GLU C 8 -30.02 -16.80 -13.18
C GLU C 8 -29.93 -16.23 -14.62
N LYS C 9 -29.81 -17.14 -15.58
CA LYS C 9 -29.86 -16.83 -17.00
C LYS C 9 -30.87 -17.74 -17.65
N ASN C 10 -31.63 -17.24 -18.61
CA ASN C 10 -31.84 -15.83 -18.79
C ASN C 10 -33.26 -15.39 -18.52
N LEU C 11 -33.42 -14.55 -17.51
CA LEU C 11 -34.76 -14.08 -17.13
C LEU C 11 -35.35 -13.12 -18.17
N PRO C 12 -36.56 -13.43 -18.71
CA PRO C 12 -37.13 -12.58 -19.79
C PRO C 12 -37.27 -11.11 -19.46
N HIS C 13 -37.70 -10.78 -18.22
CA HIS C 13 -37.89 -9.42 -17.72
C HIS C 13 -36.57 -8.66 -17.61
N GLN C 14 -35.44 -9.39 -17.57
CA GLN C 14 -34.07 -8.84 -17.53
C GLN C 14 -33.51 -8.62 -18.93
N LYS C 15 -33.53 -9.67 -19.80
CA LYS C 15 -33.05 -9.65 -21.20
C LYS C 15 -33.73 -8.55 -21.98
N ALA C 16 -35.01 -8.24 -21.64
CA ALA C 16 -35.81 -7.19 -22.26
C ALA C 16 -35.21 -5.79 -22.01
N GLY C 17 -34.71 -5.57 -20.79
CA GLY C 17 -34.03 -4.32 -20.43
C GLY C 17 -32.64 -4.18 -21.04
N VAL C 18 -31.94 -5.31 -21.22
CA VAL C 18 -30.60 -5.29 -21.81
C VAL C 18 -30.76 -4.81 -23.25
N ASP C 19 -31.69 -5.44 -23.98
CA ASP C 19 -32.01 -5.19 -25.39
C ASP C 19 -32.52 -3.76 -25.59
N ALA C 20 -33.37 -3.27 -24.66
CA ALA C 20 -33.92 -1.93 -24.74
C ALA C 20 -32.85 -0.81 -24.74
N VAL C 21 -31.71 -1.01 -24.03
CA VAL C 21 -30.58 -0.05 -24.02
C VAL C 21 -29.71 -0.29 -25.26
N MET C 22 -29.53 -1.56 -25.64
CA MET C 22 -28.74 -1.93 -26.84
C MET C 22 -29.36 -1.43 -28.16
N ASN C 23 -30.72 -1.44 -28.28
CA ASN C 23 -31.45 -1.00 -29.47
C ASN C 23 -31.33 0.51 -29.78
N VAL C 24 -31.00 1.33 -28.75
CA VAL C 24 -30.76 2.78 -28.82
C VAL C 24 -29.48 3.04 -29.65
N PHE C 25 -28.55 2.07 -29.66
CA PHE C 25 -27.28 2.27 -30.36
C PHE C 25 -27.15 1.56 -31.72
N VAL C 26 -28.27 1.23 -32.40
CA VAL C 26 -28.24 0.62 -33.74
C VAL C 26 -27.63 1.68 -34.69
N SER C 27 -26.66 1.24 -35.53
CA SER C 27 -25.89 2.04 -36.50
C SER C 27 -24.88 3.03 -35.88
N ALA C 28 -24.60 2.90 -34.55
CA ALA C 28 -23.61 3.73 -33.87
C ALA C 28 -22.21 3.34 -34.31
N THR C 29 -21.31 4.34 -34.42
CA THR C 29 -19.93 4.19 -34.87
C THR C 29 -18.91 4.51 -33.79
N PRO C 30 -18.04 3.54 -33.44
CA PRO C 30 -17.01 3.81 -32.44
C PRO C 30 -15.77 4.49 -33.07
N HIS C 31 -15.53 5.77 -32.68
CA HIS C 31 -14.46 6.62 -33.19
C HIS C 31 -13.25 6.69 -32.25
N LEU C 32 -12.14 6.10 -32.70
CA LEU C 32 -10.86 6.07 -32.00
C LEU C 32 -10.12 7.39 -32.21
N THR C 33 -9.37 7.84 -31.18
CA THR C 33 -8.57 9.06 -31.17
C THR C 33 -7.27 8.86 -31.95
N ASP C 34 -6.71 9.97 -32.48
CA ASP C 34 -5.46 9.99 -33.25
C ASP C 34 -4.29 9.73 -32.32
N ASN C 35 -4.39 10.24 -31.07
CA ASN C 35 -3.37 10.07 -30.04
C ASN C 35 -3.22 8.60 -29.66
N VAL C 36 -2.04 8.04 -29.96
CA VAL C 36 -1.67 6.62 -29.73
C VAL C 36 -1.59 6.29 -28.23
N ALA C 37 -1.17 7.28 -27.40
CA ALA C 37 -1.08 7.15 -25.95
C ALA C 37 -2.47 7.13 -25.33
N VAL C 38 -3.33 8.14 -25.65
CA VAL C 38 -4.70 8.29 -25.18
C VAL C 38 -5.65 7.17 -25.64
N ARG C 39 -5.39 6.56 -26.80
CA ARG C 39 -6.21 5.47 -27.38
C ARG C 39 -6.23 4.23 -26.48
N LEU C 40 -5.12 4.01 -25.76
CA LEU C 40 -4.92 2.87 -24.85
C LEU C 40 -5.61 3.08 -23.49
N LEU C 41 -5.80 4.34 -23.08
CA LEU C 41 -6.40 4.69 -21.79
C LEU C 41 -7.85 5.18 -21.90
N ALA C 42 -8.19 5.87 -23.00
CA ALA C 42 -9.54 6.41 -23.14
C ALA C 42 -10.47 5.51 -23.93
N ASN C 43 -11.79 5.74 -23.79
CA ASN C 43 -12.82 5.00 -24.48
C ASN C 43 -12.97 5.47 -25.92
N PRO C 44 -13.44 4.61 -26.86
CA PRO C 44 -13.76 5.09 -28.21
C PRO C 44 -14.97 6.03 -28.13
N GLU C 45 -15.01 7.06 -28.99
CA GLU C 45 -16.15 7.98 -29.01
C GLU C 45 -17.26 7.32 -29.83
N LEU C 46 -18.37 6.92 -29.17
CA LEU C 46 -19.51 6.28 -29.83
C LEU C 46 -20.47 7.36 -30.35
N LYS C 47 -20.27 7.72 -31.63
CA LYS C 47 -21.00 8.78 -32.35
C LYS C 47 -22.10 8.25 -33.27
N LEU C 48 -23.28 8.87 -33.21
CA LEU C 48 -24.47 8.59 -34.03
C LEU C 48 -25.37 9.83 -34.15
N SER C 49 -25.92 10.08 -35.36
CA SER C 49 -26.77 11.24 -35.68
C SER C 49 -28.00 11.42 -34.80
N GLU C 50 -28.54 12.66 -34.73
CA GLU C 50 -29.72 12.98 -33.93
C GLU C 50 -30.93 12.17 -34.41
N GLN C 51 -31.15 12.11 -35.74
CA GLN C 51 -32.25 11.36 -36.38
C GLN C 51 -32.16 9.85 -36.03
N GLN C 52 -30.96 9.24 -36.24
CA GLN C 52 -30.65 7.84 -35.92
C GLN C 52 -31.08 7.53 -34.48
N TYR C 53 -30.53 8.29 -33.49
CA TYR C 53 -30.79 8.21 -32.07
C TYR C 53 -32.27 8.45 -31.76
N TYR C 54 -32.89 9.44 -32.46
CA TYR C 54 -34.34 9.69 -32.33
C TYR C 54 -35.11 8.42 -32.77
N ASN C 55 -34.81 7.89 -33.99
CA ASN C 55 -35.49 6.73 -34.58
C ASN C 55 -35.29 5.44 -33.79
N ASN C 56 -34.09 5.26 -33.20
CA ASN C 56 -33.74 4.09 -32.40
C ASN C 56 -34.60 4.03 -31.14
N ILE C 57 -34.82 5.20 -30.48
CA ILE C 57 -35.64 5.33 -29.27
C ILE C 57 -37.11 5.07 -29.57
N LYS C 58 -37.67 5.72 -30.62
CA LYS C 58 -39.07 5.54 -31.06
C LYS C 58 -39.40 4.07 -31.29
N ASN C 59 -38.52 3.35 -31.99
CA ASN C 59 -38.67 1.92 -32.26
C ASN C 59 -38.61 1.04 -31.00
N VAL C 60 -37.80 1.46 -29.96
CA VAL C 60 -37.69 0.75 -28.66
C VAL C 60 -38.99 0.96 -27.88
N GLN C 61 -39.47 2.21 -27.79
CA GLN C 61 -40.70 2.60 -27.11
C GLN C 61 -41.90 1.84 -27.66
N ALA C 62 -42.00 1.76 -29.00
CA ALA C 62 -43.03 1.04 -29.75
C ALA C 62 -43.06 -0.45 -29.40
N PHE C 63 -41.89 -1.11 -29.41
CA PHE C 63 -41.74 -2.52 -29.10
C PHE C 63 -42.08 -2.85 -27.65
N ASN C 64 -41.65 -1.99 -26.70
CA ASN C 64 -41.88 -2.17 -25.27
C ASN C 64 -43.24 -1.70 -24.75
N GLY C 65 -44.03 -1.05 -25.61
CA GLY C 65 -45.35 -0.54 -25.26
C GLY C 65 -45.31 0.68 -24.37
N ILE C 66 -44.39 1.62 -24.69
CA ILE C 66 -44.17 2.88 -23.96
C ILE C 66 -44.65 4.05 -24.85
N ALA C 67 -45.56 4.88 -24.31
CA ALA C 67 -46.13 6.05 -25.00
C ALA C 67 -45.04 7.03 -25.42
N HIS C 68 -44.92 7.25 -26.74
CA HIS C 68 -43.95 8.14 -27.37
C HIS C 68 -44.33 9.64 -27.16
N SER C 69 -44.73 9.99 -25.91
CA SER C 69 -45.10 11.33 -25.47
C SER C 69 -43.88 12.22 -25.30
N LYS C 70 -44.10 13.55 -25.10
CA LYS C 70 -43.04 14.56 -24.92
C LYS C 70 -42.24 14.37 -23.63
N ASP C 71 -42.90 13.80 -22.59
CA ASP C 71 -42.34 13.54 -21.27
C ASP C 71 -41.48 12.26 -21.19
N ASN C 72 -41.58 11.38 -22.23
CA ASN C 72 -40.86 10.10 -22.30
C ASN C 72 -39.66 10.08 -23.25
N HIS C 73 -39.50 11.11 -24.11
CA HIS C 73 -38.39 11.17 -25.06
C HIS C 73 -37.78 12.57 -25.20
N ASN C 74 -36.51 12.64 -25.64
CA ASN C 74 -35.71 13.86 -25.85
C ASN C 74 -34.42 13.54 -26.61
N ALA C 75 -34.35 13.91 -27.91
CA ALA C 75 -33.19 13.71 -28.79
C ALA C 75 -32.02 14.66 -28.48
N LYS C 76 -32.26 15.71 -27.66
CA LYS C 76 -31.23 16.68 -27.26
C LYS C 76 -30.77 16.37 -25.79
N SER C 77 -30.60 15.08 -25.47
CA SER C 77 -30.25 14.56 -24.14
C SER C 77 -29.63 13.17 -24.29
N ASN C 78 -28.45 12.96 -23.67
CA ASN C 78 -27.73 11.67 -23.73
C ASN C 78 -28.11 10.74 -22.57
N ILE C 79 -29.19 11.10 -21.86
CA ILE C 79 -29.70 10.34 -20.73
C ILE C 79 -30.75 9.33 -21.18
N ILE C 80 -30.44 8.05 -20.97
CA ILE C 80 -31.32 6.91 -21.27
C ILE C 80 -31.89 6.38 -19.93
N ASP C 81 -33.22 6.12 -19.88
CA ASP C 81 -33.86 5.65 -18.65
C ASP C 81 -34.42 4.24 -18.71
N VAL C 82 -34.18 3.49 -17.63
CA VAL C 82 -34.65 2.12 -17.41
C VAL C 82 -35.37 2.14 -16.06
N SER C 83 -36.61 1.64 -16.06
CA SER C 83 -37.43 1.57 -14.86
C SER C 83 -37.75 0.12 -14.52
N MET C 84 -37.22 -0.33 -13.37
CA MET C 84 -37.38 -1.69 -12.87
C MET C 84 -37.70 -1.61 -11.41
N GLU C 85 -38.74 -2.34 -10.98
CA GLU C 85 -39.11 -2.34 -9.56
C GLU C 85 -38.10 -3.12 -8.68
N THR C 86 -38.16 -2.86 -7.35
CA THR C 86 -37.31 -3.51 -6.35
C THR C 86 -37.54 -5.02 -6.36
N GLY C 87 -36.43 -5.76 -6.37
CA GLY C 87 -36.39 -7.21 -6.38
C GLY C 87 -36.52 -7.84 -7.75
N THR C 88 -36.28 -7.06 -8.83
CA THR C 88 -36.37 -7.53 -10.23
C THR C 88 -35.01 -7.70 -10.94
N GLY C 89 -33.93 -7.47 -10.19
CA GLY C 89 -32.56 -7.60 -10.67
C GLY C 89 -32.06 -6.48 -11.58
N LYS C 90 -32.23 -5.19 -11.16
CA LYS C 90 -31.76 -4.06 -11.97
C LYS C 90 -30.23 -3.96 -12.05
N THR C 91 -29.53 -4.42 -10.99
CA THR C 91 -28.08 -4.48 -10.86
C THR C 91 -27.52 -5.44 -11.90
N TYR C 92 -28.02 -6.69 -11.91
CA TYR C 92 -27.61 -7.68 -12.91
C TYR C 92 -27.80 -7.13 -14.35
N THR C 93 -28.96 -6.48 -14.63
CA THR C 93 -29.32 -5.89 -15.91
C THR C 93 -28.32 -4.82 -16.37
N TYR C 94 -27.99 -3.84 -15.50
CA TYR C 94 -27.02 -2.82 -15.86
C TYR C 94 -25.61 -3.37 -16.06
N ILE C 95 -25.27 -4.43 -15.31
CA ILE C 95 -23.96 -5.08 -15.45
C ILE C 95 -23.93 -5.82 -16.79
N LYS C 96 -25.00 -6.59 -17.10
CA LYS C 96 -25.09 -7.30 -18.38
C LYS C 96 -25.04 -6.33 -19.56
N THR C 97 -25.63 -5.12 -19.41
CA THR C 97 -25.60 -4.08 -20.44
C THR C 97 -24.15 -3.56 -20.65
N ILE C 98 -23.37 -3.40 -19.56
CA ILE C 98 -21.97 -2.98 -19.59
C ILE C 98 -21.14 -3.93 -20.47
N PHE C 99 -21.43 -5.25 -20.36
CA PHE C 99 -20.80 -6.32 -21.13
C PHE C 99 -21.25 -6.29 -22.57
N ASP C 100 -22.53 -5.91 -22.81
CA ASP C 100 -23.07 -5.77 -24.18
C ASP C 100 -22.56 -4.53 -24.91
N LEU C 101 -22.40 -3.39 -24.21
CA LEU C 101 -21.82 -2.18 -24.81
C LEU C 101 -20.33 -2.41 -25.10
N ASN C 102 -19.71 -3.30 -24.32
CA ASN C 102 -18.33 -3.71 -24.55
C ASN C 102 -18.24 -4.65 -25.74
N LYS C 103 -19.11 -5.67 -25.82
CA LYS C 103 -19.10 -6.63 -26.93
C LYS C 103 -19.25 -5.90 -28.28
N SER C 104 -20.36 -5.16 -28.45
CA SER C 104 -20.70 -4.44 -29.68
C SER C 104 -19.78 -3.29 -30.10
N PHE C 105 -19.31 -2.48 -29.13
CA PHE C 105 -18.54 -1.26 -29.44
C PHE C 105 -17.16 -1.10 -28.85
N GLY C 106 -16.77 -1.98 -27.93
CA GLY C 106 -15.47 -1.90 -27.30
C GLY C 106 -15.33 -0.77 -26.30
N ILE C 107 -16.44 -0.44 -25.62
CA ILE C 107 -16.44 0.53 -24.53
C ILE C 107 -15.89 -0.30 -23.35
N ASN C 108 -14.77 0.13 -22.74
CA ASN C 108 -14.13 -0.65 -21.68
C ASN C 108 -13.98 0.08 -20.34
N LYS C 109 -14.47 1.33 -20.26
CA LYS C 109 -14.38 2.16 -19.06
C LYS C 109 -15.73 2.78 -18.72
N PHE C 110 -16.26 2.41 -17.54
CA PHE C 110 -17.58 2.81 -17.06
C PHE C 110 -17.50 3.30 -15.61
N ILE C 111 -18.31 4.31 -15.28
CA ILE C 111 -18.42 4.84 -13.91
C ILE C 111 -19.83 4.44 -13.37
N ILE C 112 -19.88 3.65 -12.27
CA ILE C 112 -21.13 3.25 -11.61
C ILE C 112 -21.32 4.24 -10.47
N ILE C 113 -22.32 5.12 -10.58
CA ILE C 113 -22.58 6.10 -9.53
C ILE C 113 -23.71 5.64 -8.61
N VAL C 114 -23.38 5.49 -7.31
CA VAL C 114 -24.30 4.98 -6.28
C VAL C 114 -24.60 6.07 -5.25
N PRO C 115 -25.77 6.12 -4.59
CA PRO C 115 -26.03 7.25 -3.68
C PRO C 115 -25.69 7.03 -2.21
N THR C 116 -25.40 5.76 -1.83
CA THR C 116 -25.29 5.26 -0.46
C THR C 116 -24.14 4.24 -0.26
N LEU C 117 -23.60 4.16 0.97
CA LEU C 117 -22.52 3.22 1.30
C LEU C 117 -22.98 1.77 1.26
N SER C 118 -24.24 1.50 1.66
CA SER C 118 -24.84 0.16 1.66
C SER C 118 -25.02 -0.37 0.21
N ILE C 119 -25.45 0.51 -0.70
CA ILE C 119 -25.58 0.18 -2.12
C ILE C 119 -24.15 0.03 -2.68
N LYS C 120 -23.19 0.86 -2.24
CA LYS C 120 -21.79 0.74 -2.67
C LYS C 120 -21.21 -0.59 -2.24
N ALA C 121 -21.44 -1.00 -0.98
CA ALA C 121 -20.98 -2.28 -0.44
C ALA C 121 -21.63 -3.49 -1.13
N GLY C 122 -22.94 -3.40 -1.40
CA GLY C 122 -23.72 -4.44 -2.08
C GLY C 122 -23.39 -4.57 -3.56
N THR C 123 -23.18 -3.43 -4.24
CA THR C 123 -22.81 -3.40 -5.68
C THR C 123 -21.42 -4.01 -5.88
N VAL C 124 -20.45 -3.61 -5.04
CA VAL C 124 -19.07 -4.11 -5.08
C VAL C 124 -19.00 -5.61 -4.78
N ASN C 125 -19.68 -6.07 -3.72
CA ASN C 125 -19.76 -7.48 -3.32
C ASN C 125 -20.16 -8.33 -4.52
N PHE C 126 -21.28 -7.97 -5.18
CA PHE C 126 -21.82 -8.63 -6.35
C PHE C 126 -20.82 -8.65 -7.51
N LEU C 127 -20.18 -7.50 -7.80
CA LEU C 127 -19.19 -7.31 -8.86
C LEU C 127 -17.95 -8.16 -8.69
N LYS C 128 -17.52 -8.39 -7.43
CA LYS C 128 -16.33 -9.19 -7.09
C LYS C 128 -16.60 -10.69 -6.90
N SER C 129 -17.87 -11.10 -6.77
CA SER C 129 -18.24 -12.48 -6.52
C SER C 129 -17.86 -13.41 -7.65
N ASP C 130 -17.37 -14.61 -7.28
CA ASP C 130 -16.95 -15.66 -8.20
C ASP C 130 -18.08 -16.11 -9.12
N ALA C 131 -19.32 -16.24 -8.59
CA ALA C 131 -20.49 -16.66 -9.37
C ALA C 131 -20.77 -15.72 -10.57
N LEU C 132 -20.61 -14.37 -10.36
CA LEU C 132 -20.75 -13.28 -11.35
C LEU C 132 -19.60 -13.38 -12.34
N LYS C 133 -18.37 -13.54 -11.81
CA LYS C 133 -17.14 -13.64 -12.59
C LYS C 133 -17.20 -14.81 -13.55
N GLU C 134 -17.58 -16.00 -13.02
CA GLU C 134 -17.76 -17.23 -13.82
C GLU C 134 -18.84 -17.05 -14.84
N HIS C 135 -20.02 -16.51 -14.44
CA HIS C 135 -21.16 -16.24 -15.31
C HIS C 135 -20.77 -15.41 -16.53
N PHE C 136 -20.10 -14.27 -16.31
CA PHE C 136 -19.69 -13.36 -17.38
C PHE C 136 -18.45 -13.72 -18.20
N ARG C 137 -17.57 -14.60 -17.67
CA ARG C 137 -16.37 -15.09 -18.39
C ARG C 137 -16.81 -16.16 -19.39
N ASP C 138 -17.82 -16.95 -19.02
CA ASP C 138 -18.37 -17.97 -19.91
C ASP C 138 -19.06 -17.31 -21.11
N ASP C 139 -19.98 -16.40 -20.83
CA ASP C 139 -20.80 -15.74 -21.82
C ASP C 139 -20.09 -14.72 -22.70
N TYR C 140 -19.02 -14.05 -22.21
CA TYR C 140 -18.32 -12.99 -22.95
C TYR C 140 -16.82 -13.12 -23.14
N LYS C 141 -16.14 -14.03 -22.40
CA LYS C 141 -14.68 -14.19 -22.38
C LYS C 141 -14.05 -12.84 -22.00
N ARG C 142 -14.66 -12.21 -20.97
CA ARG C 142 -14.27 -10.91 -20.41
C ARG C 142 -14.10 -10.98 -18.89
N GLU C 143 -13.23 -10.11 -18.36
CA GLU C 143 -12.94 -9.99 -16.94
C GLU C 143 -13.24 -8.57 -16.51
N LEU C 144 -13.94 -8.39 -15.41
CA LEU C 144 -14.16 -7.03 -14.96
C LEU C 144 -13.18 -6.67 -13.83
N ARG C 145 -12.52 -5.52 -13.99
CA ARG C 145 -11.61 -4.94 -13.01
C ARG C 145 -12.43 -3.85 -12.37
N THR C 146 -12.52 -3.90 -11.03
CA THR C 146 -13.32 -2.99 -10.24
C THR C 146 -12.45 -2.09 -9.39
N TYR C 147 -12.69 -0.78 -9.47
CA TYR C 147 -11.96 0.26 -8.76
C TYR C 147 -12.98 0.96 -7.89
N VAL C 148 -12.84 0.80 -6.58
CA VAL C 148 -13.79 1.35 -5.63
C VAL C 148 -13.21 2.60 -5.02
N VAL C 149 -13.91 3.76 -5.20
CA VAL C 149 -13.52 5.06 -4.62
C VAL C 149 -13.94 5.05 -3.14
N GLU C 150 -12.94 5.11 -2.25
CA GLU C 150 -13.13 5.06 -0.79
C GLU C 150 -12.50 6.27 -0.10
N SER C 151 -13.22 6.85 0.85
CA SER C 151 -12.76 7.95 1.68
C SER C 151 -11.60 7.41 2.55
N GLN C 152 -10.47 8.14 2.59
CA GLN C 152 -9.28 7.75 3.36
C GLN C 152 -9.34 8.36 4.78
N LYS C 153 -9.84 7.57 5.75
CA LYS C 153 -10.01 8.00 7.15
C LYS C 153 -9.09 7.23 8.09
N MET C 163 -4.03 11.97 -4.39
CA MET C 163 -4.72 11.51 -5.60
C MET C 163 -5.42 10.16 -5.26
N PRO C 164 -6.79 10.07 -5.22
CA PRO C 164 -7.44 8.79 -4.84
C PRO C 164 -6.96 7.60 -5.68
N GLN C 165 -6.47 6.51 -5.03
CA GLN C 165 -5.90 5.37 -5.77
C GLN C 165 -6.77 4.72 -6.80
N ALA C 166 -8.09 4.61 -6.51
CA ALA C 166 -9.11 4.05 -7.40
C ALA C 166 -9.14 4.83 -8.72
N ILE C 167 -9.19 6.19 -8.65
CA ILE C 167 -9.18 7.10 -9.80
C ILE C 167 -7.87 7.00 -10.63
N HIS C 168 -6.69 7.12 -9.97
CA HIS C 168 -5.38 6.94 -10.62
C HIS C 168 -5.40 5.63 -11.43
N ASP C 169 -5.66 4.48 -10.78
CA ASP C 169 -5.72 3.15 -11.38
C ASP C 169 -6.74 2.98 -12.49
N PHE C 170 -7.94 3.58 -12.37
CA PHE C 170 -8.99 3.46 -13.37
C PHE C 170 -8.59 4.24 -14.62
N VAL C 171 -8.16 5.50 -14.45
CA VAL C 171 -7.71 6.37 -15.52
C VAL C 171 -6.48 5.76 -16.24
N GLU C 172 -5.46 5.33 -15.46
CA GLU C 172 -4.20 4.72 -15.92
C GLU C 172 -4.24 3.30 -16.53
N ALA C 173 -5.32 2.53 -16.27
CA ALA C 173 -5.54 1.16 -16.75
C ALA C 173 -5.58 1.05 -18.28
N SER C 174 -4.82 0.11 -18.82
CA SER C 174 -4.65 -0.16 -20.26
C SER C 174 -5.80 -0.92 -20.91
N ASN C 175 -6.10 -0.59 -22.19
CA ASN C 175 -7.15 -1.19 -23.03
C ASN C 175 -6.63 -2.44 -23.75
N PHE C 176 -5.30 -2.52 -24.00
CA PHE C 176 -4.62 -3.63 -24.68
C PHE C 176 -5.30 -4.98 -24.46
N LYS C 178 -7.21 -7.13 -23.77
CA LYS C 178 -8.50 -6.87 -24.44
C LYS C 178 -9.67 -7.59 -23.77
N LYS C 179 -9.33 -8.49 -22.81
CA LYS C 179 -10.28 -9.28 -22.03
C LYS C 179 -10.81 -8.53 -20.81
N TYR C 180 -10.35 -7.28 -20.58
CA TYR C 180 -10.77 -6.52 -19.41
C TYR C 180 -11.67 -5.33 -19.66
N ILE C 181 -12.72 -5.24 -18.84
CA ILE C 181 -13.64 -4.12 -18.76
C ILE C 181 -13.25 -3.47 -17.40
N HIS C 182 -13.09 -2.13 -17.38
CA HIS C 182 -12.69 -1.39 -16.19
C HIS C 182 -13.87 -0.61 -15.61
N VAL C 183 -14.20 -0.85 -14.33
CA VAL C 183 -15.34 -0.18 -13.72
C VAL C 183 -15.08 0.58 -12.39
N LEU C 184 -15.42 1.88 -12.38
CA LEU C 184 -15.29 2.75 -11.22
C LEU C 184 -16.59 2.83 -10.42
N VAL C 185 -16.60 2.26 -9.21
CA VAL C 185 -17.74 2.34 -8.31
C VAL C 185 -17.47 3.51 -7.32
N ILE C 186 -18.37 4.51 -7.30
CA ILE C 186 -18.30 5.74 -6.48
C ILE C 186 -19.69 6.12 -5.93
N ASN C 187 -19.73 6.58 -4.67
CA ASN C 187 -20.95 7.04 -3.99
C ASN C 187 -21.08 8.56 -4.10
N SER C 188 -22.22 9.13 -3.67
CA SER C 188 -22.52 10.56 -3.74
C SER C 188 -21.60 11.44 -2.90
N GLY C 189 -21.27 10.95 -1.69
CA GLY C 189 -20.38 11.63 -0.75
C GLY C 189 -18.99 11.86 -1.32
N MET C 190 -18.52 10.93 -2.18
CA MET C 190 -17.22 11.02 -2.83
C MET C 190 -17.24 11.87 -4.08
N ILE C 191 -18.38 11.89 -4.81
CA ILE C 191 -18.58 12.73 -5.98
C ILE C 191 -18.51 14.21 -5.49
N ASN C 192 -19.13 14.50 -4.32
CA ASN C 192 -19.21 15.81 -3.67
C ASN C 192 -18.01 16.23 -2.83
N SER C 193 -16.99 15.38 -2.71
CA SER C 193 -15.78 15.68 -1.96
C SER C 193 -14.83 16.60 -2.74
N LYS C 194 -14.13 17.52 -2.03
CA LYS C 194 -13.13 18.43 -2.65
C LYS C 194 -11.92 17.64 -3.17
N SER C 195 -11.73 16.40 -2.67
CA SER C 195 -10.69 15.45 -3.06
C SER C 195 -10.68 15.23 -4.60
N LEU C 196 -11.86 15.37 -5.26
CA LEU C 196 -12.05 15.22 -6.71
C LEU C 196 -11.89 16.53 -7.52
N THR C 197 -12.03 17.70 -6.86
CA THR C 197 -11.93 19.01 -7.49
C THR C 197 -10.50 19.57 -7.46
N ASP C 198 -9.72 19.17 -6.45
CA ASP C 198 -8.35 19.60 -6.15
C ASP C 198 -7.30 19.30 -7.20
N THR C 199 -6.23 20.14 -7.23
CA THR C 199 -5.08 20.04 -8.12
C THR C 199 -3.97 19.30 -7.37
N TYR C 200 -3.28 18.39 -8.06
CA TYR C 200 -2.21 17.58 -7.50
C TYR C 200 -0.90 17.79 -8.24
N ASP C 201 0.20 17.31 -7.64
CA ASP C 201 1.59 17.38 -8.14
C ASP C 201 1.77 16.38 -9.26
N THR C 202 0.88 15.36 -9.26
CA THR C 202 0.77 14.18 -10.10
C THR C 202 -0.09 14.42 -11.33
N GLY C 203 0.34 13.89 -12.46
CA GLY C 203 -0.40 13.96 -13.71
C GLY C 203 -0.86 12.59 -14.14
N LEU C 204 -2.12 12.50 -14.61
CA LEU C 204 -2.74 11.28 -15.12
C LEU C 204 -3.04 11.49 -16.60
N LEU C 205 -3.31 10.39 -17.32
CA LEU C 205 -3.64 10.36 -18.75
C LEU C 205 -2.57 11.03 -19.61
N ASP C 206 -1.48 10.29 -19.86
CA ASP C 206 -0.32 10.74 -20.64
C ASP C 206 0.20 12.07 -20.04
N ASN C 207 0.28 12.09 -18.69
CA ASN C 207 0.73 13.20 -17.83
C ASN C 207 0.09 14.56 -18.18
N GLN C 208 -1.23 14.59 -18.37
CA GLN C 208 -1.92 15.82 -18.78
C GLN C 208 -2.77 16.46 -17.70
N PHE C 209 -3.50 15.65 -16.91
CA PHE C 209 -4.47 16.11 -15.91
C PHE C 209 -4.04 15.92 -14.47
N ASN C 210 -4.04 17.03 -13.72
CA ASN C 210 -3.61 17.11 -12.32
C ASN C 210 -4.80 17.10 -11.36
N THR C 211 -6.01 17.04 -11.93
CA THR C 211 -7.32 17.02 -11.29
C THR C 211 -8.06 15.68 -11.56
N PRO C 212 -8.65 15.01 -10.53
CA PRO C 212 -9.39 13.76 -10.77
C PRO C 212 -10.57 13.87 -11.75
N VAL C 213 -11.39 14.95 -11.67
CA VAL C 213 -12.51 15.20 -12.60
C VAL C 213 -12.07 15.37 -14.08
N ASP C 214 -10.98 16.14 -14.34
CA ASP C 214 -10.42 16.34 -15.69
C ASP C 214 -9.84 15.03 -16.25
N ALA C 215 -9.28 14.20 -15.35
CA ALA C 215 -8.73 12.91 -15.73
C ALA C 215 -9.86 11.93 -16.11
N LEU C 216 -11.00 11.94 -15.36
CA LEU C 216 -12.16 11.08 -15.62
C LEU C 216 -12.93 11.54 -16.84
N ARG C 217 -13.06 12.87 -17.04
CA ARG C 217 -13.71 13.44 -18.21
C ARG C 217 -13.01 12.98 -19.51
N ALA C 218 -11.67 13.02 -19.54
CA ALA C 218 -10.79 12.64 -20.66
C ALA C 218 -10.86 11.16 -21.06
N VAL C 219 -11.30 10.30 -20.13
CA VAL C 219 -11.46 8.85 -20.33
C VAL C 219 -12.69 8.57 -21.26
N LYS C 220 -13.57 9.61 -21.44
CA LYS C 220 -14.80 9.60 -22.23
C LYS C 220 -15.69 8.49 -21.66
N PRO C 221 -16.24 8.67 -20.44
CA PRO C 221 -16.96 7.55 -19.81
C PRO C 221 -18.44 7.36 -20.13
N PHE C 222 -18.93 6.14 -19.84
CA PHE C 222 -20.34 5.74 -19.90
C PHE C 222 -20.76 5.62 -18.42
N ILE C 223 -21.71 6.45 -17.98
CA ILE C 223 -22.14 6.52 -16.58
C ILE C 223 -23.48 5.89 -16.31
N ILE C 224 -23.53 5.01 -15.28
CA ILE C 224 -24.71 4.33 -14.76
C ILE C 224 -25.14 5.02 -13.47
N ILE C 225 -26.44 5.34 -13.33
CA ILE C 225 -26.99 5.92 -12.12
C ILE C 225 -27.99 4.96 -11.47
N ASP C 226 -27.65 4.51 -10.24
CA ASP C 226 -28.42 3.61 -9.39
C ASP C 226 -29.30 4.48 -8.49
N GLU C 227 -30.63 4.26 -8.53
CA GLU C 227 -31.68 5.02 -7.79
C GLU C 227 -31.58 6.51 -8.21
N PRO C 228 -32.10 6.89 -9.41
CA PRO C 228 -31.90 8.26 -9.89
C PRO C 228 -32.61 9.36 -9.12
N HIS C 229 -33.58 8.96 -8.27
CA HIS C 229 -34.38 9.83 -7.42
C HIS C 229 -33.54 10.43 -6.28
N ARG C 230 -32.32 9.90 -6.06
CA ARG C 230 -31.41 10.34 -5.01
C ARG C 230 -30.33 11.28 -5.57
N PHE C 231 -30.50 11.64 -6.85
CA PHE C 231 -29.62 12.55 -7.60
C PHE C 231 -30.53 13.58 -8.27
N PRO C 232 -31.17 14.52 -7.51
CA PRO C 232 -32.07 15.50 -8.16
C PRO C 232 -31.33 16.46 -9.08
N THR C 233 -31.63 16.38 -10.39
CA THR C 233 -31.02 17.12 -11.51
C THR C 233 -30.60 18.58 -11.31
N GLY C 234 -31.33 19.33 -10.50
CA GLY C 234 -31.01 20.74 -10.24
C GLY C 234 -29.98 20.95 -9.15
N LYS C 235 -29.77 19.91 -8.34
CA LYS C 235 -28.92 19.89 -7.16
C LYS C 235 -27.40 19.61 -7.39
N LYS C 236 -26.58 19.75 -6.31
CA LYS C 236 -25.12 19.62 -6.29
C LYS C 236 -24.58 18.32 -6.86
N THR C 237 -24.98 17.15 -6.30
CA THR C 237 -24.48 15.83 -6.75
C THR C 237 -24.57 15.69 -8.27
N TRP C 238 -25.77 15.98 -8.85
CA TRP C 238 -25.98 15.90 -10.30
C TRP C 238 -25.09 16.86 -11.07
N GLU C 239 -24.92 18.11 -10.58
CA GLU C 239 -24.09 19.11 -11.26
C GLU C 239 -22.63 18.69 -11.34
N ASN C 240 -22.14 17.93 -10.33
CA ASN C 240 -20.78 17.39 -10.28
C ASN C 240 -20.57 16.27 -11.29
N ILE C 241 -21.61 15.41 -11.51
CA ILE C 241 -21.64 14.30 -12.48
C ILE C 241 -21.59 14.91 -13.88
N GLU C 242 -22.30 16.05 -14.10
CA GLU C 242 -22.26 16.79 -15.38
C GLU C 242 -20.82 17.21 -15.79
N LYS C 243 -19.94 17.47 -14.80
CA LYS C 243 -18.54 17.86 -15.01
C LYS C 243 -17.72 16.81 -15.77
N PHE C 244 -18.16 15.53 -15.79
CA PHE C 244 -17.44 14.44 -16.47
C PHE C 244 -17.63 14.44 -17.99
N ASN C 245 -18.57 15.24 -18.52
CA ASN C 245 -18.94 15.30 -19.94
C ASN C 245 -18.98 13.88 -20.53
N ALA C 246 -19.83 13.05 -19.87
CA ALA C 246 -20.03 11.63 -20.16
C ALA C 246 -20.65 11.43 -21.55
N GLN C 247 -20.28 10.32 -22.23
CA GLN C 247 -20.80 10.01 -23.55
C GLN C 247 -22.31 9.84 -23.52
N TYR C 248 -22.81 9.03 -22.56
CA TYR C 248 -24.22 8.70 -22.30
C TYR C 248 -24.40 8.30 -20.86
N ILE C 249 -25.57 8.63 -20.29
CA ILE C 249 -25.93 8.31 -18.90
C ILE C 249 -27.15 7.37 -18.86
N ILE C 250 -26.99 6.17 -18.27
CA ILE C 250 -28.09 5.21 -18.15
C ILE C 250 -28.56 5.13 -16.69
N ARG C 251 -29.78 5.64 -16.39
CA ARG C 251 -30.36 5.70 -15.03
C ARG C 251 -31.24 4.50 -14.74
N TYR C 252 -31.07 3.89 -13.56
CA TYR C 252 -31.79 2.67 -13.19
C TYR C 252 -32.45 2.80 -11.86
N GLY C 253 -33.74 2.52 -11.83
CA GLY C 253 -34.48 2.59 -10.59
C GLY C 253 -35.95 2.34 -10.72
N ALA C 254 -36.65 2.44 -9.60
CA ALA C 254 -38.08 2.26 -9.47
C ALA C 254 -38.78 3.63 -9.31
N THR C 255 -37.99 4.69 -8.99
CA THR C 255 -38.51 6.05 -8.77
C THR C 255 -37.83 7.12 -9.63
N PHE C 256 -38.65 7.84 -10.41
CA PHE C 256 -38.27 8.94 -11.27
C PHE C 256 -39.20 10.10 -10.87
N SER C 257 -38.81 10.76 -9.76
CA SER C 257 -39.50 11.88 -9.12
C SER C 257 -39.37 13.21 -9.90
N GLU C 258 -38.55 13.21 -10.98
CA GLU C 258 -38.32 14.39 -11.82
C GLU C 258 -38.63 14.05 -13.28
N GLY C 259 -39.39 12.98 -13.46
CA GLY C 259 -39.77 12.50 -14.78
C GLY C 259 -38.67 11.69 -15.46
N TYR C 260 -38.78 11.61 -16.79
CA TYR C 260 -37.88 10.87 -17.65
C TYR C 260 -37.14 11.79 -18.60
N LYS C 261 -36.14 11.24 -19.26
CA LYS C 261 -35.36 11.92 -20.29
C LYS C 261 -35.60 11.14 -21.58
N ASN C 262 -35.28 9.84 -21.60
CA ASN C 262 -35.51 8.93 -22.71
C ASN C 262 -35.91 7.57 -22.14
N LEU C 263 -37.21 7.38 -21.84
CA LEU C 263 -37.68 6.12 -21.27
C LEU C 263 -37.66 5.03 -22.31
N VAL C 264 -36.80 4.05 -22.06
CA VAL C 264 -36.51 2.95 -22.95
C VAL C 264 -37.11 1.60 -22.49
N TYR C 265 -37.28 1.42 -21.17
CA TYR C 265 -37.82 0.20 -20.60
C TYR C 265 -38.56 0.49 -19.29
N ARG C 266 -39.73 -0.15 -19.08
CA ARG C 266 -40.53 -0.02 -17.87
C ARG C 266 -41.16 -1.35 -17.39
N LEU C 267 -40.65 -1.84 -16.25
CA LEU C 267 -41.12 -3.01 -15.55
C LEU C 267 -41.53 -2.47 -14.22
N THR C 268 -42.84 -2.36 -14.03
CA THR C 268 -43.49 -1.81 -12.85
C THR C 268 -43.68 -2.77 -11.73
N ALA C 269 -44.11 -2.23 -10.60
CA ALA C 269 -44.51 -3.00 -9.43
C ALA C 269 -45.69 -3.92 -9.61
N VAL C 270 -46.71 -3.51 -10.35
CA VAL C 270 -47.76 -4.45 -10.71
C VAL C 270 -47.28 -5.60 -11.60
N ASP C 271 -46.51 -5.33 -12.61
CA ASP C 271 -45.95 -6.43 -13.42
C ASP C 271 -45.15 -7.44 -12.56
N ALA C 272 -44.31 -6.93 -11.62
CA ALA C 272 -43.48 -7.73 -10.71
C ALA C 272 -44.32 -8.70 -9.87
N PHE C 273 -45.30 -8.16 -9.11
CA PHE C 273 -46.24 -8.92 -8.27
C PHE C 273 -47.20 -9.80 -9.10
N ASN C 274 -47.71 -9.29 -10.24
CA ASN C 274 -48.65 -10.00 -11.14
C ASN C 274 -48.07 -11.21 -11.85
N ASP C 275 -46.88 -11.04 -12.46
CA ASP C 275 -46.15 -12.11 -13.15
C ASP C 275 -45.36 -12.99 -12.19
N ASP C 276 -45.65 -12.86 -10.87
CA ASP C 276 -45.08 -13.62 -9.74
C ASP C 276 -43.54 -13.70 -9.74
N LEU C 277 -42.88 -12.59 -10.17
CA LEU C 277 -41.42 -12.46 -10.23
C LEU C 277 -40.89 -12.16 -8.84
N VAL C 278 -41.81 -11.91 -7.90
CA VAL C 278 -41.54 -11.50 -6.53
C VAL C 278 -42.53 -12.18 -5.53
N LYS C 279 -42.16 -12.30 -4.25
CA LYS C 279 -43.02 -12.91 -3.22
C LYS C 279 -44.24 -12.02 -2.93
N GLY C 280 -45.37 -12.65 -2.58
CA GLY C 280 -46.58 -11.94 -2.19
C GLY C 280 -46.46 -11.48 -0.75
N ILE C 281 -47.36 -10.59 -0.29
CA ILE C 281 -47.27 -10.10 1.09
C ILE C 281 -48.39 -10.62 2.01
N ASP C 282 -48.05 -10.96 3.27
CA ASP C 282 -48.98 -11.40 4.30
C ASP C 282 -48.75 -10.58 5.57
N ALA C 283 -49.46 -9.44 5.67
CA ALA C 283 -49.36 -8.48 6.76
C ALA C 283 -50.05 -8.87 8.06
N TYR C 284 -49.35 -8.65 9.20
CA TYR C 284 -49.81 -8.91 10.57
C TYR C 284 -49.78 -7.63 11.40
N ILE C 285 -50.97 -7.17 11.86
CA ILE C 285 -51.11 -5.97 12.69
C ILE C 285 -51.30 -6.39 14.16
N GLU C 286 -50.28 -6.14 15.01
CA GLU C 286 -50.28 -6.51 16.43
C GLU C 286 -50.83 -5.40 17.36
N ASP C 287 -51.94 -5.68 18.07
CA ASP C 287 -52.59 -4.77 19.01
C ASP C 287 -52.46 -5.31 20.44
N ASN C 293 -53.38 4.54 22.36
CA ASN C 293 -53.08 5.85 21.76
C ASN C 293 -52.51 6.85 22.79
N ALA C 294 -51.33 7.45 22.46
CA ALA C 294 -50.57 8.46 23.24
C ALA C 294 -49.42 9.07 22.41
N ASN C 295 -49.03 10.33 22.70
CA ASN C 295 -47.95 11.04 22.00
C ASN C 295 -47.12 11.99 22.87
N LEU C 296 -45.79 11.73 23.00
CA LEU C 296 -44.86 12.56 23.78
C LEU C 296 -44.03 13.50 22.87
N LYS C 297 -44.49 14.75 22.75
CA LYS C 297 -43.83 15.80 21.95
C LYS C 297 -42.69 16.48 22.72
N PHE C 298 -41.64 16.96 21.99
CA PHE C 298 -40.47 17.65 22.54
C PHE C 298 -40.67 19.17 22.38
N VAL C 299 -41.09 19.83 23.48
CA VAL C 299 -41.46 21.26 23.54
C VAL C 299 -40.34 22.30 23.41
N LYS C 300 -39.30 22.22 24.28
CA LYS C 300 -38.16 23.15 24.32
C LYS C 300 -36.92 22.53 24.98
N ASP C 302 -35.00 19.88 29.49
CA ASP C 302 -35.79 19.95 28.27
C ASP C 302 -37.22 19.38 28.45
N GLY C 303 -38.21 20.26 28.42
CA GLY C 303 -39.63 19.94 28.60
C GLY C 303 -40.26 19.09 27.51
N LYS C 304 -41.00 18.03 27.91
CA LYS C 304 -41.71 17.10 27.02
C LYS C 304 -43.20 16.90 27.38
N GLU C 305 -44.11 17.44 26.54
CA GLU C 305 -45.57 17.34 26.71
C GLU C 305 -46.12 15.93 26.42
N ALA C 306 -47.02 15.40 27.27
CA ALA C 306 -47.64 14.08 27.12
C ALA C 306 -49.18 14.10 26.97
N THR C 307 -49.70 13.57 25.86
CA THR C 307 -51.15 13.49 25.59
C THR C 307 -51.59 12.02 25.52
N PHE C 308 -52.36 11.54 26.52
CA PHE C 308 -52.86 10.15 26.57
C PHE C 308 -54.34 10.09 26.93
N PHE C 319 -50.17 16.90 30.85
CA PHE C 319 -48.99 16.74 31.70
C PHE C 319 -47.67 16.88 30.92
N LYS C 320 -46.72 17.68 31.47
CA LYS C 320 -45.39 17.94 30.89
C LYS C 320 -44.27 17.60 31.89
N LEU C 321 -43.21 16.90 31.43
CA LEU C 321 -42.05 16.49 32.25
C LEU C 321 -40.73 17.14 31.79
N ALA C 322 -39.79 17.34 32.73
CA ALA C 322 -38.48 17.93 32.46
C ALA C 322 -37.39 16.84 32.23
N LYS C 323 -36.64 16.96 31.10
CA LYS C 323 -35.58 16.04 30.62
C LYS C 323 -36.10 14.62 30.41
N SER C 326 -28.64 13.35 30.12
CA SER C 326 -29.96 12.75 29.96
C SER C 326 -30.18 11.43 30.68
N LEU C 327 -31.40 11.23 31.22
CA LEU C 327 -31.83 10.02 31.93
C LEU C 327 -32.90 9.24 31.15
N SER C 328 -33.34 8.07 31.69
CA SER C 328 -34.37 7.20 31.08
C SER C 328 -35.71 7.92 30.95
N LYS C 329 -36.38 7.76 29.79
CA LYS C 329 -37.68 8.39 29.53
C LYS C 329 -38.86 7.64 30.16
N THR C 330 -39.25 8.04 31.35
CA THR C 330 -40.57 7.72 31.89
C THR C 330 -41.05 8.89 32.72
N HIS C 331 -42.34 9.21 32.69
CA HIS C 331 -43.11 9.49 31.49
C HIS C 331 -44.05 8.40 30.95
N SER C 332 -44.00 7.18 31.45
CA SER C 332 -44.95 6.15 31.03
C SER C 332 -44.65 4.78 31.61
N ALA C 333 -44.97 3.71 30.90
CA ALA C 333 -43.98 2.69 30.62
C ALA C 333 -43.54 2.64 29.14
N ILE C 334 -42.38 3.24 28.90
CA ILE C 334 -41.55 3.08 27.71
C ILE C 334 -40.28 2.36 28.18
N HIS C 335 -40.06 1.13 27.74
CA HIS C 335 -38.85 0.43 28.10
C HIS C 335 -37.60 1.06 27.47
N ASP C 336 -36.49 1.08 28.21
CA ASP C 336 -35.16 1.07 27.63
C ASP C 336 -34.85 2.17 26.61
N LEU C 337 -35.09 3.42 26.98
CA LEU C 337 -34.87 4.56 26.08
C LEU C 337 -34.49 5.80 26.91
N THR C 338 -33.41 6.52 26.50
CA THR C 338 -32.89 7.70 27.23
C THR C 338 -32.35 8.80 26.31
N LEU C 339 -32.25 10.04 26.83
CA LEU C 339 -31.73 11.21 26.10
C LEU C 339 -30.20 11.18 26.12
N ASP C 340 -29.58 11.50 24.95
CA ASP C 340 -28.12 11.47 24.76
C ASP C 340 -27.52 12.83 24.40
N ALA C 341 -28.24 13.66 23.60
CA ALA C 341 -27.79 14.99 23.19
C ALA C 341 -28.96 15.96 23.14
N LEU C 342 -28.71 17.25 23.47
CA LEU C 342 -29.74 18.30 23.47
C LEU C 342 -29.21 19.66 22.95
N ASN C 343 -30.07 20.40 22.20
CA ASN C 343 -29.80 21.72 21.60
C ASN C 343 -31.12 22.43 21.32
N THR C 346 -32.36 20.37 19.07
CA THR C 346 -32.81 19.00 18.84
C THR C 346 -32.32 18.01 19.90
N ALA C 347 -33.22 17.09 20.33
CA ALA C 347 -32.92 16.04 21.30
C ALA C 347 -32.69 14.69 20.62
N VAL C 348 -31.58 14.01 20.98
CA VAL C 348 -31.18 12.72 20.41
C VAL C 348 -31.40 11.58 21.40
N LEU C 349 -32.22 10.58 21.01
CA LEU C 349 -32.55 9.41 21.83
C LEU C 349 -31.55 8.26 21.69
N SER C 350 -31.56 7.32 22.66
CA SER C 350 -30.69 6.14 22.77
C SER C 350 -30.70 5.15 21.55
N ASN C 351 -31.72 5.23 20.67
CA ASN C 351 -31.81 4.39 19.47
C ASN C 351 -31.41 5.13 18.20
N GLY C 352 -31.07 6.41 18.35
CA GLY C 352 -30.66 7.28 17.26
C GLY C 352 -31.74 8.19 16.73
N ILE C 353 -32.94 8.17 17.36
CA ILE C 353 -34.05 9.03 16.96
C ILE C 353 -33.80 10.51 17.37
N GLU C 354 -33.66 11.38 16.35
CA GLU C 354 -33.42 12.81 16.52
C GLU C 354 -34.75 13.54 16.46
N LEU C 355 -35.07 14.29 17.53
CA LEU C 355 -36.32 15.02 17.65
C LEU C 355 -36.09 16.52 17.61
N LYS C 356 -36.71 17.19 16.64
CA LYS C 356 -36.65 18.64 16.53
C LYS C 356 -37.79 19.19 17.41
N ILE C 357 -37.73 20.46 17.86
CA ILE C 357 -38.79 21.04 18.68
C ILE C 357 -40.11 21.00 17.89
N GLY C 358 -40.95 20.04 18.26
CA GLY C 358 -42.23 19.77 17.61
C GLY C 358 -42.44 18.31 17.25
N SER C 359 -41.36 17.51 17.27
CA SER C 359 -41.38 16.09 16.94
C SER C 359 -41.92 15.24 18.10
N SER C 360 -42.81 14.29 17.76
CA SER C 360 -43.50 13.41 18.72
C SER C 360 -43.02 11.96 18.61
N ILE C 361 -43.48 11.10 19.55
CA ILE C 361 -43.20 9.67 19.62
C ILE C 361 -44.27 9.00 20.47
N ASN C 362 -44.96 7.96 19.93
CA ASN C 362 -46.00 7.22 20.65
C ASN C 362 -45.33 6.33 21.71
N PRO C 363 -45.50 6.61 23.03
CA PRO C 363 -44.81 5.80 24.05
C PRO C 363 -45.26 4.34 24.18
N TYR C 364 -46.40 3.98 23.55
CA TYR C 364 -46.93 2.62 23.54
C TYR C 364 -46.23 1.70 22.54
N SER C 365 -45.36 2.27 21.67
CA SER C 365 -44.56 1.54 20.68
C SER C 365 -43.45 0.76 21.38
N TYR C 366 -42.92 1.35 22.47
CA TYR C 366 -41.82 0.82 23.28
C TYR C 366 -42.29 -0.11 24.42
N ASP C 367 -43.57 -0.54 24.38
CA ASP C 367 -44.21 -1.42 25.36
C ASP C 367 -43.64 -2.84 25.28
N GLN C 368 -43.22 -3.38 26.45
CA GLN C 368 -42.64 -4.72 26.59
C GLN C 368 -43.57 -5.86 26.18
N THR C 369 -44.87 -5.76 26.54
CA THR C 369 -45.87 -6.78 26.21
C THR C 369 -46.17 -6.85 24.69
N LEU C 370 -46.28 -5.69 24.01
CA LEU C 370 -46.54 -5.56 22.56
C LEU C 370 -45.45 -6.21 21.71
N ALA C 371 -44.20 -5.95 22.02
CA ALA C 371 -43.10 -6.64 21.36
C ALA C 371 -43.06 -8.11 21.63
N ASP C 372 -43.26 -8.49 22.87
CA ASP C 372 -43.05 -9.84 23.31
C ASP C 372 -44.05 -10.65 22.56
N ASN C 373 -45.14 -9.98 22.27
CA ASN C 373 -46.29 -10.57 21.59
C ASN C 373 -45.98 -10.73 20.10
N MET C 374 -45.38 -9.69 19.47
CA MET C 374 -44.98 -9.68 18.05
C MET C 374 -43.92 -10.74 17.76
N MET C 375 -42.93 -10.88 18.65
CA MET C 375 -41.82 -11.82 18.58
C MET C 375 -42.28 -13.28 18.73
N ARG C 376 -43.20 -13.54 19.69
CA ARG C 376 -43.80 -14.85 19.95
C ARG C 376 -44.59 -15.34 18.73
N LYS C 377 -45.42 -14.44 18.14
CA LYS C 377 -46.26 -14.69 16.97
C LYS C 377 -45.43 -15.06 15.70
N ALA C 378 -44.30 -14.34 15.45
CA ALA C 378 -43.39 -14.59 14.31
C ALA C 378 -42.65 -15.92 14.46
N VAL C 379 -42.30 -16.32 15.70
CA VAL C 379 -41.63 -17.59 15.97
C VAL C 379 -42.57 -18.74 15.60
N LYS C 380 -43.82 -18.73 16.13
CA LYS C 380 -44.86 -19.73 15.88
C LYS C 380 -45.17 -19.89 14.38
N GLU C 381 -45.17 -18.75 13.64
CA GLU C 381 -45.42 -18.73 12.20
C GLU C 381 -44.23 -19.23 11.38
N HIS C 382 -42.99 -19.03 11.91
CA HIS C 382 -41.74 -19.48 11.27
C HIS C 382 -41.64 -21.00 11.22
N PHE C 383 -41.87 -21.67 12.38
CA PHE C 383 -41.81 -23.13 12.50
C PHE C 383 -42.87 -23.83 11.66
N LYS C 384 -44.04 -23.15 11.44
CA LYS C 384 -45.12 -23.62 10.57
C LYS C 384 -44.63 -23.63 9.11
N LEU C 385 -43.73 -22.67 8.78
CA LEU C 385 -43.15 -22.55 7.45
C LEU C 385 -41.90 -23.42 7.36
N GLU C 386 -41.18 -23.59 8.48
CA GLU C 386 -39.95 -24.40 8.55
C GLU C 386 -40.21 -25.87 8.25
N LYS C 387 -41.11 -26.52 9.04
CA LYS C 387 -41.51 -27.91 8.86
C LYS C 387 -42.12 -28.15 7.46
N GLU C 388 -42.61 -27.06 6.80
CA GLU C 388 -43.20 -27.09 5.46
C GLU C 388 -42.10 -27.09 4.37
N LEU C 389 -41.06 -26.22 4.52
CA LEU C 389 -39.96 -26.08 3.56
C LEU C 389 -38.81 -27.05 3.78
N LEU C 390 -38.49 -27.37 5.04
CA LEU C 390 -37.39 -28.29 5.36
C LEU C 390 -37.74 -29.78 5.24
N THR C 391 -39.05 -30.10 5.03
CA THR C 391 -39.56 -31.46 4.82
C THR C 391 -39.94 -31.68 3.33
N GLN C 392 -39.49 -30.75 2.45
CA GLN C 392 -39.72 -30.75 1.01
C GLN C 392 -38.39 -30.87 0.27
N PRO C 394 -36.78 -30.51 -3.42
CA PRO C 394 -35.64 -30.05 -2.59
C PRO C 394 -36.03 -29.05 -1.50
N ARG C 395 -35.34 -29.13 -0.36
CA ARG C 395 -35.53 -28.28 0.82
C ARG C 395 -35.10 -26.83 0.57
N ILE C 396 -35.80 -25.89 1.25
CA ILE C 396 -35.57 -24.44 1.22
C ILE C 396 -35.35 -24.01 2.66
N LYS C 397 -34.24 -23.29 2.95
CA LYS C 397 -33.96 -22.82 4.32
C LYS C 397 -34.61 -21.44 4.54
N PRO C 398 -35.68 -21.35 5.37
CA PRO C 398 -36.31 -20.04 5.59
C PRO C 398 -35.62 -19.22 6.67
N LEU C 399 -35.77 -17.90 6.59
CA LEU C 399 -35.16 -16.98 7.56
C LEU C 399 -36.20 -15.98 8.08
N THR C 400 -36.06 -15.61 9.37
CA THR C 400 -36.87 -14.61 10.04
C THR C 400 -35.92 -13.49 10.45
N LEU C 401 -36.27 -12.25 10.08
CA LEU C 401 -35.49 -11.06 10.37
C LEU C 401 -36.27 -10.14 11.28
N PHE C 402 -35.69 -9.85 12.46
CA PHE C 402 -36.27 -8.96 13.46
C PHE C 402 -35.56 -7.61 13.39
N PHE C 403 -36.33 -6.50 13.36
CA PHE C 403 -35.75 -5.16 13.37
C PHE C 403 -35.88 -4.44 14.72
N ILE C 404 -34.75 -4.35 15.44
CA ILE C 404 -34.62 -3.69 16.74
C ILE C 404 -34.17 -2.22 16.57
N ASP C 405 -34.31 -1.41 17.63
CA ASP C 405 -33.97 0.01 17.63
C ASP C 405 -32.57 0.27 18.22
N ASP C 406 -32.21 -0.44 19.32
CA ASP C 406 -30.91 -0.33 19.99
C ASP C 406 -30.52 -1.67 20.63
N LEU C 420 -36.59 -10.69 28.24
CA LEU C 420 -36.97 -10.10 26.96
C LEU C 420 -36.14 -10.69 25.79
N LYS C 421 -34.79 -10.60 25.87
CA LYS C 421 -33.89 -11.17 24.85
C LYS C 421 -33.77 -12.68 25.15
N THR C 422 -33.93 -13.06 26.44
CA THR C 422 -33.92 -14.43 26.94
C THR C 422 -35.25 -15.14 26.61
N LYS C 423 -36.29 -14.36 26.41
CA LYS C 423 -37.56 -14.89 26.02
C LYS C 423 -37.44 -15.56 24.67
N PHE C 424 -36.67 -14.99 23.76
CA PHE C 424 -36.72 -15.44 22.39
C PHE C 424 -36.30 -16.88 22.41
N GLU C 425 -35.26 -17.14 23.18
CA GLU C 425 -34.71 -18.47 23.22
C GLU C 425 -35.79 -19.36 23.77
N GLU C 426 -36.50 -18.87 24.77
CA GLU C 426 -37.41 -19.72 25.48
C GLU C 426 -38.44 -20.16 24.51
N TYR C 427 -38.91 -19.21 23.74
CA TYR C 427 -39.99 -19.42 22.81
C TYR C 427 -39.56 -20.41 21.74
N VAL C 428 -38.35 -20.25 21.23
CA VAL C 428 -37.90 -21.15 20.20
C VAL C 428 -37.81 -22.54 20.77
N LEU C 429 -37.24 -22.64 21.96
CA LEU C 429 -36.95 -23.93 22.50
C LEU C 429 -38.27 -24.61 22.70
N ALA C 430 -39.27 -23.88 23.16
CA ALA C 430 -40.54 -24.51 23.49
C ALA C 430 -41.25 -25.06 22.29
N GLU C 431 -41.30 -24.25 21.25
CA GLU C 431 -41.95 -24.60 19.98
C GLU C 431 -41.22 -25.77 19.28
N ALA C 432 -39.90 -25.93 19.56
CA ALA C 432 -39.05 -26.99 19.02
C ALA C 432 -39.30 -28.34 19.71
N ASN C 433 -39.34 -28.35 21.08
CA ASN C 433 -39.59 -29.54 21.90
C ASN C 433 -40.98 -30.12 21.62
N GLU C 434 -41.98 -29.24 21.34
CA GLU C 434 -43.36 -29.62 21.01
C GLU C 434 -43.40 -30.26 19.63
N LEU C 435 -42.76 -29.59 18.63
CA LEU C 435 -42.63 -30.10 17.27
C LEU C 435 -41.50 -31.17 17.19
N LEU C 436 -41.11 -31.73 18.37
CA LEU C 436 -40.08 -32.76 18.60
C LEU C 436 -38.69 -32.36 18.11
N TYR C 444 -35.43 -37.42 7.67
CA TYR C 444 -35.92 -36.29 8.45
C TYR C 444 -34.77 -35.40 8.93
N LYS C 445 -34.52 -34.31 8.19
CA LYS C 445 -33.47 -33.33 8.49
C LYS C 445 -33.94 -32.35 9.57
N ASN C 446 -35.22 -31.90 9.51
CA ASN C 446 -35.81 -30.97 10.49
C ASN C 446 -35.97 -31.59 11.88
N TYR C 447 -35.89 -32.93 11.98
CA TYR C 447 -35.93 -33.66 13.25
C TYR C 447 -34.56 -33.47 13.93
N LEU C 448 -33.47 -33.55 13.13
CA LEU C 448 -32.07 -33.35 13.57
C LEU C 448 -31.75 -31.87 13.74
N GLU C 449 -32.44 -30.99 12.96
CA GLU C 449 -32.26 -29.54 13.01
C GLU C 449 -32.87 -29.00 14.30
N LYS C 450 -34.03 -29.56 14.70
CA LYS C 450 -34.70 -29.19 15.95
C LYS C 450 -33.88 -29.73 17.11
N THR C 451 -33.25 -30.92 16.95
CA THR C 451 -32.38 -31.56 17.95
C THR C 451 -31.13 -30.71 18.24
N VAL C 452 -30.54 -30.09 17.18
CA VAL C 452 -29.38 -29.19 17.29
C VAL C 452 -29.83 -27.86 17.92
N THR C 453 -31.06 -27.40 17.60
CA THR C 453 -31.68 -26.18 18.12
C THR C 453 -31.99 -26.29 19.62
N ASN C 454 -32.16 -27.54 20.10
CA ASN C 454 -32.38 -27.83 21.52
C ASN C 454 -31.03 -27.96 22.23
N ILE C 455 -30.07 -28.67 21.59
CA ILE C 455 -28.71 -28.90 22.10
C ILE C 455 -27.84 -27.63 22.17
N SER C 456 -28.22 -26.55 21.42
CA SER C 456 -27.51 -25.27 21.40
C SER C 456 -28.46 -24.06 21.31
N SER C 457 -28.03 -22.88 21.80
CA SER C 457 -28.82 -21.65 21.76
C SER C 457 -28.13 -20.58 20.89
N VAL C 458 -27.74 -21.01 19.67
CA VAL C 458 -27.07 -20.19 18.64
C VAL C 458 -27.87 -20.30 17.33
N HIS C 459 -29.20 -20.15 17.46
CA HIS C 459 -30.16 -20.17 16.36
C HIS C 459 -30.43 -18.73 15.92
N GLY C 460 -29.96 -17.76 16.74
CA GLY C 460 -30.09 -16.32 16.57
C GLY C 460 -28.73 -15.62 16.52
N GLY C 461 -28.63 -14.52 15.76
CA GLY C 461 -27.40 -13.73 15.64
C GLY C 461 -27.64 -12.23 15.42
N TYR C 462 -26.60 -11.40 15.67
CA TYR C 462 -26.59 -9.94 15.51
C TYR C 462 -25.18 -9.47 15.19
N ILE C 474 -21.09 1.29 10.93
CA ILE C 474 -22.22 1.01 10.02
C ILE C 474 -21.82 0.42 8.65
N GLU C 475 -20.75 0.96 8.00
CA GLU C 475 -20.29 0.42 6.71
C GLU C 475 -19.67 -0.99 6.92
N GLN C 476 -18.90 -1.15 8.03
CA GLN C 476 -18.26 -2.40 8.48
C GLN C 476 -19.31 -3.46 8.81
N GLU C 477 -20.44 -3.03 9.45
CA GLU C 477 -21.54 -3.91 9.84
C GLU C 477 -22.29 -4.47 8.63
N ILE C 478 -22.49 -3.65 7.58
CA ILE C 478 -23.15 -4.05 6.34
C ILE C 478 -22.26 -5.05 5.59
N ASN C 479 -20.94 -4.83 5.63
CA ASN C 479 -19.97 -5.74 5.00
C ASN C 479 -20.01 -7.13 5.64
N GLU C 480 -20.14 -7.19 6.99
CA GLU C 480 -20.24 -8.42 7.77
C GLU C 480 -21.51 -9.22 7.44
N ILE C 481 -22.63 -8.53 7.13
CA ILE C 481 -23.92 -9.13 6.71
C ILE C 481 -23.70 -9.82 5.35
N LEU C 482 -23.12 -9.09 4.39
CA LEU C 482 -22.81 -9.53 3.02
C LEU C 482 -21.81 -10.67 3.01
N HIS C 483 -20.91 -10.70 4.00
CA HIS C 483 -19.90 -11.75 4.18
C HIS C 483 -20.55 -13.06 4.62
N ASP C 484 -21.42 -12.98 5.67
CA ASP C 484 -22.14 -14.11 6.26
C ASP C 484 -23.32 -14.65 5.43
N LYS C 485 -23.56 -14.07 4.22
CA LYS C 485 -24.65 -14.42 3.31
C LYS C 485 -24.71 -15.90 2.90
N GLU C 486 -23.59 -16.46 2.39
CA GLU C 486 -23.51 -17.87 1.97
C GLU C 486 -23.61 -18.82 3.15
N LEU C 487 -23.20 -18.33 4.35
CA LEU C 487 -23.24 -19.07 5.60
C LEU C 487 -24.68 -19.22 6.08
N LEU C 488 -25.45 -18.10 6.13
CA LEU C 488 -26.86 -18.09 6.54
C LEU C 488 -27.77 -18.99 5.71
N LEU C 489 -27.47 -19.12 4.40
CA LEU C 489 -28.29 -19.93 3.48
C LEU C 489 -27.93 -21.43 3.53
N SER C 490 -26.79 -21.77 4.15
CA SER C 490 -26.27 -23.13 4.31
C SER C 490 -27.09 -23.92 5.33
N LEU C 491 -27.61 -25.07 4.89
CA LEU C 491 -28.41 -25.98 5.71
C LEU C 491 -27.57 -26.72 6.77
N ASP C 492 -26.25 -26.49 6.76
CA ASP C 492 -25.31 -27.06 7.73
C ASP C 492 -25.39 -26.33 9.09
N ASN C 493 -25.64 -24.99 9.10
CA ASN C 493 -25.74 -24.21 10.34
C ASN C 493 -27.18 -23.91 10.81
N PRO C 494 -27.45 -23.98 12.14
CA PRO C 494 -28.82 -23.78 12.64
C PRO C 494 -29.40 -22.37 12.63
N ARG C 495 -28.56 -21.31 12.46
CA ARG C 495 -29.00 -19.90 12.44
C ARG C 495 -30.05 -19.61 11.34
N ARG C 496 -31.21 -19.08 11.75
CA ARG C 496 -32.35 -18.77 10.89
C ARG C 496 -33.05 -17.48 11.34
N PHE C 497 -32.88 -17.12 12.62
CA PHE C 497 -33.44 -15.91 13.19
C PHE C 497 -32.33 -14.88 13.22
N ILE C 498 -32.60 -13.68 12.73
CA ILE C 498 -31.62 -12.60 12.69
C ILE C 498 -32.16 -11.36 13.39
N PHE C 499 -31.31 -10.77 14.23
CA PHE C 499 -31.61 -9.55 14.92
C PHE C 499 -30.72 -8.47 14.34
N SER C 500 -31.33 -7.49 13.68
CA SER C 500 -30.63 -6.39 13.05
C SER C 500 -31.20 -5.06 13.54
N LYS C 501 -30.32 -4.07 13.76
CA LYS C 501 -30.72 -2.71 14.15
C LYS C 501 -31.38 -2.10 12.91
N TRP C 502 -32.40 -1.25 13.12
CA TRP C 502 -33.16 -0.59 12.05
C TRP C 502 -32.26 0.18 11.09
N THR C 503 -31.20 0.81 11.61
CA THR C 503 -30.19 1.56 10.85
C THR C 503 -29.44 0.75 9.76
N LEU C 504 -29.35 -0.60 9.92
CA LEU C 504 -28.69 -1.55 9.01
C LEU C 504 -29.61 -2.16 7.94
N ARG C 505 -30.91 -1.79 7.94
CA ARG C 505 -31.94 -2.29 7.02
C ARG C 505 -31.55 -2.31 5.54
N GLU C 506 -30.75 -1.31 5.11
CA GLU C 506 -30.29 -1.12 3.73
C GLU C 506 -29.37 -2.23 3.24
N GLY C 507 -28.82 -2.99 4.17
CA GLY C 507 -27.92 -4.10 3.90
C GLY C 507 -28.58 -5.46 3.86
N TRP C 508 -29.91 -5.48 3.82
CA TRP C 508 -30.61 -6.74 3.73
C TRP C 508 -31.30 -6.86 2.40
N ASP C 509 -30.92 -7.86 1.63
CA ASP C 509 -31.70 -8.24 0.50
C ASP C 509 -31.51 -9.71 0.24
N ASN C 510 -32.02 -10.52 1.14
CA ASN C 510 -31.67 -11.91 1.16
C ASN C 510 -32.85 -12.63 0.62
N PRO C 511 -32.67 -13.47 -0.38
CA PRO C 511 -33.87 -14.08 -1.00
C PRO C 511 -34.66 -15.01 -0.05
N ASN C 512 -33.95 -15.73 0.87
CA ASN C 512 -34.54 -16.65 1.83
C ASN C 512 -35.15 -16.02 3.09
N VAL C 513 -35.24 -14.67 3.16
CA VAL C 513 -35.91 -14.00 4.28
C VAL C 513 -37.42 -14.11 4.01
N PHE C 514 -38.14 -14.93 4.82
CA PHE C 514 -39.58 -15.16 4.64
C PHE C 514 -40.43 -14.40 5.63
N GLN C 515 -39.82 -13.76 6.62
CA GLN C 515 -40.51 -13.00 7.64
C GLN C 515 -39.69 -11.80 8.08
N ILE C 516 -40.25 -10.60 7.95
CA ILE C 516 -39.64 -9.35 8.44
C ILE C 516 -40.53 -8.90 9.61
N CYS C 517 -39.94 -8.73 10.81
CA CYS C 517 -40.65 -8.29 12.00
C CYS C 517 -40.08 -7.02 12.63
N LYS C 518 -40.75 -5.89 12.36
CA LYS C 518 -40.37 -4.56 12.85
C LYS C 518 -40.76 -4.45 14.33
N LEU C 519 -39.82 -4.79 15.24
CA LEU C 519 -40.04 -4.83 16.69
C LEU C 519 -40.30 -3.50 17.40
N ARG C 520 -39.33 -2.58 17.43
CA ARG C 520 -39.55 -1.32 18.16
C ARG C 520 -39.67 -0.07 17.26
N SER C 521 -40.40 -0.22 16.14
CA SER C 521 -40.67 0.84 15.15
C SER C 521 -41.53 1.95 15.73
N SER C 527 -41.87 4.78 2.43
CA SER C 527 -42.34 3.83 1.42
C SER C 527 -42.41 2.40 1.95
N LYS C 528 -43.61 1.81 1.87
CA LYS C 528 -43.91 0.43 2.28
C LYS C 528 -43.35 -0.58 1.30
N LEU C 529 -43.30 -0.21 0.01
CA LEU C 529 -42.76 -1.04 -1.07
C LEU C 529 -41.25 -1.27 -0.84
N GLN C 530 -40.52 -0.21 -0.43
CA GLN C 530 -39.08 -0.26 -0.16
C GLN C 530 -38.75 -1.17 1.03
N GLU C 531 -39.60 -1.15 2.09
CA GLU C 531 -39.39 -1.96 3.28
C GLU C 531 -39.76 -3.42 3.12
N VAL C 532 -40.73 -3.72 2.23
CA VAL C 532 -41.12 -5.10 1.93
C VAL C 532 -40.12 -5.73 0.93
N GLY C 533 -39.51 -4.89 0.07
CA GLY C 533 -38.51 -5.24 -0.92
C GLY C 533 -37.27 -5.94 -0.38
N ARG C 534 -37.00 -5.79 0.93
CA ARG C 534 -35.85 -6.42 1.60
C ARG C 534 -36.01 -7.96 1.68
N GLY C 535 -37.25 -8.44 1.50
CA GLY C 535 -37.60 -9.85 1.52
C GLY C 535 -38.53 -10.29 0.40
N LEU C 536 -38.55 -9.54 -0.73
CA LEU C 536 -39.38 -9.78 -1.91
C LEU C 536 -38.82 -10.81 -2.90
N ARG C 537 -37.48 -10.92 -2.96
CA ARG C 537 -36.77 -11.80 -3.88
C ARG C 537 -37.13 -13.27 -3.74
N LEU C 538 -37.15 -13.98 -4.87
CA LEU C 538 -37.48 -15.41 -4.93
C LEU C 538 -36.38 -16.26 -4.27
N PRO C 539 -36.77 -17.14 -3.33
CA PRO C 539 -35.75 -17.90 -2.57
C PRO C 539 -34.98 -18.97 -3.36
N VAL C 540 -33.83 -19.38 -2.79
CA VAL C 540 -32.96 -20.40 -3.36
C VAL C 540 -33.00 -21.72 -2.55
N ASN C 541 -33.03 -22.87 -3.24
CA ASN C 541 -33.06 -24.20 -2.61
C ASN C 541 -31.67 -24.63 -2.06
N GLU C 542 -31.58 -25.84 -1.42
CA GLU C 542 -30.35 -26.41 -0.84
C GLU C 542 -29.18 -26.50 -1.83
N TYR C 543 -29.48 -26.47 -3.15
CA TYR C 543 -28.50 -26.50 -4.22
C TYR C 543 -28.24 -25.10 -4.79
N MET C 544 -28.52 -24.07 -3.97
CA MET C 544 -28.32 -22.63 -4.20
C MET C 544 -28.92 -22.09 -5.48
N CYS C 545 -30.08 -22.65 -5.88
CA CYS C 545 -30.81 -22.28 -7.09
C CYS C 545 -32.22 -21.78 -6.80
N ARG C 546 -32.64 -20.68 -7.48
CA ARG C 546 -33.96 -20.04 -7.35
C ARG C 546 -35.10 -21.02 -7.61
N VAL C 547 -36.15 -20.99 -6.78
CA VAL C 547 -37.29 -21.90 -6.93
C VAL C 547 -38.20 -21.49 -8.09
N LYS C 548 -38.52 -22.47 -8.97
CA LYS C 548 -39.36 -22.27 -10.15
C LYS C 548 -40.83 -22.61 -9.85
N ASN C 551 -44.85 -20.64 -5.82
CA ASN C 551 -45.27 -19.28 -5.50
C ASN C 551 -45.30 -19.07 -3.98
N PHE C 552 -44.26 -18.38 -3.47
CA PHE C 552 -44.03 -18.07 -2.04
C PHE C 552 -44.54 -16.69 -1.65
N THR C 553 -44.63 -16.46 -0.32
CA THR C 553 -45.09 -15.22 0.29
C THR C 553 -44.19 -14.77 1.46
N LEU C 554 -43.96 -13.44 1.58
CA LEU C 554 -43.21 -12.82 2.67
C LEU C 554 -44.19 -12.33 3.72
N LYS C 555 -44.04 -12.81 4.96
CA LYS C 555 -44.88 -12.39 6.07
C LYS C 555 -44.24 -11.14 6.68
N TYR C 556 -45.03 -10.08 6.84
CA TYR C 556 -44.57 -8.79 7.36
C TYR C 556 -45.32 -8.43 8.63
N TYR C 557 -44.57 -8.13 9.71
CA TYR C 557 -45.13 -7.81 11.03
C TYR C 557 -45.01 -6.33 11.36
N VAL C 558 -46.17 -5.68 11.57
CA VAL C 558 -46.28 -4.26 11.91
C VAL C 558 -46.97 -3.97 13.26
N ASP C 559 -46.85 -2.72 13.71
CA ASP C 559 -47.38 -2.15 14.94
C ASP C 559 -48.91 -1.94 14.88
N PHE C 560 -49.50 -1.62 16.04
CA PHE C 560 -50.90 -1.25 16.18
C PHE C 560 -51.09 0.08 15.43
N THR C 561 -50.00 0.90 15.39
CA THR C 561 -49.91 2.21 14.75
C THR C 561 -50.15 2.17 13.24
N GLU C 562 -49.82 1.05 12.59
CA GLU C 562 -50.00 0.87 11.14
C GLU C 562 -51.13 -0.13 10.83
N LYS C 563 -52.38 0.39 10.69
CA LYS C 563 -53.58 -0.40 10.40
C LYS C 563 -53.94 -0.41 8.92
N ASP C 564 -53.63 0.70 8.22
CA ASP C 564 -53.90 0.86 6.78
C ASP C 564 -52.88 0.15 5.89
N PHE C 565 -51.86 -0.53 6.49
CA PHE C 565 -50.74 -1.25 5.85
C PHE C 565 -50.97 -1.93 4.49
N VAL C 566 -51.94 -2.86 4.38
CA VAL C 566 -52.21 -3.56 3.12
C VAL C 566 -52.95 -2.69 2.09
N ASP C 567 -53.80 -1.76 2.57
CA ASP C 567 -54.58 -0.82 1.75
C ASP C 567 -53.64 0.25 1.21
N SER C 568 -52.72 0.76 2.07
CA SER C 568 -51.73 1.78 1.74
C SER C 568 -50.61 1.24 0.83
N LEU C 569 -50.25 -0.07 0.98
CA LEU C 569 -49.22 -0.72 0.15
C LEU C 569 -49.79 -1.07 -1.22
N VAL C 570 -51.03 -1.61 -1.25
CA VAL C 570 -51.76 -1.99 -2.48
C VAL C 570 -52.00 -0.75 -3.35
N LYS C 571 -52.25 0.41 -2.71
CA LYS C 571 -52.41 1.70 -3.39
C LYS C 571 -51.05 2.19 -3.90
N GLU C 572 -49.99 2.11 -3.04
CA GLU C 572 -48.61 2.53 -3.36
C GLU C 572 -48.08 1.79 -4.59
N VAL C 573 -48.33 0.46 -4.70
CA VAL C 573 -47.92 -0.39 -5.84
C VAL C 573 -48.66 0.03 -7.13
N ASN C 574 -49.97 0.30 -7.01
CA ASN C 574 -50.84 0.75 -8.10
C ASN C 574 -50.46 2.18 -8.59
N GLU C 575 -50.33 3.15 -7.65
CA GLU C 575 -49.97 4.56 -7.93
C GLU C 575 -48.63 4.73 -8.62
N SER C 576 -47.64 3.88 -8.25
CA SER C 576 -46.29 3.84 -8.79
C SER C 576 -46.30 3.41 -10.25
N SER C 577 -47.27 2.55 -10.62
CA SER C 577 -47.41 2.00 -11.95
C SER C 577 -48.27 2.87 -12.89
N PRO C 583 -56.59 0.68 -19.27
CA PRO C 583 -55.95 -0.62 -18.99
C PRO C 583 -55.05 -0.55 -17.74
N SER C 584 -55.14 -1.57 -16.82
CA SER C 584 -54.37 -1.65 -15.56
C SER C 584 -54.47 -2.99 -14.76
N LYS C 585 -53.80 -3.04 -13.62
CA LYS C 585 -53.72 -4.21 -12.75
C LYS C 585 -53.78 -3.72 -11.32
N PHE C 586 -53.97 -4.62 -10.35
CA PHE C 586 -52.94 -5.46 -9.77
C PHE C 586 -53.66 -6.68 -9.21
N THR C 587 -52.95 -7.74 -8.93
CA THR C 587 -53.65 -9.01 -8.63
C THR C 587 -54.37 -8.90 -7.30
N GLN C 588 -55.60 -9.44 -7.26
CA GLN C 588 -56.47 -9.44 -6.08
C GLN C 588 -55.91 -10.24 -4.89
N GLU C 589 -55.09 -11.28 -5.18
CA GLU C 589 -54.52 -12.18 -4.17
C GLU C 589 -53.10 -11.83 -3.63
N LEU C 590 -52.24 -11.19 -4.48
CA LEU C 590 -50.83 -10.84 -4.19
C LEU C 590 -50.51 -10.24 -2.79
N LYS C 591 -50.93 -8.99 -2.53
CA LYS C 591 -50.76 -8.34 -1.23
C LYS C 591 -52.10 -8.42 -0.49
N GLU C 592 -52.10 -9.04 0.71
CA GLU C 592 -53.30 -9.27 1.54
C GLU C 592 -52.93 -9.52 3.03
N GLN C 593 -53.93 -9.42 3.94
CA GLN C 593 -53.77 -9.71 5.36
C GLN C 593 -53.81 -11.24 5.52
N ILE C 594 -52.90 -11.82 6.34
CA ILE C 594 -52.85 -13.27 6.51
C ILE C 594 -54.00 -13.84 7.34
N ASP C 620 -46.85 -23.82 -37.71
CA ASP C 620 -45.79 -23.68 -36.70
C ASP C 620 -46.04 -24.60 -35.49
N ASN C 621 -47.23 -24.50 -34.87
CA ASN C 621 -47.62 -25.31 -33.71
C ASN C 621 -48.06 -26.74 -34.12
N PHE C 622 -48.34 -26.96 -35.42
CA PHE C 622 -48.75 -28.26 -35.98
C PHE C 622 -47.58 -29.25 -35.99
N LYS C 623 -46.34 -28.73 -36.14
CA LYS C 623 -45.08 -29.49 -36.13
C LYS C 623 -44.82 -30.01 -34.71
N ASP C 624 -45.09 -29.17 -33.68
CA ASP C 624 -44.96 -29.47 -32.25
C ASP C 624 -45.91 -30.62 -31.84
N SER C 625 -47.15 -30.61 -32.39
CA SER C 625 -48.18 -31.62 -32.15
C SER C 625 -47.77 -32.97 -32.76
N ASP C 626 -47.06 -32.94 -33.91
CA ASP C 626 -46.56 -34.14 -34.59
C ASP C 626 -45.46 -34.80 -33.77
N ALA C 627 -44.59 -33.97 -33.14
CA ALA C 627 -43.49 -34.41 -32.28
C ALA C 627 -44.04 -35.02 -30.98
N TYR C 628 -45.03 -34.33 -30.33
CA TYR C 628 -45.68 -34.81 -29.11
C TYR C 628 -46.36 -36.16 -29.35
N SER C 629 -46.83 -36.39 -30.60
CA SER C 629 -47.46 -37.64 -31.06
C SER C 629 -46.39 -38.69 -31.31
N ARG C 630 -45.19 -38.28 -31.75
CA ARG C 630 -44.07 -39.18 -32.03
C ARG C 630 -43.57 -39.85 -30.74
N LEU C 631 -43.55 -39.11 -29.61
CA LEU C 631 -43.13 -39.61 -28.29
C LEU C 631 -44.22 -40.47 -27.63
N LYS C 632 -45.49 -39.98 -27.62
CA LYS C 632 -46.65 -40.67 -27.06
C LYS C 632 -46.87 -42.04 -27.72
N SER C 633 -46.59 -42.16 -29.03
CA SER C 633 -46.69 -43.43 -29.78
C SER C 633 -45.34 -44.16 -29.74
N GLU C 667 -58.75 -43.22 -11.49
CA GLU C 667 -58.44 -41.80 -11.47
C GLU C 667 -57.42 -41.48 -10.39
N LEU C 668 -56.20 -41.99 -10.55
CA LEU C 668 -55.23 -41.43 -11.48
C LEU C 668 -55.27 -42.16 -12.81
N LYS C 669 -55.87 -41.52 -13.79
CA LYS C 669 -56.12 -42.11 -15.12
C LYS C 669 -54.91 -42.80 -15.80
N GLU C 670 -55.18 -43.61 -16.86
CA GLU C 670 -54.15 -44.28 -17.67
C GLU C 670 -53.39 -43.27 -18.53
N LEU C 671 -54.08 -42.18 -18.96
CA LEU C 671 -53.56 -41.07 -19.76
C LEU C 671 -52.54 -40.25 -18.96
N TRP C 672 -52.69 -40.21 -17.61
CA TRP C 672 -51.77 -39.51 -16.70
C TRP C 672 -50.39 -40.18 -16.74
N ASP C 673 -50.35 -41.53 -16.79
CA ASP C 673 -49.13 -42.34 -16.87
C ASP C 673 -48.31 -42.11 -18.15
N LEU C 674 -48.98 -41.65 -19.24
CA LEU C 674 -48.33 -41.34 -20.52
C LEU C 674 -47.92 -39.86 -20.58
N ILE C 675 -48.76 -38.96 -20.02
CA ILE C 675 -48.53 -37.51 -19.96
C ILE C 675 -47.46 -37.11 -18.93
N ASN C 676 -47.04 -38.06 -18.05
CA ASN C 676 -46.02 -37.83 -17.01
C ASN C 676 -44.71 -38.63 -17.21
N GLN C 677 -44.61 -39.42 -18.32
CA GLN C 677 -43.42 -40.21 -18.66
C GLN C 677 -42.45 -39.37 -19.49
N LYS C 678 -41.28 -39.04 -18.92
CA LYS C 678 -40.24 -38.20 -19.53
C LYS C 678 -39.35 -38.92 -20.53
N ALA C 679 -38.96 -38.17 -21.58
CA ALA C 679 -38.10 -38.63 -22.67
C ALA C 679 -37.05 -37.57 -23.02
N VAL C 680 -36.02 -37.98 -23.80
CA VAL C 680 -34.93 -37.10 -24.23
C VAL C 680 -34.66 -37.18 -25.73
N ILE C 681 -34.69 -36.01 -26.39
CA ILE C 681 -34.47 -35.79 -27.81
C ILE C 681 -33.11 -36.36 -28.23
N GLU C 682 -33.06 -36.99 -29.41
CA GLU C 682 -31.86 -37.55 -30.03
C GLU C 682 -31.95 -37.20 -31.53
N TYR C 683 -30.87 -36.64 -32.06
CA TYR C 683 -30.80 -36.26 -33.45
C TYR C 683 -30.07 -37.36 -34.22
N LYS C 684 -30.77 -37.98 -35.19
CA LYS C 684 -30.24 -39.07 -36.01
C LYS C 684 -29.52 -38.59 -37.27
N ILE C 685 -28.30 -38.08 -37.07
CA ILE C 685 -27.37 -37.63 -38.10
C ILE C 685 -26.12 -38.49 -37.88
N ASN C 686 -25.88 -39.44 -38.81
CA ASN C 686 -24.81 -40.43 -38.72
C ASN C 686 -23.37 -39.94 -39.03
N SER C 687 -23.21 -38.68 -39.49
CA SER C 687 -21.90 -38.13 -39.82
C SER C 687 -21.84 -36.61 -39.66
N GLU C 688 -20.63 -36.05 -39.38
CA GLU C 688 -20.49 -34.60 -39.29
C GLU C 688 -20.63 -34.02 -40.68
N SER C 689 -20.12 -34.76 -41.69
CA SER C 689 -20.21 -34.44 -43.13
C SER C 689 -21.68 -34.39 -43.55
N GLU C 690 -22.52 -35.26 -42.93
CA GLU C 690 -23.97 -35.30 -43.14
C GLU C 690 -24.63 -34.07 -42.50
N PHE C 691 -24.22 -33.69 -41.26
CA PHE C 691 -24.72 -32.51 -40.54
C PHE C 691 -24.38 -31.21 -41.29
N LEU C 692 -23.14 -31.14 -41.83
CA LEU C 692 -22.58 -30.02 -42.58
C LEU C 692 -23.51 -29.58 -43.71
N SER C 693 -24.05 -30.57 -44.46
CA SER C 693 -24.97 -30.36 -45.57
C SER C 693 -26.35 -29.82 -45.14
N ILE C 694 -26.80 -30.17 -43.92
CA ILE C 694 -28.09 -29.71 -43.37
C ILE C 694 -28.00 -28.21 -43.00
N PHE C 695 -26.87 -27.80 -42.37
CA PHE C 695 -26.63 -26.40 -42.00
C PHE C 695 -26.34 -25.52 -43.26
N LYS C 696 -25.77 -26.13 -44.33
CA LYS C 696 -25.45 -25.48 -45.60
C LYS C 696 -26.76 -25.11 -46.35
N SER C 697 -27.73 -26.04 -46.39
CA SER C 697 -29.04 -25.87 -47.02
C SER C 697 -29.78 -24.69 -46.42
N PHE C 698 -29.85 -24.62 -45.06
CA PHE C 698 -30.47 -23.53 -44.31
C PHE C 698 -29.74 -22.20 -44.61
N MET C 699 -28.41 -22.25 -44.67
CA MET C 699 -27.57 -21.07 -44.94
C MET C 699 -27.81 -20.44 -46.31
N LEU C 700 -28.02 -21.28 -47.35
CA LEU C 700 -28.29 -20.87 -48.74
C LEU C 700 -29.73 -20.35 -48.92
N GLU C 701 -30.71 -21.00 -48.24
CA GLU C 701 -32.13 -20.62 -48.24
C GLU C 701 -32.32 -19.24 -47.60
N GLU C 702 -31.48 -18.92 -46.59
CA GLU C 702 -31.50 -17.64 -45.86
C GLU C 702 -30.39 -16.69 -46.35
N THR C 703 -30.16 -16.65 -47.69
CA THR C 703 -29.15 -15.81 -48.35
C THR C 703 -29.39 -14.33 -48.08
N GLU C 704 -30.67 -13.88 -48.01
CA GLU C 704 -31.04 -12.50 -47.72
C GLU C 704 -30.89 -12.19 -46.21
N ARG C 705 -29.72 -11.62 -45.86
CA ARG C 705 -29.28 -11.26 -44.51
C ARG C 705 -29.24 -9.74 -44.33
N SER C 744 -13.67 -9.81 -34.49
CA SER C 744 -13.04 -10.52 -35.62
C SER C 744 -13.93 -11.70 -36.09
N TYR C 745 -13.53 -12.36 -37.21
CA TYR C 745 -14.20 -13.56 -37.71
C TYR C 745 -14.04 -14.70 -36.67
N ARG C 746 -12.88 -14.73 -35.96
CA ARG C 746 -12.57 -15.67 -34.89
C ARG C 746 -13.56 -15.51 -33.73
N GLU C 747 -13.77 -14.26 -33.25
CA GLU C 747 -14.70 -13.91 -32.17
C GLU C 747 -16.16 -14.18 -32.54
N PHE C 748 -16.46 -14.12 -33.87
CA PHE C 748 -17.79 -14.38 -34.44
C PHE C 748 -18.12 -15.89 -34.31
N LEU C 749 -17.29 -16.77 -34.92
CA LEU C 749 -17.41 -18.24 -34.87
C LEU C 749 -17.46 -18.80 -33.43
N ASP C 750 -16.72 -18.17 -32.49
CA ASP C 750 -16.68 -18.57 -31.09
C ASP C 750 -18.03 -18.26 -30.41
N ASN C 751 -18.59 -17.06 -30.71
CA ASN C 751 -19.89 -16.59 -30.20
C ASN C 751 -21.03 -17.38 -30.85
N LEU C 752 -20.86 -17.79 -32.14
CA LEU C 752 -21.83 -18.57 -32.90
C LEU C 752 -21.95 -20.01 -32.35
N SER C 753 -20.82 -20.77 -32.26
CA SER C 753 -20.75 -22.15 -31.71
C SER C 753 -21.45 -22.28 -30.36
N GLN C 754 -21.22 -21.29 -29.46
CA GLN C 754 -21.76 -21.22 -28.10
C GLN C 754 -23.27 -21.03 -28.08
N THR C 755 -23.85 -20.60 -29.21
CA THR C 755 -25.29 -20.37 -29.31
C THR C 755 -26.08 -21.46 -30.05
N ILE C 756 -25.51 -22.06 -31.09
CA ILE C 756 -26.34 -22.87 -31.98
C ILE C 756 -26.43 -24.38 -31.84
N PHE C 757 -25.77 -25.02 -30.88
CA PHE C 757 -24.35 -25.32 -30.90
C PHE C 757 -23.88 -26.20 -32.04
N VAL C 758 -22.98 -25.68 -32.84
CA VAL C 758 -22.32 -26.45 -33.90
C VAL C 758 -20.80 -26.23 -33.97
N LYS C 759 -20.05 -27.29 -34.32
CA LYS C 759 -18.59 -27.32 -34.41
C LYS C 759 -18.01 -26.13 -35.13
N HIS C 760 -16.91 -25.57 -34.61
CA HIS C 760 -16.18 -24.45 -35.19
C HIS C 760 -15.75 -24.77 -36.60
N GLY C 761 -15.24 -25.99 -36.80
CA GLY C 761 -14.75 -26.50 -38.09
C GLY C 761 -15.82 -26.68 -39.15
N THR C 762 -17.02 -27.13 -38.75
CA THR C 762 -18.13 -27.35 -39.69
C THR C 762 -18.81 -26.03 -40.11
N LEU C 763 -18.80 -24.99 -39.22
CA LEU C 763 -19.32 -23.66 -39.46
C LEU C 763 -18.36 -22.96 -40.43
N HIS C 764 -17.06 -23.12 -40.19
CA HIS C 764 -16.01 -22.56 -41.02
C HIS C 764 -16.01 -23.20 -42.43
N LYS C 765 -16.25 -24.51 -42.51
CA LYS C 765 -16.28 -25.28 -43.77
C LYS C 765 -17.40 -24.80 -44.69
N VAL C 766 -18.63 -24.64 -44.15
CA VAL C 766 -19.78 -24.15 -44.91
C VAL C 766 -19.56 -22.72 -45.39
N PHE C 767 -19.13 -21.81 -44.48
CA PHE C 767 -18.83 -20.41 -44.80
C PHE C 767 -17.74 -20.28 -45.88
N CYS C 768 -16.85 -21.27 -45.99
CA CYS C 768 -15.79 -21.31 -47.01
C CYS C 768 -16.40 -21.63 -48.37
N ASP C 769 -17.34 -22.61 -48.41
CA ASP C 769 -18.07 -23.05 -49.61
C ASP C 769 -19.04 -21.94 -50.09
N ILE C 770 -19.96 -21.53 -49.19
CA ILE C 770 -21.01 -20.52 -49.36
C ILE C 770 -20.54 -19.22 -50.05
N LYS C 771 -21.37 -18.70 -50.98
CA LYS C 771 -21.10 -17.46 -51.70
C LYS C 771 -21.78 -16.24 -51.05
N ASP C 772 -21.31 -16.00 -49.82
CA ASP C 772 -21.59 -14.91 -48.88
C ASP C 772 -20.20 -14.49 -48.41
N THR C 773 -20.10 -13.53 -47.47
CA THR C 773 -18.82 -13.07 -46.92
C THR C 773 -18.97 -12.37 -45.58
N ILE C 774 -18.24 -12.86 -44.56
CA ILE C 774 -18.24 -12.28 -43.23
C ILE C 774 -16.88 -11.67 -42.93
N LEU C 780 -20.15 -10.02 -40.68
CA LEU C 780 -19.70 -10.50 -39.37
C LEU C 780 -20.08 -9.52 -38.25
N ASN C 781 -21.23 -9.79 -37.57
CA ASN C 781 -21.77 -8.98 -36.46
C ASN C 781 -22.75 -9.78 -35.60
N ILE C 782 -23.16 -9.21 -34.45
CA ILE C 782 -24.13 -9.80 -33.51
C ILE C 782 -25.53 -10.01 -34.12
N GLN C 783 -25.95 -9.12 -35.06
CA GLN C 783 -27.23 -9.22 -35.77
C GLN C 783 -27.28 -10.52 -36.62
N THR C 784 -26.19 -10.82 -37.36
CA THR C 784 -26.01 -12.03 -38.18
C THR C 784 -26.12 -13.30 -37.30
N ILE C 785 -25.42 -13.32 -36.12
CA ILE C 785 -25.41 -14.44 -35.18
C ILE C 785 -26.81 -14.70 -34.60
N ARG C 786 -27.56 -13.61 -34.31
CA ARG C 786 -28.92 -13.67 -33.76
C ARG C 786 -29.95 -14.20 -34.78
N LYS C 787 -29.70 -13.97 -36.09
CA LYS C 787 -30.55 -14.43 -37.19
C LYS C 787 -30.32 -15.92 -37.46
N ILE C 788 -29.03 -16.39 -37.47
CA ILE C 788 -28.67 -17.80 -37.67
C ILE C 788 -29.28 -18.67 -36.57
N LYS C 789 -29.30 -18.16 -35.32
CA LYS C 789 -29.87 -18.87 -34.18
C LYS C 789 -31.39 -19.06 -34.32
N SER C 790 -32.12 -17.93 -34.42
CA SER C 790 -33.58 -17.85 -34.58
C SER C 790 -34.04 -18.61 -35.83
N GLY C 791 -33.29 -18.43 -36.92
CA GLY C 791 -33.54 -19.06 -38.22
C GLY C 791 -33.31 -20.55 -38.25
N PHE C 792 -32.10 -21.01 -37.82
CA PHE C 792 -31.74 -22.43 -37.81
C PHE C 792 -32.66 -23.26 -36.90
N SER C 793 -33.10 -22.68 -35.78
CA SER C 793 -34.04 -23.30 -34.83
C SER C 793 -35.38 -23.62 -35.52
N LYS C 794 -35.92 -22.63 -36.28
CA LYS C 794 -37.19 -22.76 -37.03
C LYS C 794 -37.05 -23.83 -38.12
N TYR C 795 -35.93 -23.77 -38.90
CA TYR C 795 -35.63 -24.71 -39.97
C TYR C 795 -35.61 -26.13 -39.44
N LEU C 796 -34.93 -26.35 -38.29
CA LEU C 796 -34.79 -27.64 -37.59
C LEU C 796 -36.16 -28.23 -37.21
N LEU C 797 -37.11 -27.38 -36.77
CA LEU C 797 -38.49 -27.77 -36.40
C LEU C 797 -39.29 -28.18 -37.65
N ASN C 798 -39.32 -27.30 -38.68
CA ASN C 798 -40.03 -27.47 -39.97
C ASN C 798 -39.63 -28.71 -40.77
N ASN C 799 -38.39 -29.19 -40.57
CA ASN C 799 -37.85 -30.34 -41.30
C ASN C 799 -37.74 -31.64 -40.47
N SER C 800 -38.06 -32.81 -41.12
CA SER C 800 -38.04 -34.18 -40.58
C SER C 800 -38.70 -34.36 -39.21
N PHE C 804 -33.82 -36.95 -39.78
CA PHE C 804 -34.34 -37.92 -38.82
C PHE C 804 -34.03 -37.52 -37.35
N SER C 805 -35.04 -37.62 -36.46
CA SER C 805 -34.94 -37.31 -35.03
C SER C 805 -35.60 -38.41 -34.17
N LEU C 806 -35.48 -38.32 -32.82
CA LEU C 806 -36.04 -39.32 -31.90
C LEU C 806 -36.45 -38.79 -30.52
N GLY C 807 -36.60 -39.73 -29.56
CA GLY C 807 -36.94 -39.56 -28.16
C GLY C 807 -36.52 -40.83 -27.42
N TYR C 808 -35.54 -40.73 -26.51
CA TYR C 808 -35.02 -41.82 -25.70
C TYR C 808 -35.62 -41.73 -24.29
N ASN C 809 -36.17 -42.87 -23.79
CA ASN C 809 -36.87 -42.98 -22.50
C ASN C 809 -36.00 -42.72 -21.26
N LEU C 810 -36.18 -41.51 -20.66
CA LEU C 810 -35.47 -41.02 -19.49
C LEU C 810 -36.44 -40.85 -18.33
#